data_2KZR
#
_entry.id   2KZR
#
_entity_poly.entity_id   1
_entity_poly.type   'polypeptide(L)'
_entity_poly.pdbx_seq_one_letter_code
;WRVRCKAKGGTHLLQGLSSRTRLRELQGQIAAITGIAPGSQRILVGYPPECLDLSDRDITLGDLPIQSGDMLIVEEDQTR
PKASPS
;
_entity_poly.pdbx_strand_id   A
#
# COMPACT_ATOMS: atom_id res chain seq x y z
N TRP A 1 6.51 11.97 -0.42
CA TRP A 1 7.08 10.60 -0.44
C TRP A 1 6.67 9.91 -1.76
N ARG A 2 7.62 9.85 -2.71
CA ARG A 2 7.45 9.21 -4.02
C ARG A 2 7.69 7.70 -3.89
N VAL A 3 6.74 7.00 -3.28
CA VAL A 3 6.90 5.59 -2.85
C VAL A 3 6.78 4.62 -4.04
N ARG A 4 7.70 3.63 -4.07
CA ARG A 4 7.78 2.65 -5.16
C ARG A 4 6.89 1.42 -4.83
N CYS A 5 5.68 1.40 -5.39
CA CYS A 5 4.72 0.29 -5.24
C CYS A 5 5.05 -0.85 -6.21
N LYS A 6 5.72 -1.89 -5.69
CA LYS A 6 5.98 -3.13 -6.43
C LYS A 6 4.68 -3.94 -6.53
N ALA A 7 4.11 -4.01 -7.73
CA ALA A 7 2.81 -4.67 -7.96
C ALA A 7 2.79 -5.34 -9.34
N LYS A 8 1.62 -5.85 -9.75
CA LYS A 8 1.45 -6.58 -11.02
C LYS A 8 1.64 -5.63 -12.22
N GLY A 9 2.56 -6.00 -13.12
CA GLY A 9 2.95 -5.13 -14.25
C GLY A 9 4.25 -4.38 -13.98
N GLY A 10 4.70 -4.41 -12.72
CA GLY A 10 5.97 -3.80 -12.31
C GLY A 10 5.78 -2.75 -11.23
N THR A 11 6.77 -1.85 -11.12
CA THR A 11 6.77 -0.73 -10.17
C THR A 11 5.76 0.35 -10.59
N HIS A 12 5.17 1.01 -9.59
CA HIS A 12 4.20 2.10 -9.78
C HIS A 12 4.58 3.22 -8.80
N LEU A 13 4.82 4.42 -9.32
CA LEU A 13 5.34 5.55 -8.54
C LEU A 13 4.16 6.37 -7.97
N LEU A 14 3.88 6.16 -6.67
CA LEU A 14 2.81 6.88 -5.95
C LEU A 14 3.38 8.14 -5.29
N GLN A 15 3.05 9.31 -5.85
CA GLN A 15 3.26 10.62 -5.19
C GLN A 15 2.03 10.98 -4.36
N GLY A 16 2.08 12.18 -3.77
CA GLY A 16 0.99 12.69 -2.93
C GLY A 16 1.06 12.20 -1.49
N LEU A 17 1.81 11.12 -1.26
CA LEU A 17 1.97 10.52 0.06
C LEU A 17 2.85 11.41 0.96
N SER A 18 2.23 11.92 2.01
CA SER A 18 2.92 12.63 3.10
C SER A 18 3.27 11.63 4.21
N SER A 19 4.12 12.05 5.16
CA SER A 19 4.50 11.21 6.32
C SER A 19 3.28 10.80 7.16
N ARG A 20 2.28 11.71 7.23
CA ARG A 20 1.07 11.52 8.04
C ARG A 20 -0.13 11.08 7.19
N THR A 21 0.15 10.44 6.04
CA THR A 21 -0.89 9.80 5.22
C THR A 21 -1.38 8.52 5.92
N ARG A 22 -2.70 8.40 6.09
CA ARG A 22 -3.32 7.29 6.82
C ARG A 22 -3.43 6.03 5.92
N LEU A 23 -3.77 4.91 6.57
CA LEU A 23 -3.95 3.57 5.94
C LEU A 23 -4.93 3.66 4.76
N ARG A 24 -6.12 4.19 5.06
CA ARG A 24 -7.22 4.31 4.07
C ARG A 24 -6.87 5.24 2.91
N GLU A 25 -5.95 6.20 3.14
CA GLU A 25 -5.45 7.08 2.07
C GLU A 25 -4.44 6.31 1.20
N LEU A 26 -3.53 5.56 1.88
CA LEU A 26 -2.41 4.82 1.27
C LEU A 26 -2.92 3.65 0.41
N GLN A 27 -3.52 2.64 1.08
CA GLN A 27 -4.10 1.46 0.41
C GLN A 27 -5.27 1.87 -0.52
N GLY A 28 -5.85 3.05 -0.25
CA GLY A 28 -6.88 3.64 -1.11
C GLY A 28 -6.32 4.10 -2.47
N GLN A 29 -5.13 4.74 -2.45
CA GLN A 29 -4.45 5.16 -3.69
C GLN A 29 -4.00 3.92 -4.48
N ILE A 30 -3.50 2.91 -3.75
CA ILE A 30 -3.05 1.62 -4.34
C ILE A 30 -4.22 0.92 -5.09
N ALA A 31 -5.42 0.99 -4.50
CA ALA A 31 -6.66 0.44 -5.08
C ALA A 31 -7.04 1.16 -6.40
N ALA A 32 -6.58 2.42 -6.55
CA ALA A 32 -6.82 3.23 -7.77
C ALA A 32 -5.67 3.07 -8.79
N ILE A 33 -4.42 2.94 -8.30
CA ILE A 33 -3.19 2.90 -9.13
C ILE A 33 -3.06 1.52 -9.82
N THR A 34 -2.80 0.48 -9.02
CA THR A 34 -2.56 -0.88 -9.51
C THR A 34 -3.85 -1.73 -9.44
N GLY A 35 -4.91 -1.15 -8.83
CA GLY A 35 -6.24 -1.76 -8.83
C GLY A 35 -6.43 -2.82 -7.77
N ILE A 36 -5.43 -2.98 -6.87
CA ILE A 36 -5.48 -4.01 -5.83
C ILE A 36 -6.28 -3.50 -4.63
N ALA A 37 -7.44 -4.13 -4.35
CA ALA A 37 -8.26 -3.86 -3.16
C ALA A 37 -7.44 -4.05 -1.87
N PRO A 38 -7.67 -3.22 -0.79
CA PRO A 38 -6.86 -3.23 0.46
C PRO A 38 -6.77 -4.62 1.15
N GLY A 39 -7.72 -5.52 0.85
CA GLY A 39 -7.74 -6.89 1.40
C GLY A 39 -6.93 -7.89 0.58
N SER A 40 -6.68 -7.58 -0.70
CA SER A 40 -5.90 -8.43 -1.61
C SER A 40 -4.40 -8.10 -1.55
N GLN A 41 -4.08 -6.92 -1.00
CA GLN A 41 -2.68 -6.44 -0.81
C GLN A 41 -2.31 -6.45 0.68
N ARG A 42 -1.01 -6.65 0.93
CA ARG A 42 -0.41 -6.61 2.27
C ARG A 42 0.82 -5.69 2.24
N ILE A 43 1.06 -4.98 3.35
CA ILE A 43 2.19 -4.04 3.47
C ILE A 43 3.45 -4.83 3.81
N LEU A 44 4.19 -5.13 2.75
CA LEU A 44 5.47 -5.80 2.80
C LEU A 44 6.50 -4.84 2.23
N VAL A 45 7.67 -4.79 2.84
CA VAL A 45 8.76 -3.87 2.43
C VAL A 45 9.94 -4.66 1.89
N GLY A 46 10.84 -3.96 1.16
CA GLY A 46 12.00 -4.59 0.51
C GLY A 46 12.93 -5.28 1.50
N TYR A 47 13.30 -4.56 2.57
CA TYR A 47 14.02 -5.15 3.72
C TYR A 47 13.07 -6.09 4.48
N PRO A 48 13.58 -7.24 5.07
CA PRO A 48 12.73 -8.33 5.65
C PRO A 48 11.50 -7.85 6.48
N PRO A 49 10.26 -7.89 5.88
CA PRO A 49 9.03 -7.51 6.60
C PRO A 49 8.58 -8.62 7.58
N GLU A 50 8.01 -8.21 8.71
CA GLU A 50 7.52 -9.14 9.75
C GLU A 50 6.04 -9.48 9.53
N CYS A 51 5.54 -9.18 8.30
CA CYS A 51 4.15 -9.47 7.86
C CYS A 51 3.15 -8.73 8.77
N LEU A 52 3.45 -7.44 9.01
CA LEU A 52 2.72 -6.58 9.95
C LEU A 52 1.21 -6.52 9.62
N ASP A 53 0.39 -6.74 10.65
CA ASP A 53 -1.07 -6.68 10.53
C ASP A 53 -1.53 -5.26 10.87
N LEU A 54 -2.02 -4.55 9.83
CA LEU A 54 -2.57 -3.20 9.94
C LEU A 54 -3.95 -3.28 10.66
N SER A 55 -3.91 -3.23 12.00
CA SER A 55 -5.08 -3.43 12.86
C SER A 55 -5.85 -2.11 13.15
N ASP A 56 -5.73 -1.13 12.22
CA ASP A 56 -6.34 0.21 12.38
C ASP A 56 -6.79 0.71 10.98
N ARG A 57 -7.14 2.01 10.85
CA ARG A 57 -7.52 2.63 9.55
C ARG A 57 -6.98 4.07 9.44
N ASP A 58 -6.84 4.72 10.60
CA ASP A 58 -6.37 6.11 10.74
C ASP A 58 -4.83 6.15 10.92
N ILE A 59 -4.23 4.95 11.09
CA ILE A 59 -2.78 4.75 11.28
C ILE A 59 -1.97 5.30 10.09
N THR A 60 -0.92 6.08 10.42
CA THR A 60 -0.15 6.85 9.43
C THR A 60 1.13 6.12 8.97
N LEU A 61 1.76 6.66 7.90
CA LEU A 61 3.01 6.11 7.31
C LEU A 61 4.21 6.33 8.25
N GLY A 62 4.07 7.28 9.18
CA GLY A 62 5.07 7.52 10.21
C GLY A 62 5.16 6.38 11.22
N ASP A 63 4.02 5.67 11.42
CA ASP A 63 3.95 4.49 12.30
C ASP A 63 4.31 3.22 11.50
N LEU A 64 3.83 3.17 10.25
CA LEU A 64 4.05 2.03 9.33
C LEU A 64 5.46 2.09 8.68
N PRO A 65 6.03 0.93 8.20
CA PRO A 65 7.39 0.86 7.56
C PRO A 65 7.49 1.48 6.13
N ILE A 66 6.51 2.32 5.75
CA ILE A 66 6.56 3.08 4.48
C ILE A 66 7.61 4.19 4.66
N GLN A 67 8.60 4.23 3.75
CA GLN A 67 9.63 5.29 3.75
C GLN A 67 9.57 6.05 2.41
N SER A 68 10.31 7.17 2.34
CA SER A 68 10.33 8.06 1.16
C SER A 68 11.03 7.35 -0.03
N GLY A 69 10.21 6.75 -0.92
CA GLY A 69 10.71 6.04 -2.10
C GLY A 69 11.05 4.58 -1.83
N ASP A 70 10.42 3.99 -0.79
CA ASP A 70 10.67 2.59 -0.37
C ASP A 70 9.91 1.60 -1.27
N MET A 71 10.39 0.34 -1.30
CA MET A 71 9.79 -0.73 -2.10
C MET A 71 8.67 -1.42 -1.29
N LEU A 72 7.44 -1.01 -1.55
CA LEU A 72 6.24 -1.62 -0.94
C LEU A 72 5.67 -2.70 -1.88
N ILE A 73 5.87 -3.98 -1.50
CA ILE A 73 5.41 -5.13 -2.26
C ILE A 73 3.89 -5.29 -2.06
N VAL A 74 3.16 -4.70 -2.97
CA VAL A 74 1.71 -4.86 -3.11
C VAL A 74 1.44 -6.16 -3.90
N GLU A 75 1.04 -7.20 -3.18
CA GLU A 75 0.61 -8.47 -3.78
C GLU A 75 -0.84 -8.36 -4.31
N GLU A 76 -1.27 -9.37 -5.05
CA GLU A 76 -2.65 -9.49 -5.55
C GLU A 76 -3.17 -10.89 -5.20
N ASP A 77 -4.08 -10.97 -4.22
CA ASP A 77 -4.69 -12.24 -3.78
C ASP A 77 -5.84 -12.67 -4.73
N GLN A 78 -6.15 -11.81 -5.73
CA GLN A 78 -7.11 -12.06 -6.85
C GLN A 78 -8.58 -11.88 -6.40
N THR A 79 -8.94 -12.54 -5.30
CA THR A 79 -10.29 -12.49 -4.73
C THR A 79 -10.55 -11.11 -4.08
N ARG A 80 -11.24 -10.25 -4.83
CA ARG A 80 -11.62 -8.88 -4.40
C ARG A 80 -12.95 -8.49 -5.07
N PRO A 81 -13.75 -7.52 -4.49
CA PRO A 81 -15.02 -7.05 -5.08
C PRO A 81 -14.86 -6.51 -6.53
N LYS A 82 -14.99 -7.42 -7.50
CA LYS A 82 -14.85 -7.14 -8.93
C LYS A 82 -16.25 -7.04 -9.54
N ALA A 83 -16.69 -5.81 -9.82
CA ALA A 83 -17.98 -5.52 -10.46
C ALA A 83 -17.82 -4.42 -11.53
N SER A 84 -16.62 -3.80 -11.56
CA SER A 84 -16.30 -2.69 -12.47
C SER A 84 -14.95 -2.94 -13.17
N PRO A 85 -14.78 -2.48 -14.46
CA PRO A 85 -13.46 -2.49 -15.15
C PRO A 85 -12.56 -1.31 -14.71
N SER A 86 -13.19 -0.31 -14.05
CA SER A 86 -12.49 0.87 -13.51
C SER A 86 -13.11 1.21 -12.13
N TRP A 1 5.98 12.30 -0.91
CA TRP A 1 6.90 11.15 -0.98
C TRP A 1 6.62 10.34 -2.25
N ARG A 2 7.63 10.28 -3.13
CA ARG A 2 7.61 9.45 -4.35
C ARG A 2 8.02 8.01 -4.00
N VAL A 3 7.05 7.23 -3.52
CA VAL A 3 7.26 5.85 -3.04
C VAL A 3 6.83 4.83 -4.12
N ARG A 4 7.61 3.74 -4.23
CA ARG A 4 7.39 2.67 -5.21
C ARG A 4 6.30 1.70 -4.71
N CYS A 5 5.39 1.32 -5.61
CA CYS A 5 4.36 0.31 -5.36
C CYS A 5 4.65 -0.91 -6.25
N LYS A 6 5.43 -1.84 -5.71
CA LYS A 6 5.88 -3.05 -6.43
C LYS A 6 4.78 -4.13 -6.37
N ALA A 7 4.09 -4.33 -7.48
CA ALA A 7 2.98 -5.29 -7.57
C ALA A 7 3.18 -6.21 -8.79
N LYS A 8 2.35 -7.26 -8.86
CA LYS A 8 2.29 -8.15 -10.06
C LYS A 8 1.61 -7.43 -11.25
N GLY A 9 1.04 -6.24 -10.98
CA GLY A 9 0.60 -5.32 -12.03
C GLY A 9 1.69 -4.29 -12.37
N GLY A 10 2.98 -4.65 -12.14
CA GLY A 10 4.12 -3.78 -12.45
C GLY A 10 4.59 -2.95 -11.27
N THR A 11 5.73 -2.23 -11.45
CA THR A 11 6.22 -1.27 -10.46
C THR A 11 5.59 0.11 -10.75
N HIS A 12 5.09 0.76 -9.70
CA HIS A 12 4.37 2.05 -9.80
C HIS A 12 5.06 3.10 -8.92
N LEU A 13 4.60 4.35 -9.02
CA LEU A 13 5.18 5.48 -8.28
C LEU A 13 4.03 6.40 -7.80
N LEU A 14 3.79 6.42 -6.49
CA LEU A 14 2.80 7.30 -5.84
C LEU A 14 3.53 8.56 -5.34
N GLN A 15 2.97 9.75 -5.64
CA GLN A 15 3.55 11.06 -5.21
C GLN A 15 2.81 11.59 -3.99
N GLY A 16 1.49 11.30 -3.91
CA GLY A 16 0.59 11.87 -2.90
C GLY A 16 0.65 11.15 -1.55
N LEU A 17 1.87 10.84 -1.09
CA LEU A 17 2.13 10.24 0.23
C LEU A 17 2.88 11.24 1.10
N SER A 18 2.25 11.67 2.18
CA SER A 18 2.87 12.50 3.22
C SER A 18 3.43 11.60 4.33
N SER A 19 4.09 12.20 5.33
CA SER A 19 4.68 11.49 6.47
C SER A 19 3.61 10.74 7.30
N ARG A 20 2.40 11.35 7.40
CA ARG A 20 1.27 10.77 8.17
C ARG A 20 0.07 10.44 7.25
N THR A 21 0.36 9.75 6.13
CA THR A 21 -0.70 9.16 5.28
C THR A 21 -1.24 7.92 5.96
N ARG A 22 -2.57 7.83 6.13
CA ARG A 22 -3.20 6.74 6.89
C ARG A 22 -3.58 5.58 5.94
N LEU A 23 -4.21 4.51 6.49
CA LEU A 23 -4.61 3.30 5.72
C LEU A 23 -5.45 3.69 4.47
N ARG A 24 -6.55 4.42 4.71
CA ARG A 24 -7.61 4.57 3.68
C ARG A 24 -7.15 5.47 2.50
N GLU A 25 -6.09 6.28 2.73
CA GLU A 25 -5.44 7.10 1.68
C GLU A 25 -4.24 6.34 1.06
N LEU A 26 -3.50 5.55 1.88
CA LEU A 26 -2.30 4.81 1.39
C LEU A 26 -2.77 3.66 0.48
N GLN A 27 -3.43 2.67 1.09
CA GLN A 27 -3.98 1.50 0.38
C GLN A 27 -5.17 1.88 -0.52
N GLY A 28 -5.75 3.06 -0.25
CA GLY A 28 -6.81 3.64 -1.09
C GLY A 28 -6.28 4.15 -2.43
N GLN A 29 -5.06 4.74 -2.42
CA GLN A 29 -4.38 5.17 -3.66
C GLN A 29 -3.93 3.95 -4.43
N ILE A 30 -3.34 2.97 -3.72
CA ILE A 30 -2.83 1.71 -4.30
C ILE A 30 -3.94 0.95 -5.08
N ALA A 31 -5.16 0.94 -4.52
CA ALA A 31 -6.36 0.35 -5.16
C ALA A 31 -6.74 1.08 -6.48
N ALA A 32 -6.36 2.37 -6.59
CA ALA A 32 -6.58 3.17 -7.82
C ALA A 32 -5.39 3.07 -8.79
N ILE A 33 -4.19 2.88 -8.22
CA ILE A 33 -2.91 2.88 -8.96
C ILE A 33 -2.70 1.52 -9.68
N THR A 34 -2.54 0.46 -8.89
CA THR A 34 -2.26 -0.91 -9.39
C THR A 34 -3.54 -1.78 -9.36
N GLY A 35 -4.59 -1.28 -8.67
CA GLY A 35 -5.90 -1.95 -8.65
C GLY A 35 -6.12 -2.79 -7.41
N ILE A 36 -5.04 -3.14 -6.69
CA ILE A 36 -5.09 -4.13 -5.59
C ILE A 36 -5.91 -3.59 -4.40
N ALA A 37 -6.97 -4.34 -4.05
CA ALA A 37 -7.83 -4.05 -2.89
C ALA A 37 -7.00 -4.01 -1.59
N PRO A 38 -7.30 -3.06 -0.64
CA PRO A 38 -6.61 -2.98 0.68
C PRO A 38 -6.68 -4.32 1.48
N GLY A 39 -7.77 -5.08 1.24
CA GLY A 39 -7.95 -6.42 1.85
C GLY A 39 -7.35 -7.55 1.02
N SER A 40 -6.45 -7.22 0.08
CA SER A 40 -5.70 -8.18 -0.75
C SER A 40 -4.18 -7.92 -0.63
N GLN A 41 -3.82 -6.77 -0.04
CA GLN A 41 -2.42 -6.32 0.11
C GLN A 41 -2.11 -6.00 1.57
N ARG A 42 -0.82 -6.09 1.91
CA ARG A 42 -0.28 -5.63 3.21
C ARG A 42 1.10 -5.02 2.98
N ILE A 43 1.60 -4.36 4.02
CA ILE A 43 2.83 -3.57 3.95
C ILE A 43 4.04 -4.50 4.07
N LEU A 44 4.66 -4.67 2.91
CA LEU A 44 5.87 -5.48 2.70
C LEU A 44 6.93 -4.54 2.12
N VAL A 45 8.19 -4.79 2.42
CA VAL A 45 9.31 -3.90 2.08
C VAL A 45 10.47 -4.70 1.45
N GLY A 46 11.37 -3.99 0.75
CA GLY A 46 12.53 -4.59 0.07
C GLY A 46 13.45 -5.35 1.02
N TYR A 47 13.69 -4.77 2.21
CA TYR A 47 14.36 -5.47 3.33
C TYR A 47 13.34 -6.40 4.04
N PRO A 48 13.78 -7.48 4.79
CA PRO A 48 12.88 -8.46 5.46
C PRO A 48 11.61 -7.86 6.13
N PRO A 49 10.38 -8.08 5.52
CA PRO A 49 9.11 -7.61 6.11
C PRO A 49 8.54 -8.61 7.13
N GLU A 50 7.66 -8.10 8.01
CA GLU A 50 6.97 -8.90 9.03
C GLU A 50 5.51 -9.20 8.61
N CYS A 51 5.17 -8.85 7.34
CA CYS A 51 3.80 -8.92 6.81
C CYS A 51 2.84 -8.09 7.67
N LEU A 52 3.03 -6.75 7.62
CA LEU A 52 2.34 -5.83 8.52
C LEU A 52 0.90 -5.57 8.05
N ASP A 53 -0.07 -6.03 8.88
CA ASP A 53 -1.49 -5.84 8.63
C ASP A 53 -1.89 -4.46 9.17
N LEU A 54 -2.97 -3.92 8.61
CA LEU A 54 -3.48 -2.60 8.94
C LEU A 54 -4.95 -2.75 9.41
N SER A 55 -5.13 -2.93 10.74
CA SER A 55 -6.46 -3.20 11.35
C SER A 55 -7.24 -1.88 11.54
N ASP A 56 -6.53 -0.88 12.09
CA ASP A 56 -7.04 0.49 12.28
C ASP A 56 -7.01 1.25 10.94
N ARG A 57 -8.12 1.91 10.59
CA ARG A 57 -8.24 2.70 9.34
C ARG A 57 -7.40 4.00 9.38
N ASP A 58 -7.09 4.45 10.60
CA ASP A 58 -6.40 5.74 10.87
C ASP A 58 -4.86 5.54 10.98
N ILE A 59 -4.40 4.27 10.88
CA ILE A 59 -2.97 3.92 11.06
C ILE A 59 -2.09 4.58 9.97
N THR A 60 -1.07 5.35 10.39
CA THR A 60 -0.28 6.22 9.49
C THR A 60 1.03 5.53 9.02
N LEU A 61 1.74 6.21 8.08
CA LEU A 61 3.09 5.79 7.62
C LEU A 61 4.15 5.96 8.73
N GLY A 62 3.77 6.66 9.82
CA GLY A 62 4.58 6.73 11.03
C GLY A 62 4.68 5.38 11.75
N ASP A 63 3.63 4.54 11.60
CA ASP A 63 3.57 3.20 12.22
C ASP A 63 4.22 2.16 11.30
N LEU A 64 3.79 2.18 10.01
CA LEU A 64 4.26 1.23 8.99
C LEU A 64 5.64 1.68 8.40
N PRO A 65 6.51 0.72 7.91
CA PRO A 65 7.87 1.03 7.36
C PRO A 65 7.87 1.61 5.91
N ILE A 66 6.94 2.56 5.61
CA ILE A 66 7.00 3.34 4.36
C ILE A 66 7.96 4.51 4.58
N GLN A 67 9.09 4.50 3.90
CA GLN A 67 10.11 5.56 3.98
C GLN A 67 10.12 6.36 2.66
N SER A 68 10.86 7.48 2.64
CA SER A 68 10.93 8.39 1.48
C SER A 68 11.66 7.70 0.30
N GLY A 69 10.89 7.29 -0.73
CA GLY A 69 11.44 6.61 -1.91
C GLY A 69 11.67 5.12 -1.71
N ASP A 70 10.99 4.55 -0.70
CA ASP A 70 11.09 3.12 -0.34
C ASP A 70 10.27 2.27 -1.32
N MET A 71 10.56 0.95 -1.37
CA MET A 71 9.82 -0.01 -2.20
C MET A 71 8.88 -0.84 -1.33
N LEU A 72 7.57 -0.63 -1.52
CA LEU A 72 6.50 -1.36 -0.84
C LEU A 72 5.96 -2.42 -1.80
N ILE A 73 6.15 -3.70 -1.45
CA ILE A 73 5.72 -4.82 -2.30
C ILE A 73 4.24 -5.08 -2.01
N VAL A 74 3.40 -4.50 -2.86
CA VAL A 74 1.96 -4.69 -2.84
C VAL A 74 1.63 -6.04 -3.50
N GLU A 75 1.35 -7.04 -2.65
CA GLU A 75 0.94 -8.36 -3.14
C GLU A 75 -0.56 -8.32 -3.49
N GLU A 76 -0.98 -9.23 -4.37
CA GLU A 76 -2.39 -9.48 -4.66
C GLU A 76 -2.73 -10.87 -4.08
N ASP A 77 -3.57 -10.88 -3.04
CA ASP A 77 -4.10 -12.12 -2.43
C ASP A 77 -5.13 -12.80 -3.36
N GLN A 78 -5.52 -12.09 -4.45
CA GLN A 78 -6.48 -12.55 -5.47
C GLN A 78 -7.90 -12.64 -4.88
N THR A 79 -8.22 -11.63 -4.05
CA THR A 79 -9.56 -11.44 -3.46
C THR A 79 -10.37 -10.45 -4.33
N ARG A 80 -10.08 -10.45 -5.67
CA ARG A 80 -10.65 -9.53 -6.68
C ARG A 80 -10.16 -8.07 -6.43
N PRO A 81 -9.45 -7.43 -7.43
CA PRO A 81 -8.92 -6.05 -7.28
C PRO A 81 -10.05 -5.02 -7.00
N LYS A 82 -9.86 -4.22 -5.94
CA LYS A 82 -10.88 -3.31 -5.37
C LYS A 82 -12.11 -4.10 -4.85
N ALA A 83 -12.18 -4.28 -3.52
CA ALA A 83 -13.27 -5.02 -2.84
C ALA A 83 -13.85 -4.16 -1.70
N SER A 84 -13.76 -2.83 -1.90
CA SER A 84 -14.07 -1.81 -0.89
C SER A 84 -14.32 -0.44 -1.59
N PRO A 85 -14.87 0.62 -0.87
CA PRO A 85 -14.98 2.04 -1.38
C PRO A 85 -13.79 2.51 -2.26
N SER A 86 -12.58 2.04 -1.91
CA SER A 86 -11.39 2.09 -2.76
C SER A 86 -10.51 0.86 -2.40
N TRP A 1 6.73 12.34 -1.09
CA TRP A 1 7.09 10.90 -1.08
C TRP A 1 6.67 10.23 -2.39
N ARG A 2 7.63 10.01 -3.30
CA ARG A 2 7.44 9.17 -4.49
C ARG A 2 7.77 7.71 -4.14
N VAL A 3 6.87 7.08 -3.35
CA VAL A 3 7.06 5.71 -2.87
C VAL A 3 6.71 4.71 -3.99
N ARG A 4 7.54 3.68 -4.11
CA ARG A 4 7.49 2.72 -5.22
C ARG A 4 6.63 1.51 -4.80
N CYS A 5 5.81 1.00 -5.73
CA CYS A 5 4.83 -0.06 -5.47
C CYS A 5 5.07 -1.28 -6.39
N LYS A 6 5.75 -2.30 -5.85
CA LYS A 6 5.95 -3.58 -6.56
C LYS A 6 4.63 -4.35 -6.54
N ALA A 7 3.91 -4.34 -7.67
CA ALA A 7 2.55 -4.91 -7.76
C ALA A 7 2.27 -5.41 -9.19
N LYS A 8 0.99 -5.80 -9.44
CA LYS A 8 0.51 -6.29 -10.75
C LYS A 8 0.73 -5.22 -11.85
N GLY A 9 1.62 -5.55 -12.81
CA GLY A 9 2.00 -4.63 -13.89
C GLY A 9 3.45 -4.19 -13.80
N GLY A 10 4.12 -4.54 -12.69
CA GLY A 10 5.52 -4.20 -12.44
C GLY A 10 5.67 -3.22 -11.29
N THR A 11 6.77 -2.45 -11.31
CA THR A 11 7.06 -1.43 -10.29
C THR A 11 6.35 -0.11 -10.65
N HIS A 12 5.48 0.36 -9.75
CA HIS A 12 4.66 1.57 -9.94
C HIS A 12 5.20 2.70 -9.06
N LEU A 13 4.56 3.87 -9.14
CA LEU A 13 4.99 5.08 -8.43
C LEU A 13 3.75 5.87 -7.97
N LEU A 14 3.66 6.12 -6.65
CA LEU A 14 2.55 6.88 -6.04
C LEU A 14 3.00 8.32 -5.73
N GLN A 15 2.05 9.25 -5.84
CA GLN A 15 2.21 10.68 -5.52
C GLN A 15 1.24 11.06 -4.39
N GLY A 16 1.47 12.23 -3.77
CA GLY A 16 0.56 12.75 -2.71
C GLY A 16 0.76 12.11 -1.34
N LEU A 17 1.78 11.25 -1.22
CA LEU A 17 2.12 10.56 0.05
C LEU A 17 2.96 11.48 0.94
N SER A 18 2.55 11.59 2.19
CA SER A 18 3.26 12.29 3.26
C SER A 18 3.70 11.27 4.34
N SER A 19 4.39 11.74 5.38
CA SER A 19 4.81 10.88 6.51
C SER A 19 3.61 10.50 7.39
N ARG A 20 2.58 11.36 7.40
CA ARG A 20 1.36 11.19 8.24
C ARG A 20 0.15 10.83 7.37
N THR A 21 0.40 10.21 6.21
CA THR A 21 -0.65 9.61 5.36
C THR A 21 -1.28 8.41 6.10
N ARG A 22 -2.63 8.43 6.18
CA ARG A 22 -3.41 7.37 6.86
C ARG A 22 -3.44 6.08 6.01
N LEU A 23 -3.88 4.99 6.65
CA LEU A 23 -3.96 3.65 6.06
C LEU A 23 -4.92 3.64 4.85
N ARG A 24 -6.08 4.29 5.05
CA ARG A 24 -7.15 4.41 4.03
C ARG A 24 -6.65 5.18 2.77
N GLU A 25 -5.70 6.12 3.00
CA GLU A 25 -5.14 6.97 1.95
C GLU A 25 -4.07 6.19 1.17
N LEU A 26 -3.22 5.47 1.92
CA LEU A 26 -2.08 4.71 1.37
C LEU A 26 -2.61 3.57 0.46
N GLN A 27 -3.31 2.60 1.09
CA GLN A 27 -3.89 1.45 0.38
C GLN A 27 -4.97 1.88 -0.62
N GLY A 28 -5.55 3.06 -0.36
CA GLY A 28 -6.55 3.66 -1.24
C GLY A 28 -5.96 4.07 -2.58
N GLN A 29 -4.76 4.71 -2.54
CA GLN A 29 -4.06 5.13 -3.76
C GLN A 29 -3.59 3.90 -4.54
N ILE A 30 -3.14 2.87 -3.80
CA ILE A 30 -2.72 1.57 -4.38
C ILE A 30 -3.89 0.92 -5.18
N ALA A 31 -5.10 0.99 -4.60
CA ALA A 31 -6.35 0.50 -5.24
C ALA A 31 -6.68 1.29 -6.53
N ALA A 32 -6.18 2.55 -6.61
CA ALA A 32 -6.37 3.42 -7.78
C ALA A 32 -5.22 3.24 -8.82
N ILE A 33 -4.00 2.93 -8.33
CA ILE A 33 -2.79 2.79 -9.18
C ILE A 33 -2.78 1.41 -9.85
N THR A 34 -2.58 0.35 -9.04
CA THR A 34 -2.39 -1.03 -9.54
C THR A 34 -3.70 -1.85 -9.45
N GLY A 35 -4.73 -1.27 -8.79
CA GLY A 35 -6.06 -1.87 -8.74
C GLY A 35 -6.18 -3.02 -7.73
N ILE A 36 -5.25 -3.09 -6.75
CA ILE A 36 -5.30 -4.10 -5.69
C ILE A 36 -6.10 -3.54 -4.51
N ALA A 37 -7.26 -4.15 -4.23
CA ALA A 37 -8.14 -3.78 -3.11
C ALA A 37 -7.39 -3.87 -1.76
N PRO A 38 -7.63 -2.91 -0.80
CA PRO A 38 -6.86 -2.79 0.48
C PRO A 38 -6.78 -4.09 1.32
N GLY A 39 -7.82 -4.94 1.21
CA GLY A 39 -7.86 -6.20 1.95
C GLY A 39 -7.02 -7.32 1.34
N SER A 40 -6.73 -7.21 0.03
CA SER A 40 -5.98 -8.22 -0.73
C SER A 40 -4.47 -7.88 -0.79
N GLN A 41 -4.09 -6.77 -0.12
CA GLN A 41 -2.68 -6.31 -0.03
C GLN A 41 -2.28 -6.07 1.42
N ARG A 42 -0.97 -5.86 1.61
CA ARG A 42 -0.33 -5.83 2.94
C ARG A 42 1.02 -5.08 2.86
N ILE A 43 1.45 -4.49 4.00
CA ILE A 43 2.68 -3.69 4.09
C ILE A 43 3.90 -4.61 4.17
N LEU A 44 4.53 -4.75 3.01
CA LEU A 44 5.78 -5.48 2.80
C LEU A 44 6.79 -4.49 2.23
N VAL A 45 8.06 -4.63 2.60
CA VAL A 45 9.12 -3.65 2.26
C VAL A 45 10.30 -4.36 1.57
N GLY A 46 11.17 -3.55 0.92
CA GLY A 46 12.31 -4.05 0.14
C GLY A 46 13.33 -4.78 1.00
N TYR A 47 13.53 -4.27 2.23
CA TYR A 47 14.27 -4.97 3.29
C TYR A 47 13.32 -6.00 3.99
N PRO A 48 13.85 -7.10 4.65
CA PRO A 48 13.03 -8.18 5.29
C PRO A 48 11.80 -7.65 6.12
N PRO A 49 10.53 -7.85 5.61
CA PRO A 49 9.30 -7.42 6.32
C PRO A 49 8.81 -8.48 7.33
N GLU A 50 8.07 -8.02 8.35
CA GLU A 50 7.46 -8.90 9.38
C GLU A 50 6.06 -9.36 8.94
N CYS A 51 5.66 -9.02 7.68
CA CYS A 51 4.33 -9.30 7.11
C CYS A 51 3.23 -8.66 8.00
N LEU A 52 3.35 -7.33 8.12
CA LEU A 52 2.62 -6.50 9.12
C LEU A 52 1.09 -6.56 8.96
N ASP A 53 0.38 -6.52 10.09
CA ASP A 53 -1.10 -6.54 10.13
C ASP A 53 -1.64 -5.10 10.08
N LEU A 54 -2.71 -4.91 9.31
CA LEU A 54 -3.36 -3.61 9.11
C LEU A 54 -4.77 -3.67 9.70
N SER A 55 -4.88 -3.38 11.01
CA SER A 55 -6.13 -3.58 11.80
C SER A 55 -6.78 -2.24 12.22
N ASP A 56 -6.44 -1.13 11.54
CA ASP A 56 -6.99 0.22 11.84
C ASP A 56 -7.24 0.99 10.51
N ARG A 57 -7.79 2.22 10.57
CA ARG A 57 -8.10 3.03 9.37
C ARG A 57 -7.35 4.38 9.39
N ASP A 58 -7.29 4.98 10.59
CA ASP A 58 -6.75 6.35 10.79
C ASP A 58 -5.22 6.30 11.03
N ILE A 59 -4.73 5.09 11.34
CA ILE A 59 -3.31 4.81 11.62
C ILE A 59 -2.44 5.20 10.40
N THR A 60 -1.27 5.76 10.66
CA THR A 60 -0.45 6.44 9.64
C THR A 60 0.85 5.68 9.32
N LEU A 61 1.64 6.28 8.40
CA LEU A 61 2.96 5.74 7.98
C LEU A 61 4.04 5.99 9.06
N GLY A 62 3.66 6.73 10.14
CA GLY A 62 4.49 6.83 11.35
C GLY A 62 4.54 5.51 12.13
N ASP A 63 3.51 4.65 11.91
CA ASP A 63 3.44 3.31 12.50
C ASP A 63 3.93 2.27 11.47
N LEU A 64 3.24 2.22 10.30
CA LEU A 64 3.59 1.30 9.21
C LEU A 64 4.81 1.91 8.48
N PRO A 65 6.03 1.23 8.48
CA PRO A 65 7.28 1.81 7.94
C PRO A 65 7.34 1.84 6.38
N ILE A 66 6.44 2.64 5.80
CA ILE A 66 6.51 3.10 4.42
C ILE A 66 7.54 4.21 4.44
N GLN A 67 8.55 4.13 3.59
CA GLN A 67 9.65 5.11 3.56
C GLN A 67 9.67 5.82 2.21
N SER A 68 10.21 7.06 2.20
CA SER A 68 10.20 7.92 1.03
C SER A 68 11.03 7.33 -0.14
N GLY A 69 10.33 6.76 -1.13
CA GLY A 69 10.97 6.16 -2.32
C GLY A 69 11.42 4.73 -2.11
N ASP A 70 10.89 4.09 -1.04
CA ASP A 70 11.23 2.70 -0.68
C ASP A 70 10.43 1.72 -1.55
N MET A 71 10.92 0.48 -1.61
CA MET A 71 10.25 -0.58 -2.35
C MET A 71 9.17 -1.21 -1.45
N LEU A 72 7.92 -0.81 -1.69
CA LEU A 72 6.74 -1.34 -0.98
C LEU A 72 6.07 -2.40 -1.86
N ILE A 73 6.06 -3.66 -1.39
CA ILE A 73 5.56 -4.81 -2.15
C ILE A 73 4.08 -4.99 -1.83
N VAL A 74 3.25 -4.55 -2.77
CA VAL A 74 1.83 -4.76 -2.75
C VAL A 74 1.54 -6.15 -3.32
N GLU A 75 1.14 -7.07 -2.45
CA GLU A 75 0.74 -8.41 -2.85
C GLU A 75 -0.70 -8.38 -3.39
N GLU A 76 -1.00 -9.29 -4.30
CA GLU A 76 -2.36 -9.59 -4.72
C GLU A 76 -2.70 -10.97 -4.16
N ASP A 77 -3.51 -10.99 -3.09
CA ASP A 77 -3.96 -12.24 -2.46
C ASP A 77 -4.87 -13.05 -3.41
N GLN A 78 -5.43 -12.36 -4.44
CA GLN A 78 -6.29 -12.94 -5.49
C GLN A 78 -7.65 -13.42 -4.93
N THR A 79 -7.96 -13.02 -3.68
CA THR A 79 -9.26 -13.31 -3.07
C THR A 79 -10.32 -12.35 -3.64
N ARG A 80 -9.95 -11.05 -3.72
CA ARG A 80 -10.72 -9.98 -4.37
C ARG A 80 -12.18 -9.83 -3.84
N PRO A 81 -12.49 -8.76 -3.04
CA PRO A 81 -13.87 -8.47 -2.58
C PRO A 81 -14.78 -8.06 -3.75
N LYS A 82 -16.09 -8.23 -3.58
CA LYS A 82 -17.08 -7.78 -4.56
C LYS A 82 -17.25 -6.25 -4.44
N ALA A 83 -16.30 -5.55 -5.07
CA ALA A 83 -16.17 -4.09 -4.99
C ALA A 83 -15.19 -3.60 -6.08
N SER A 84 -15.33 -2.34 -6.49
CA SER A 84 -14.46 -1.69 -7.46
C SER A 84 -14.47 -0.17 -7.23
N PRO A 85 -13.51 0.38 -6.41
CA PRO A 85 -13.34 1.85 -6.27
C PRO A 85 -12.68 2.44 -7.52
N SER A 86 -13.50 2.62 -8.55
CA SER A 86 -13.08 3.03 -9.91
C SER A 86 -13.98 4.17 -10.41
N TRP A 1 6.69 12.54 0.06
CA TRP A 1 7.29 11.20 -0.07
C TRP A 1 6.79 10.55 -1.37
N ARG A 2 7.66 9.74 -1.98
CA ARG A 2 7.32 8.87 -3.11
C ARG A 2 7.19 7.43 -2.61
N VAL A 3 6.50 6.59 -3.39
CA VAL A 3 6.43 5.13 -3.18
C VAL A 3 6.55 4.39 -4.53
N ARG A 4 7.35 3.31 -4.54
CA ARG A 4 7.48 2.40 -5.68
C ARG A 4 6.71 1.11 -5.35
N CYS A 5 5.43 1.04 -5.81
CA CYS A 5 4.53 -0.08 -5.50
C CYS A 5 4.78 -1.25 -6.46
N LYS A 6 5.50 -2.27 -5.97
CA LYS A 6 5.74 -3.51 -6.73
C LYS A 6 4.50 -4.41 -6.63
N ALA A 7 3.67 -4.38 -7.67
CA ALA A 7 2.37 -5.08 -7.68
C ALA A 7 2.32 -6.05 -8.87
N LYS A 8 2.52 -7.36 -8.58
CA LYS A 8 2.44 -8.47 -9.56
C LYS A 8 3.47 -8.30 -10.70
N GLY A 9 4.59 -7.59 -10.38
CA GLY A 9 5.65 -7.28 -11.35
C GLY A 9 5.58 -5.82 -11.81
N GLY A 10 4.35 -5.29 -11.93
CA GLY A 10 4.10 -3.91 -12.36
C GLY A 10 4.41 -2.89 -11.26
N THR A 11 5.61 -2.29 -11.33
CA THR A 11 6.04 -1.24 -10.39
C THR A 11 5.50 0.12 -10.86
N HIS A 12 4.82 0.84 -9.95
CA HIS A 12 4.23 2.16 -10.27
C HIS A 12 4.61 3.18 -9.20
N LEU A 13 4.72 4.46 -9.61
CA LEU A 13 5.21 5.54 -8.73
C LEU A 13 4.01 6.32 -8.16
N LEU A 14 3.82 6.23 -6.84
CA LEU A 14 2.84 7.03 -6.09
C LEU A 14 3.51 8.33 -5.62
N GLN A 15 2.87 9.47 -5.94
CA GLN A 15 3.30 10.79 -5.42
C GLN A 15 2.22 11.30 -4.45
N GLY A 16 2.61 12.28 -3.61
CA GLY A 16 1.69 12.94 -2.69
C GLY A 16 1.51 12.19 -1.39
N LEU A 17 2.57 11.51 -0.94
CA LEU A 17 2.59 10.83 0.36
C LEU A 17 3.13 11.78 1.43
N SER A 18 2.29 12.11 2.40
CA SER A 18 2.70 12.86 3.61
C SER A 18 3.10 11.89 4.72
N SER A 19 3.75 12.41 5.77
CA SER A 19 4.17 11.59 6.93
C SER A 19 2.95 11.00 7.70
N ARG A 20 1.81 11.71 7.59
CA ARG A 20 0.56 11.35 8.31
C ARG A 20 -0.37 10.44 7.48
N THR A 21 0.07 10.02 6.27
CA THR A 21 -0.76 9.19 5.37
C THR A 21 -1.17 7.86 6.06
N ARG A 22 -2.49 7.67 6.21
CA ARG A 22 -3.08 6.53 6.95
C ARG A 22 -3.28 5.30 6.02
N LEU A 23 -3.88 4.22 6.56
CA LEU A 23 -4.26 3.00 5.77
C LEU A 23 -5.15 3.43 4.59
N ARG A 24 -6.29 4.03 4.95
CA ARG A 24 -7.36 4.43 4.00
C ARG A 24 -6.85 5.36 2.88
N GLU A 25 -5.75 6.08 3.15
CA GLU A 25 -5.16 7.03 2.21
C GLU A 25 -4.14 6.27 1.32
N LEU A 26 -3.19 5.58 1.99
CA LEU A 26 -2.06 4.89 1.33
C LEU A 26 -2.57 3.70 0.49
N GLN A 27 -3.12 2.67 1.16
CA GLN A 27 -3.69 1.48 0.49
C GLN A 27 -4.92 1.85 -0.35
N GLY A 28 -5.53 3.02 -0.04
CA GLY A 28 -6.64 3.57 -0.81
C GLY A 28 -6.18 4.10 -2.17
N GLN A 29 -4.97 4.71 -2.21
CA GLN A 29 -4.34 5.19 -3.46
C GLN A 29 -3.90 3.99 -4.30
N ILE A 30 -3.36 2.96 -3.61
CA ILE A 30 -2.94 1.69 -4.24
C ILE A 30 -4.13 0.99 -4.96
N ALA A 31 -5.32 1.07 -4.33
CA ALA A 31 -6.59 0.55 -4.89
C ALA A 31 -6.97 1.27 -6.20
N ALA A 32 -6.46 2.51 -6.37
CA ALA A 32 -6.65 3.33 -7.58
C ALA A 32 -5.50 3.12 -8.59
N ILE A 33 -4.26 2.92 -8.07
CA ILE A 33 -3.04 2.81 -8.89
C ILE A 33 -3.01 1.46 -9.65
N THR A 34 -2.85 0.37 -8.88
CA THR A 34 -2.72 -1.00 -9.43
C THR A 34 -4.09 -1.72 -9.41
N GLY A 35 -5.04 -1.19 -8.64
CA GLY A 35 -6.40 -1.73 -8.59
C GLY A 35 -6.55 -2.86 -7.58
N ILE A 36 -5.54 -3.06 -6.71
CA ILE A 36 -5.62 -4.06 -5.63
C ILE A 36 -6.30 -3.41 -4.42
N ALA A 37 -7.52 -3.88 -4.10
CA ALA A 37 -8.30 -3.42 -2.93
C ALA A 37 -7.50 -3.58 -1.62
N PRO A 38 -7.62 -2.65 -0.61
CA PRO A 38 -6.81 -2.68 0.64
C PRO A 38 -6.98 -3.98 1.45
N GLY A 39 -8.14 -4.66 1.28
CA GLY A 39 -8.41 -5.96 1.91
C GLY A 39 -7.93 -7.15 1.07
N SER A 40 -6.98 -6.89 0.14
CA SER A 40 -6.35 -7.92 -0.73
C SER A 40 -4.83 -7.67 -0.80
N GLN A 41 -4.31 -6.73 0.03
CA GLN A 41 -2.89 -6.34 0.03
C GLN A 41 -2.42 -6.02 1.46
N ARG A 42 -1.10 -6.02 1.64
CA ARG A 42 -0.41 -5.66 2.89
C ARG A 42 0.68 -4.62 2.57
N ILE A 43 1.50 -4.30 3.58
CA ILE A 43 2.66 -3.42 3.43
C ILE A 43 3.92 -4.25 3.64
N LEU A 44 4.60 -4.47 2.52
CA LEU A 44 5.87 -5.17 2.45
C LEU A 44 6.90 -4.16 1.94
N VAL A 45 8.06 -4.12 2.57
CA VAL A 45 9.07 -3.05 2.35
C VAL A 45 10.34 -3.60 1.66
N GLY A 46 11.27 -2.69 1.32
CA GLY A 46 12.52 -3.04 0.62
C GLY A 46 13.35 -4.12 1.31
N TYR A 47 13.49 -4.01 2.63
CA TYR A 47 14.17 -5.04 3.47
C TYR A 47 13.14 -6.11 3.90
N PRO A 48 13.60 -7.34 4.40
CA PRO A 48 12.69 -8.40 4.92
C PRO A 48 11.59 -7.86 5.90
N PRO A 49 10.28 -7.82 5.46
CA PRO A 49 9.16 -7.30 6.28
C PRO A 49 8.59 -8.35 7.25
N GLU A 50 7.68 -7.90 8.12
CA GLU A 50 7.04 -8.75 9.14
C GLU A 50 5.60 -9.14 8.70
N CYS A 51 5.27 -8.89 7.40
CA CYS A 51 3.90 -8.92 6.89
C CYS A 51 3.00 -7.96 7.70
N LEU A 52 3.03 -6.68 7.31
CA LEU A 52 2.29 -5.63 8.00
C LEU A 52 0.81 -5.67 7.57
N ASP A 53 0.01 -6.36 8.37
CA ASP A 53 -1.45 -6.42 8.23
C ASP A 53 -2.06 -5.18 8.90
N LEU A 54 -2.34 -4.15 8.09
CA LEU A 54 -2.95 -2.89 8.55
C LEU A 54 -4.42 -3.16 8.93
N SER A 55 -4.66 -3.25 10.25
CA SER A 55 -5.98 -3.57 10.81
C SER A 55 -6.82 -2.30 11.05
N ASP A 56 -6.15 -1.21 11.49
CA ASP A 56 -6.80 0.08 11.82
C ASP A 56 -6.75 1.04 10.61
N ARG A 57 -7.88 1.64 10.25
CA ARG A 57 -7.98 2.57 9.08
C ARG A 57 -7.15 3.86 9.29
N ASP A 58 -6.99 4.26 10.56
CA ASP A 58 -6.38 5.55 10.96
C ASP A 58 -4.85 5.41 11.19
N ILE A 59 -4.32 4.16 11.07
CA ILE A 59 -2.90 3.86 11.31
C ILE A 59 -2.01 4.54 10.23
N THR A 60 -0.99 5.30 10.68
CA THR A 60 -0.20 6.19 9.80
C THR A 60 1.13 5.55 9.39
N LEU A 61 1.88 6.28 8.53
CA LEU A 61 3.25 5.90 8.12
C LEU A 61 4.27 6.06 9.28
N GLY A 62 3.82 6.69 10.38
CA GLY A 62 4.58 6.71 11.64
C GLY A 62 4.64 5.33 12.29
N ASP A 63 3.63 4.49 12.00
CA ASP A 63 3.54 3.12 12.53
C ASP A 63 4.17 2.14 11.53
N LEU A 64 3.75 2.22 10.26
CA LEU A 64 4.28 1.37 9.18
C LEU A 64 5.48 2.07 8.52
N PRO A 65 6.70 1.43 8.50
CA PRO A 65 7.93 2.05 7.95
C PRO A 65 7.92 2.18 6.41
N ILE A 66 7.15 3.17 5.91
CA ILE A 66 7.20 3.61 4.51
C ILE A 66 8.27 4.69 4.43
N GLN A 67 9.15 4.57 3.42
CA GLN A 67 10.23 5.53 3.18
C GLN A 67 10.01 6.14 1.78
N SER A 68 10.55 7.35 1.56
CA SER A 68 10.40 8.05 0.28
C SER A 68 11.24 7.34 -0.80
N GLY A 69 10.57 6.72 -1.78
CA GLY A 69 11.20 5.96 -2.86
C GLY A 69 11.42 4.49 -2.50
N ASP A 70 10.71 4.00 -1.46
CA ASP A 70 10.87 2.62 -0.97
C ASP A 70 10.06 1.66 -1.83
N MET A 71 10.45 0.38 -1.78
CA MET A 71 9.81 -0.71 -2.52
C MET A 71 8.68 -1.28 -1.67
N LEU A 72 7.46 -0.78 -1.89
CA LEU A 72 6.27 -1.28 -1.22
C LEU A 72 5.62 -2.36 -2.09
N ILE A 73 5.88 -3.64 -1.75
CA ILE A 73 5.40 -4.80 -2.50
C ILE A 73 3.91 -4.99 -2.20
N VAL A 74 3.07 -4.52 -3.13
CA VAL A 74 1.64 -4.72 -3.11
C VAL A 74 1.33 -6.13 -3.60
N GLU A 75 1.03 -7.01 -2.65
CA GLU A 75 0.60 -8.37 -2.93
C GLU A 75 -0.88 -8.37 -3.34
N GLU A 76 -1.29 -9.42 -4.07
CA GLU A 76 -2.70 -9.66 -4.42
C GLU A 76 -3.13 -11.00 -3.79
N ASP A 77 -4.05 -10.93 -2.82
CA ASP A 77 -4.62 -12.12 -2.17
C ASP A 77 -5.72 -12.75 -3.06
N GLN A 78 -6.22 -11.96 -4.04
CA GLN A 78 -7.31 -12.34 -4.97
C GLN A 78 -8.65 -12.51 -4.24
N THR A 79 -8.80 -11.74 -3.13
CA THR A 79 -9.98 -11.80 -2.23
C THR A 79 -11.29 -11.64 -3.01
N ARG A 80 -11.37 -10.54 -3.77
CA ARG A 80 -12.56 -10.13 -4.53
C ARG A 80 -13.82 -10.01 -3.61
N PRO A 81 -13.84 -9.02 -2.65
CA PRO A 81 -14.99 -8.83 -1.74
C PRO A 81 -16.14 -8.07 -2.42
N LYS A 82 -17.35 -8.12 -1.83
CA LYS A 82 -18.52 -7.41 -2.37
C LYS A 82 -18.37 -5.89 -2.09
N ALA A 83 -17.70 -5.22 -3.05
CA ALA A 83 -17.49 -3.77 -3.01
C ALA A 83 -18.58 -3.08 -3.86
N SER A 84 -19.05 -1.92 -3.39
CA SER A 84 -20.14 -1.17 -4.02
C SER A 84 -19.83 0.34 -3.95
N PRO A 85 -20.19 1.13 -5.03
CA PRO A 85 -20.01 2.61 -5.03
C PRO A 85 -20.82 3.31 -3.90
N SER A 86 -21.86 2.60 -3.39
CA SER A 86 -22.70 3.04 -2.26
C SER A 86 -23.44 4.36 -2.60
N TRP A 1 5.82 12.67 -0.42
CA TRP A 1 6.68 11.48 -0.64
C TRP A 1 6.45 10.91 -2.05
N ARG A 2 7.48 10.24 -2.60
CA ARG A 2 7.47 9.64 -3.95
C ARG A 2 7.76 8.13 -3.83
N VAL A 3 6.93 7.43 -3.05
CA VAL A 3 7.17 6.02 -2.69
C VAL A 3 6.64 5.08 -3.79
N ARG A 4 7.45 4.06 -4.15
CA ARG A 4 7.16 3.15 -5.27
C ARG A 4 6.46 1.88 -4.74
N CYS A 5 5.58 1.27 -5.57
CA CYS A 5 4.84 0.05 -5.21
C CYS A 5 5.13 -1.07 -6.23
N LYS A 6 5.96 -2.04 -5.80
CA LYS A 6 6.22 -3.29 -6.55
C LYS A 6 5.00 -4.22 -6.42
N ALA A 7 4.30 -4.46 -7.53
CA ALA A 7 3.15 -5.37 -7.56
C ALA A 7 3.34 -6.42 -8.66
N LYS A 8 2.53 -7.50 -8.57
CA LYS A 8 2.50 -8.58 -9.57
C LYS A 8 2.02 -8.06 -10.94
N GLY A 9 1.15 -7.03 -10.91
CA GLY A 9 0.67 -6.36 -12.11
C GLY A 9 1.43 -5.07 -12.39
N GLY A 10 2.74 -5.03 -12.03
CA GLY A 10 3.64 -3.92 -12.40
C GLY A 10 4.07 -3.05 -11.22
N THR A 11 5.18 -2.32 -11.42
CA THR A 11 5.73 -1.39 -10.41
C THR A 11 5.38 0.06 -10.79
N HIS A 12 4.57 0.70 -9.93
CA HIS A 12 4.14 2.09 -10.10
C HIS A 12 4.78 2.96 -9.00
N LEU A 13 4.49 4.27 -9.03
CA LEU A 13 4.98 5.22 -8.01
C LEU A 13 3.80 6.10 -7.56
N LEU A 14 3.61 6.22 -6.23
CA LEU A 14 2.56 7.02 -5.61
C LEU A 14 3.11 8.40 -5.24
N GLN A 15 2.64 9.45 -5.95
CA GLN A 15 2.93 10.85 -5.62
C GLN A 15 1.94 11.34 -4.53
N GLY A 16 0.84 10.60 -4.35
CA GLY A 16 -0.24 10.94 -3.41
C GLY A 16 0.11 10.62 -1.96
N LEU A 17 1.16 9.79 -1.74
CA LEU A 17 1.63 9.49 -0.39
C LEU A 17 2.35 10.71 0.21
N SER A 18 1.75 11.26 1.26
CA SER A 18 2.34 12.33 2.07
C SER A 18 3.13 11.70 3.23
N SER A 19 3.51 12.51 4.23
CA SER A 19 4.16 12.03 5.45
C SER A 19 3.11 11.40 6.39
N ARG A 20 1.97 12.11 6.56
CA ARG A 20 0.93 11.81 7.57
C ARG A 20 -0.16 10.85 7.04
N THR A 21 0.12 10.14 5.93
CA THR A 21 -0.85 9.30 5.24
C THR A 21 -1.30 8.09 6.12
N ARG A 22 -2.60 8.09 6.46
CA ARG A 22 -3.25 7.01 7.27
C ARG A 22 -3.46 5.76 6.40
N LEU A 23 -3.90 4.64 7.00
CA LEU A 23 -4.13 3.36 6.27
C LEU A 23 -5.18 3.50 5.17
N ARG A 24 -6.33 4.09 5.53
CA ARG A 24 -7.48 4.27 4.62
C ARG A 24 -7.12 5.19 3.43
N GLU A 25 -6.05 5.99 3.62
CA GLU A 25 -5.46 6.85 2.57
C GLU A 25 -4.39 6.07 1.78
N LEU A 26 -3.61 5.24 2.51
CA LEU A 26 -2.46 4.49 1.98
C LEU A 26 -2.95 3.43 0.98
N GLN A 27 -3.68 2.43 1.48
CA GLN A 27 -4.26 1.35 0.65
C GLN A 27 -5.40 1.88 -0.25
N GLY A 28 -5.97 3.04 0.14
CA GLY A 28 -6.99 3.71 -0.67
C GLY A 28 -6.40 4.29 -1.96
N GLN A 29 -5.14 4.73 -1.89
CA GLN A 29 -4.40 5.28 -3.05
C GLN A 29 -3.72 4.18 -3.84
N ILE A 30 -3.28 3.10 -3.17
CA ILE A 30 -2.68 1.91 -3.83
C ILE A 30 -3.73 1.25 -4.77
N ALA A 31 -4.99 1.20 -4.28
CA ALA A 31 -6.16 0.71 -5.05
C ALA A 31 -6.42 1.55 -6.31
N ALA A 32 -5.99 2.82 -6.28
CA ALA A 32 -6.16 3.78 -7.38
C ALA A 32 -4.92 3.84 -8.29
N ILE A 33 -3.73 3.49 -7.74
CA ILE A 33 -2.42 3.59 -8.44
C ILE A 33 -2.10 2.29 -9.22
N THR A 34 -1.84 1.19 -8.49
CA THR A 34 -1.50 -0.11 -9.09
C THR A 34 -2.77 -0.99 -9.24
N GLY A 35 -3.90 -0.50 -8.67
CA GLY A 35 -5.22 -1.10 -8.90
C GLY A 35 -5.53 -2.28 -8.00
N ILE A 36 -4.66 -2.56 -6.99
CA ILE A 36 -4.86 -3.70 -6.08
C ILE A 36 -5.77 -3.27 -4.92
N ALA A 37 -6.92 -3.96 -4.80
CA ALA A 37 -7.93 -3.67 -3.76
C ALA A 37 -7.33 -3.78 -2.35
N PRO A 38 -7.69 -2.85 -1.39
CA PRO A 38 -7.07 -2.79 -0.02
C PRO A 38 -7.20 -4.12 0.79
N GLY A 39 -8.24 -4.93 0.46
CA GLY A 39 -8.43 -6.25 1.08
C GLY A 39 -7.84 -7.39 0.25
N SER A 40 -6.87 -7.06 -0.61
CA SER A 40 -6.18 -8.00 -1.52
C SER A 40 -4.66 -7.69 -1.54
N GLN A 41 -4.20 -6.88 -0.57
CA GLN A 41 -2.79 -6.40 -0.51
C GLN A 41 -2.42 -5.96 0.91
N ARG A 42 -1.12 -5.68 1.09
CA ARG A 42 -0.53 -5.16 2.33
C ARG A 42 0.83 -4.52 2.01
N ILE A 43 1.57 -4.10 3.06
CA ILE A 43 2.90 -3.48 2.90
C ILE A 43 3.95 -4.48 3.34
N LEU A 44 4.73 -4.92 2.36
CA LEU A 44 5.90 -5.77 2.55
C LEU A 44 7.08 -5.03 1.98
N VAL A 45 8.18 -4.98 2.72
CA VAL A 45 9.36 -4.17 2.35
C VAL A 45 10.48 -5.07 1.80
N GLY A 46 11.49 -4.42 1.16
CA GLY A 46 12.63 -5.09 0.51
C GLY A 46 13.38 -6.01 1.47
N TYR A 47 13.84 -5.42 2.59
CA TYR A 47 14.41 -6.17 3.74
C TYR A 47 13.29 -7.02 4.39
N PRO A 48 13.61 -8.21 5.04
CA PRO A 48 12.58 -9.16 5.56
C PRO A 48 11.47 -8.49 6.41
N PRO A 49 10.21 -8.35 5.86
CA PRO A 49 9.08 -7.76 6.60
C PRO A 49 8.52 -8.73 7.64
N GLU A 50 7.87 -8.18 8.67
CA GLU A 50 7.25 -8.95 9.77
C GLU A 50 5.77 -9.29 9.42
N CYS A 51 5.38 -9.05 8.14
CA CYS A 51 3.98 -9.05 7.69
C CYS A 51 3.16 -8.08 8.54
N LEU A 52 3.29 -6.79 8.18
CA LEU A 52 2.73 -5.65 8.93
C LEU A 52 1.20 -5.75 9.05
N ASP A 53 0.67 -5.43 10.24
CA ASP A 53 -0.77 -5.46 10.50
C ASP A 53 -1.41 -4.16 10.01
N LEU A 54 -2.03 -4.23 8.83
CA LEU A 54 -2.82 -3.14 8.26
C LEU A 54 -4.30 -3.42 8.56
N SER A 55 -4.77 -2.93 9.74
CA SER A 55 -6.15 -3.18 10.22
C SER A 55 -6.86 -1.86 10.58
N ASP A 56 -6.20 -1.02 11.40
CA ASP A 56 -6.77 0.27 11.86
C ASP A 56 -6.72 1.32 10.74
N ARG A 57 -7.88 1.90 10.39
CA ARG A 57 -8.00 2.93 9.32
C ARG A 57 -7.07 4.15 9.51
N ASP A 58 -6.76 4.47 10.78
CA ASP A 58 -6.07 5.71 11.16
C ASP A 58 -4.54 5.54 11.19
N ILE A 59 -4.06 4.27 11.28
CA ILE A 59 -2.61 3.97 11.45
C ILE A 59 -1.79 4.54 10.26
N THR A 60 -0.82 5.43 10.59
CA THR A 60 -0.09 6.22 9.57
C THR A 60 1.21 5.54 9.13
N LEU A 61 1.90 6.19 8.17
CA LEU A 61 3.22 5.75 7.66
C LEU A 61 4.32 5.91 8.73
N GLY A 62 4.03 6.69 9.79
CA GLY A 62 4.92 6.82 10.94
C GLY A 62 4.96 5.55 11.79
N ASP A 63 3.90 4.74 11.69
CA ASP A 63 3.77 3.46 12.41
C ASP A 63 4.20 2.30 11.50
N LEU A 64 3.54 2.21 10.33
CA LEU A 64 3.85 1.22 9.29
C LEU A 64 5.14 1.65 8.55
N PRO A 65 6.26 0.83 8.58
CA PRO A 65 7.51 1.11 7.81
C PRO A 65 7.30 1.36 6.28
N ILE A 66 6.96 2.62 5.96
CA ILE A 66 6.99 3.18 4.59
C ILE A 66 7.97 4.36 4.66
N GLN A 67 8.96 4.39 3.76
CA GLN A 67 9.95 5.48 3.70
C GLN A 67 9.76 6.27 2.39
N SER A 68 10.29 7.49 2.35
CA SER A 68 10.19 8.37 1.17
C SER A 68 11.03 7.79 0.01
N GLY A 69 10.34 7.33 -1.06
CA GLY A 69 10.99 6.74 -2.24
C GLY A 69 11.36 5.27 -2.04
N ASP A 70 10.65 4.60 -1.11
CA ASP A 70 10.92 3.20 -0.72
C ASP A 70 10.26 2.20 -1.70
N MET A 71 10.68 0.93 -1.60
CA MET A 71 10.12 -0.18 -2.39
C MET A 71 9.09 -0.95 -1.54
N LEU A 72 7.81 -0.72 -1.84
CA LEU A 72 6.69 -1.39 -1.16
C LEU A 72 6.19 -2.55 -2.04
N ILE A 73 6.54 -3.79 -1.67
CA ILE A 73 6.01 -5.00 -2.31
C ILE A 73 4.52 -5.16 -1.93
N VAL A 74 3.67 -4.59 -2.78
CA VAL A 74 2.22 -4.73 -2.74
C VAL A 74 1.83 -6.05 -3.42
N GLU A 75 1.39 -7.04 -2.62
CA GLU A 75 0.98 -8.35 -3.12
C GLU A 75 -0.42 -8.25 -3.78
N GLU A 76 -0.62 -9.04 -4.83
CA GLU A 76 -1.90 -9.11 -5.55
C GLU A 76 -2.53 -10.49 -5.26
N ASP A 77 -3.51 -10.51 -4.34
CA ASP A 77 -4.22 -11.75 -3.92
C ASP A 77 -5.00 -12.38 -5.10
N GLN A 78 -5.48 -11.50 -6.01
CA GLN A 78 -6.20 -11.85 -7.26
C GLN A 78 -7.64 -12.35 -7.00
N THR A 79 -8.16 -12.12 -5.77
CA THR A 79 -9.56 -12.46 -5.42
C THR A 79 -10.53 -11.51 -6.13
N ARG A 80 -10.12 -10.24 -6.27
CA ARG A 80 -10.88 -9.19 -6.97
C ARG A 80 -10.08 -8.73 -8.20
N PRO A 81 -10.74 -8.22 -9.29
CA PRO A 81 -10.02 -7.71 -10.48
C PRO A 81 -9.28 -6.40 -10.18
N LYS A 82 -8.18 -6.17 -10.94
CA LYS A 82 -7.42 -4.93 -10.91
C LYS A 82 -8.32 -3.80 -11.48
N ALA A 83 -8.63 -2.81 -10.63
CA ALA A 83 -9.52 -1.68 -11.00
C ALA A 83 -9.20 -0.46 -10.13
N SER A 84 -9.52 0.74 -10.63
CA SER A 84 -9.33 2.00 -9.92
C SER A 84 -10.72 2.67 -9.73
N PRO A 85 -11.35 2.54 -8.51
CA PRO A 85 -12.68 3.16 -8.23
C PRO A 85 -12.60 4.70 -8.08
N SER A 86 -11.39 5.19 -7.74
CA SER A 86 -11.11 6.62 -7.58
C SER A 86 -10.58 7.19 -8.93
N TRP A 1 6.55 12.86 -0.34
CA TRP A 1 6.97 11.45 -0.40
C TRP A 1 6.49 10.82 -1.71
N ARG A 2 7.35 9.99 -2.30
CA ARG A 2 7.10 9.28 -3.56
C ARG A 2 7.55 7.81 -3.36
N VAL A 3 6.64 6.85 -3.61
CA VAL A 3 6.90 5.43 -3.28
C VAL A 3 6.71 4.52 -4.51
N ARG A 4 7.66 3.58 -4.68
CA ARG A 4 7.66 2.58 -5.75
C ARG A 4 6.75 1.39 -5.35
N CYS A 5 5.61 1.25 -6.04
CA CYS A 5 4.62 0.19 -5.78
C CYS A 5 4.95 -1.07 -6.60
N LYS A 6 5.77 -1.97 -6.04
CA LYS A 6 6.08 -3.27 -6.65
C LYS A 6 4.87 -4.20 -6.47
N ALA A 7 4.08 -4.40 -7.52
CA ALA A 7 2.79 -5.10 -7.43
C ALA A 7 2.51 -5.98 -8.65
N LYS A 8 1.37 -6.69 -8.57
CA LYS A 8 0.84 -7.54 -9.66
C LYS A 8 0.24 -6.69 -10.80
N GLY A 9 0.18 -5.37 -10.60
CA GLY A 9 -0.15 -4.42 -11.66
C GLY A 9 1.08 -3.61 -12.07
N GLY A 10 2.26 -4.25 -12.02
CA GLY A 10 3.53 -3.62 -12.38
C GLY A 10 4.14 -2.80 -11.24
N THR A 11 5.29 -2.16 -11.52
CA THR A 11 5.95 -1.25 -10.57
C THR A 11 5.63 0.20 -10.97
N HIS A 12 4.95 0.92 -10.05
CA HIS A 12 4.50 2.31 -10.28
C HIS A 12 5.14 3.26 -9.25
N LEU A 13 4.83 4.55 -9.38
CA LEU A 13 5.24 5.59 -8.43
C LEU A 13 3.95 6.31 -7.97
N LEU A 14 3.79 6.49 -6.65
CA LEU A 14 2.63 7.15 -6.04
C LEU A 14 2.94 8.60 -5.67
N GLN A 15 2.04 9.51 -6.06
CA GLN A 15 2.10 10.94 -5.70
C GLN A 15 1.16 11.22 -4.50
N GLY A 16 1.29 12.44 -3.94
CA GLY A 16 0.39 12.94 -2.90
C GLY A 16 0.55 12.24 -1.55
N LEU A 17 1.74 11.65 -1.31
CA LEU A 17 2.06 10.98 -0.06
C LEU A 17 2.88 11.92 0.85
N SER A 18 2.48 11.99 2.11
CA SER A 18 3.22 12.70 3.17
C SER A 18 3.67 11.68 4.23
N SER A 19 4.10 12.16 5.41
CA SER A 19 4.59 11.31 6.50
C SER A 19 3.44 10.63 7.26
N ARG A 20 2.31 11.35 7.43
CA ARG A 20 1.19 10.89 8.28
C ARG A 20 0.01 10.38 7.44
N THR A 21 0.29 10.01 6.18
CA THR A 21 -0.68 9.38 5.28
C THR A 21 -1.17 8.04 5.86
N ARG A 22 -2.50 7.86 5.92
CA ARG A 22 -3.14 6.72 6.62
C ARG A 22 -3.30 5.49 5.69
N LEU A 23 -3.90 4.40 6.21
CA LEU A 23 -4.23 3.17 5.44
C LEU A 23 -5.07 3.54 4.21
N ARG A 24 -6.26 4.08 4.49
CA ARG A 24 -7.29 4.41 3.48
C ARG A 24 -6.83 5.51 2.49
N GLU A 25 -5.74 6.22 2.84
CA GLU A 25 -5.11 7.22 1.94
C GLU A 25 -4.08 6.51 1.03
N LEU A 26 -3.21 5.69 1.67
CA LEU A 26 -2.06 5.03 1.01
C LEU A 26 -2.51 3.80 0.22
N GLN A 27 -3.00 2.76 0.95
CA GLN A 27 -3.53 1.53 0.32
C GLN A 27 -4.82 1.82 -0.48
N GLY A 28 -5.46 2.96 -0.17
CA GLY A 28 -6.62 3.46 -0.92
C GLY A 28 -6.23 3.95 -2.31
N GLN A 29 -5.04 4.60 -2.40
CA GLN A 29 -4.46 5.02 -3.70
C GLN A 29 -3.96 3.80 -4.47
N ILE A 30 -3.35 2.83 -3.76
CA ILE A 30 -2.84 1.57 -4.34
C ILE A 30 -3.98 0.78 -5.04
N ALA A 31 -5.19 0.85 -4.44
CA ALA A 31 -6.43 0.27 -5.02
C ALA A 31 -6.79 0.93 -6.38
N ALA A 32 -6.35 2.19 -6.57
CA ALA A 32 -6.54 2.96 -7.82
C ALA A 32 -5.33 2.83 -8.79
N ILE A 33 -4.13 2.62 -8.21
CA ILE A 33 -2.83 2.59 -8.94
C ILE A 33 -2.65 1.24 -9.67
N THR A 34 -2.61 0.16 -8.86
CA THR A 34 -2.35 -1.21 -9.35
C THR A 34 -3.63 -2.08 -9.28
N GLY A 35 -4.71 -1.53 -8.70
CA GLY A 35 -6.01 -2.21 -8.66
C GLY A 35 -6.13 -3.27 -7.57
N ILE A 36 -5.18 -3.27 -6.60
CA ILE A 36 -5.18 -4.22 -5.49
C ILE A 36 -5.95 -3.59 -4.31
N ALA A 37 -7.09 -4.22 -3.95
CA ALA A 37 -7.92 -3.82 -2.79
C ALA A 37 -7.08 -3.79 -1.49
N PRO A 38 -7.30 -2.79 -0.57
CA PRO A 38 -6.46 -2.61 0.67
C PRO A 38 -6.39 -3.87 1.57
N GLY A 39 -7.44 -4.72 1.53
CA GLY A 39 -7.49 -5.96 2.30
C GLY A 39 -6.71 -7.13 1.66
N SER A 40 -6.37 -6.98 0.36
CA SER A 40 -5.64 -8.01 -0.42
C SER A 40 -4.12 -7.75 -0.40
N GLN A 41 -3.71 -6.63 0.21
CA GLN A 41 -2.31 -6.16 0.24
C GLN A 41 -1.88 -5.80 1.66
N ARG A 42 -0.55 -5.75 1.84
CA ARG A 42 0.11 -5.33 3.10
C ARG A 42 1.24 -4.34 2.77
N ILE A 43 2.04 -3.99 3.80
CA ILE A 43 3.25 -3.17 3.63
C ILE A 43 4.47 -4.09 3.81
N LEU A 44 5.03 -4.52 2.68
CA LEU A 44 6.24 -5.33 2.61
C LEU A 44 7.33 -4.47 2.00
N VAL A 45 8.50 -4.45 2.63
CA VAL A 45 9.63 -3.59 2.24
C VAL A 45 10.94 -4.42 2.21
N GLY A 46 12.08 -3.74 1.98
CA GLY A 46 13.39 -4.40 1.79
C GLY A 46 14.08 -4.84 3.08
N TYR A 47 13.37 -5.66 3.87
CA TYR A 47 13.91 -6.41 5.03
C TYR A 47 13.10 -7.73 5.11
N PRO A 48 13.50 -8.78 5.92
CA PRO A 48 12.63 -9.95 6.19
C PRO A 48 11.26 -9.52 6.82
N PRO A 49 10.14 -9.44 6.01
CA PRO A 49 8.90 -8.80 6.46
C PRO A 49 8.11 -9.66 7.48
N GLU A 50 7.57 -8.98 8.50
CA GLU A 50 6.68 -9.59 9.51
C GLU A 50 5.25 -9.83 8.95
N CYS A 51 5.03 -9.44 7.67
CA CYS A 51 3.72 -9.48 7.00
C CYS A 51 2.73 -8.57 7.75
N LEU A 52 3.11 -7.28 7.84
CA LEU A 52 2.35 -6.25 8.58
C LEU A 52 1.01 -5.97 7.87
N ASP A 53 -0.06 -6.57 8.41
CA ASP A 53 -1.43 -6.38 7.94
C ASP A 53 -2.01 -5.15 8.63
N LEU A 54 -2.50 -4.21 7.83
CA LEU A 54 -3.07 -2.96 8.32
C LEU A 54 -4.56 -3.17 8.59
N SER A 55 -4.92 -3.24 9.88
CA SER A 55 -6.30 -3.50 10.34
C SER A 55 -6.90 -2.25 11.01
N ASP A 56 -6.31 -1.07 10.74
CA ASP A 56 -6.76 0.22 11.29
C ASP A 56 -6.80 1.26 10.16
N ARG A 57 -7.99 1.79 9.86
CA ARG A 57 -8.21 2.73 8.72
C ARG A 57 -7.33 4.02 8.82
N ASP A 58 -7.08 4.48 10.05
CA ASP A 58 -6.32 5.71 10.32
C ASP A 58 -4.81 5.48 10.58
N ILE A 59 -4.35 4.20 10.54
CA ILE A 59 -2.92 3.88 10.81
C ILE A 59 -1.99 4.55 9.77
N THR A 60 -1.05 5.38 10.26
CA THR A 60 -0.23 6.25 9.40
C THR A 60 1.07 5.57 8.95
N LEU A 61 1.79 6.23 8.02
CA LEU A 61 3.12 5.77 7.54
C LEU A 61 4.19 5.93 8.65
N GLY A 62 3.81 6.59 9.76
CA GLY A 62 4.67 6.67 10.96
C GLY A 62 4.72 5.35 11.72
N ASP A 63 3.69 4.49 11.53
CA ASP A 63 3.62 3.16 12.20
C ASP A 63 4.32 2.11 11.33
N LEU A 64 4.00 2.11 10.02
CA LEU A 64 4.53 1.13 9.06
C LEU A 64 5.86 1.66 8.42
N PRO A 65 6.77 0.78 7.87
CA PRO A 65 8.10 1.19 7.32
C PRO A 65 8.04 1.81 5.90
N ILE A 66 7.07 2.73 5.65
CA ILE A 66 7.06 3.55 4.42
C ILE A 66 7.99 4.74 4.66
N GLN A 67 8.98 4.90 3.79
CA GLN A 67 9.90 6.04 3.79
C GLN A 67 9.77 6.80 2.46
N SER A 68 10.40 7.98 2.38
CA SER A 68 10.41 8.79 1.15
C SER A 68 11.37 8.14 0.13
N GLY A 69 10.80 7.61 -0.96
CA GLY A 69 11.55 6.91 -2.00
C GLY A 69 11.68 5.41 -1.74
N ASP A 70 10.87 4.88 -0.81
CA ASP A 70 10.90 3.45 -0.44
C ASP A 70 10.11 2.63 -1.49
N MET A 71 10.21 1.29 -1.40
CA MET A 71 9.48 0.37 -2.28
C MET A 71 8.54 -0.49 -1.45
N LEU A 72 7.24 -0.28 -1.68
CA LEU A 72 6.17 -1.10 -1.11
C LEU A 72 5.86 -2.23 -2.06
N ILE A 73 6.31 -3.44 -1.69
CA ILE A 73 5.96 -4.67 -2.40
C ILE A 73 4.50 -5.01 -2.03
N VAL A 74 3.59 -4.46 -2.84
CA VAL A 74 2.15 -4.68 -2.72
C VAL A 74 1.82 -6.12 -3.18
N GLU A 75 1.50 -6.97 -2.20
CA GLU A 75 1.05 -8.33 -2.47
C GLU A 75 -0.41 -8.32 -2.94
N GLU A 76 -0.81 -9.41 -3.60
CA GLU A 76 -2.19 -9.62 -4.03
C GLU A 76 -2.66 -10.97 -3.48
N ASP A 77 -3.74 -10.92 -2.69
CA ASP A 77 -4.38 -12.13 -2.12
C ASP A 77 -5.01 -13.00 -3.23
N GLN A 78 -5.30 -12.37 -4.40
CA GLN A 78 -5.92 -13.02 -5.56
C GLN A 78 -7.34 -13.53 -5.23
N THR A 79 -8.02 -12.77 -4.34
CA THR A 79 -9.41 -13.02 -3.95
C THR A 79 -10.38 -12.74 -5.12
N ARG A 80 -10.03 -11.75 -5.97
CA ARG A 80 -10.85 -11.33 -7.12
C ARG A 80 -9.97 -10.51 -8.11
N PRO A 81 -10.31 -10.48 -9.44
CA PRO A 81 -9.52 -9.73 -10.47
C PRO A 81 -9.61 -8.19 -10.30
N LYS A 82 -8.69 -7.47 -10.96
CA LYS A 82 -8.65 -6.01 -10.96
C LYS A 82 -9.83 -5.47 -11.81
N ALA A 83 -10.99 -5.30 -11.14
CA ALA A 83 -12.26 -4.93 -11.78
C ALA A 83 -12.42 -3.40 -11.83
N SER A 84 -12.86 -2.87 -12.98
CA SER A 84 -13.10 -1.44 -13.19
C SER A 84 -14.63 -1.18 -13.15
N PRO A 85 -15.10 -0.11 -12.41
CA PRO A 85 -16.54 0.30 -12.42
C PRO A 85 -17.07 0.66 -13.83
N SER A 86 -16.16 1.17 -14.69
CA SER A 86 -16.46 1.53 -16.09
C SER A 86 -15.19 1.31 -16.96
N TRP A 1 5.96 12.59 -0.65
CA TRP A 1 6.68 11.30 -0.72
C TRP A 1 6.26 10.51 -1.98
N ARG A 2 7.23 10.32 -2.89
CA ARG A 2 7.06 9.46 -4.07
C ARG A 2 7.56 8.05 -3.71
N VAL A 3 6.70 7.26 -3.06
CA VAL A 3 7.06 5.91 -2.57
C VAL A 3 6.63 4.86 -3.59
N ARG A 4 7.50 3.87 -3.84
CA ARG A 4 7.31 2.86 -4.88
C ARG A 4 6.52 1.66 -4.32
N CYS A 5 5.62 1.10 -5.14
CA CYS A 5 4.73 -0.03 -4.75
C CYS A 5 4.78 -1.16 -5.79
N LYS A 6 5.54 -2.23 -5.45
CA LYS A 6 5.75 -3.41 -6.31
C LYS A 6 4.50 -4.31 -6.32
N ALA A 7 3.90 -4.49 -7.50
CA ALA A 7 2.74 -5.37 -7.68
C ALA A 7 2.78 -5.98 -9.10
N LYS A 8 1.72 -6.72 -9.48
CA LYS A 8 1.62 -7.32 -10.82
C LYS A 8 1.51 -6.22 -11.90
N GLY A 9 2.34 -6.35 -12.95
CA GLY A 9 2.44 -5.34 -14.01
C GLY A 9 3.74 -4.54 -13.90
N GLY A 10 4.32 -4.52 -12.68
CA GLY A 10 5.58 -3.82 -12.42
C GLY A 10 5.53 -3.00 -11.14
N THR A 11 6.47 -2.07 -10.99
CA THR A 11 6.51 -1.14 -9.87
C THR A 11 5.62 0.06 -10.21
N HIS A 12 4.68 0.36 -9.31
CA HIS A 12 3.69 1.44 -9.47
C HIS A 12 4.00 2.53 -8.43
N LEU A 13 4.42 3.71 -8.90
CA LEU A 13 4.84 4.82 -8.04
C LEU A 13 3.61 5.58 -7.50
N LEU A 14 3.47 5.65 -6.17
CA LEU A 14 2.44 6.44 -5.50
C LEU A 14 2.86 7.92 -5.41
N GLN A 15 1.90 8.79 -5.77
CA GLN A 15 2.06 10.26 -5.74
C GLN A 15 1.29 10.84 -4.55
N GLY A 16 1.76 12.01 -4.06
CA GLY A 16 1.02 12.80 -3.06
C GLY A 16 0.91 12.16 -1.68
N LEU A 17 1.86 11.25 -1.34
CA LEU A 17 1.92 10.66 0.00
C LEU A 17 2.52 11.66 1.00
N SER A 18 1.73 12.04 1.99
CA SER A 18 2.21 12.83 3.14
C SER A 18 2.80 11.88 4.19
N SER A 19 3.62 12.41 5.11
CA SER A 19 4.20 11.63 6.22
C SER A 19 3.10 11.14 7.20
N ARG A 20 1.90 11.78 7.12
CA ARG A 20 0.72 11.43 7.95
C ARG A 20 -0.37 10.71 7.11
N THR A 21 -0.02 10.16 5.93
CA THR A 21 -0.96 9.38 5.12
C THR A 21 -1.39 8.09 5.88
N ARG A 22 -2.71 7.99 6.12
CA ARG A 22 -3.32 6.87 6.87
C ARG A 22 -3.53 5.64 5.98
N LEU A 23 -4.02 4.53 6.59
CA LEU A 23 -4.33 3.24 5.90
C LEU A 23 -5.22 3.50 4.68
N ARG A 24 -6.41 4.06 4.95
CA ARG A 24 -7.44 4.37 3.94
C ARG A 24 -6.92 5.23 2.78
N GLU A 25 -5.93 6.08 3.07
CA GLU A 25 -5.34 7.00 2.09
C GLU A 25 -4.25 6.28 1.27
N LEU A 26 -3.47 5.42 1.96
CA LEU A 26 -2.32 4.71 1.39
C LEU A 26 -2.80 3.59 0.46
N GLN A 27 -3.45 2.57 1.06
CA GLN A 27 -3.99 1.41 0.32
C GLN A 27 -5.16 1.83 -0.59
N GLY A 28 -5.71 3.04 -0.31
CA GLY A 28 -6.75 3.65 -1.14
C GLY A 28 -6.21 4.10 -2.50
N GLN A 29 -5.00 4.71 -2.49
CA GLN A 29 -4.33 5.15 -3.74
C GLN A 29 -3.86 3.92 -4.52
N ILE A 30 -3.34 2.91 -3.80
CA ILE A 30 -2.87 1.64 -4.39
C ILE A 30 -3.99 0.95 -5.21
N ALA A 31 -5.21 0.95 -4.62
CA ALA A 31 -6.43 0.40 -5.26
C ALA A 31 -6.81 1.15 -6.56
N ALA A 32 -6.36 2.42 -6.67
CA ALA A 32 -6.57 3.26 -7.85
C ALA A 32 -5.42 3.12 -8.87
N ILE A 33 -4.18 2.94 -8.37
CA ILE A 33 -2.96 2.95 -9.21
C ILE A 33 -2.68 1.56 -9.80
N THR A 34 -2.39 0.58 -8.94
CA THR A 34 -2.12 -0.80 -9.36
C THR A 34 -3.41 -1.66 -9.32
N GLY A 35 -4.52 -1.05 -8.85
CA GLY A 35 -5.84 -1.68 -8.88
C GLY A 35 -6.11 -2.64 -7.74
N ILE A 36 -5.06 -2.97 -6.94
CA ILE A 36 -5.18 -3.99 -5.87
C ILE A 36 -6.03 -3.42 -4.71
N ALA A 37 -7.23 -3.99 -4.53
CA ALA A 37 -8.19 -3.59 -3.48
C ALA A 37 -7.54 -3.66 -2.08
N PRO A 38 -7.88 -2.72 -1.12
CA PRO A 38 -7.22 -2.62 0.21
C PRO A 38 -7.32 -3.92 1.03
N GLY A 39 -8.40 -4.70 0.79
CA GLY A 39 -8.60 -6.02 1.41
C GLY A 39 -8.05 -7.17 0.56
N SER A 40 -7.02 -6.89 -0.26
CA SER A 40 -6.30 -7.87 -1.09
C SER A 40 -4.78 -7.60 -1.05
N GLN A 41 -4.36 -6.72 -0.12
CA GLN A 41 -2.96 -6.26 0.00
C GLN A 41 -2.63 -5.90 1.45
N ARG A 42 -1.31 -5.85 1.73
CA ARG A 42 -0.73 -5.43 3.03
C ARG A 42 0.57 -4.65 2.77
N ILE A 43 1.36 -4.40 3.85
CA ILE A 43 2.62 -3.64 3.77
C ILE A 43 3.80 -4.60 3.93
N LEU A 44 4.54 -4.78 2.85
CA LEU A 44 5.78 -5.55 2.82
C LEU A 44 6.90 -4.60 2.36
N VAL A 45 8.15 -4.92 2.70
CA VAL A 45 9.31 -4.02 2.44
C VAL A 45 10.46 -4.79 1.76
N GLY A 46 11.43 -4.01 1.25
CA GLY A 46 12.63 -4.55 0.59
C GLY A 46 13.43 -5.47 1.49
N TYR A 47 13.73 -5.01 2.72
CA TYR A 47 14.32 -5.85 3.77
C TYR A 47 13.24 -6.83 4.33
N PRO A 48 13.64 -7.98 4.99
CA PRO A 48 12.66 -8.97 5.54
C PRO A 48 11.50 -8.34 6.38
N PRO A 49 10.22 -8.39 5.88
CA PRO A 49 9.03 -7.96 6.64
C PRO A 49 8.49 -9.08 7.56
N GLU A 50 7.37 -8.83 8.26
CA GLU A 50 6.75 -9.78 9.19
C GLU A 50 5.25 -10.01 8.84
N CYS A 51 4.93 -9.89 7.53
CA CYS A 51 3.53 -9.94 7.03
C CYS A 51 2.67 -8.89 7.76
N LEU A 52 3.02 -7.61 7.55
CA LEU A 52 2.50 -6.49 8.34
C LEU A 52 1.01 -6.23 8.02
N ASP A 53 0.17 -6.58 9.02
CA ASP A 53 -1.29 -6.53 8.92
C ASP A 53 -1.80 -5.19 9.47
N LEU A 54 -2.41 -4.38 8.59
CA LEU A 54 -2.88 -3.04 8.93
C LEU A 54 -4.27 -3.14 9.61
N SER A 55 -4.27 -3.19 10.94
CA SER A 55 -5.48 -3.35 11.75
C SER A 55 -6.24 -2.02 11.89
N ASP A 56 -5.52 -0.97 12.34
CA ASP A 56 -6.11 0.34 12.65
C ASP A 56 -6.23 1.19 11.37
N ARG A 57 -7.41 1.79 11.13
CA ARG A 57 -7.72 2.57 9.91
C ARG A 57 -6.99 3.94 9.84
N ASP A 58 -6.59 4.44 11.01
CA ASP A 58 -5.94 5.77 11.19
C ASP A 58 -4.40 5.67 11.11
N ILE A 59 -3.88 4.43 11.02
CA ILE A 59 -2.43 4.14 11.06
C ILE A 59 -1.67 4.88 9.92
N THR A 60 -0.71 5.73 10.31
CA THR A 60 0.03 6.59 9.38
C THR A 60 1.31 5.90 8.89
N LEU A 61 1.99 6.55 7.92
CA LEU A 61 3.29 6.11 7.39
C LEU A 61 4.44 6.27 8.43
N GLY A 62 4.10 6.88 9.60
CA GLY A 62 5.03 7.01 10.71
C GLY A 62 5.17 5.72 11.52
N ASP A 63 4.09 4.93 11.58
CA ASP A 63 4.10 3.61 12.28
C ASP A 63 4.42 2.51 11.26
N LEU A 64 3.71 2.55 10.13
CA LEU A 64 3.97 1.67 8.97
C LEU A 64 5.37 1.98 8.39
N PRO A 65 6.23 0.94 8.08
CA PRO A 65 7.55 1.15 7.45
C PRO A 65 7.41 1.62 5.97
N ILE A 66 7.12 2.91 5.79
CA ILE A 66 7.09 3.58 4.48
C ILE A 66 8.07 4.76 4.55
N GLN A 67 9.07 4.78 3.65
CA GLN A 67 10.02 5.89 3.50
C GLN A 67 9.88 6.48 2.08
N SER A 68 10.25 7.76 1.92
CA SER A 68 10.16 8.48 0.65
C SER A 68 11.13 7.86 -0.39
N GLY A 69 10.55 7.15 -1.38
CA GLY A 69 11.33 6.52 -2.47
C GLY A 69 11.79 5.11 -2.15
N ASP A 70 11.25 4.51 -1.08
CA ASP A 70 11.60 3.14 -0.65
C ASP A 70 10.77 2.10 -1.43
N MET A 71 11.23 0.84 -1.38
CA MET A 71 10.56 -0.28 -2.06
C MET A 71 9.56 -0.96 -1.11
N LEU A 72 8.29 -0.63 -1.32
CA LEU A 72 7.14 -1.25 -0.62
C LEU A 72 6.49 -2.26 -1.56
N ILE A 73 6.40 -3.52 -1.14
CA ILE A 73 5.79 -4.59 -1.95
C ILE A 73 4.30 -4.66 -1.59
N VAL A 74 3.45 -4.36 -2.58
CA VAL A 74 2.00 -4.59 -2.52
C VAL A 74 1.72 -6.02 -2.99
N GLU A 75 1.29 -6.87 -2.05
CA GLU A 75 0.89 -8.25 -2.37
C GLU A 75 -0.51 -8.24 -3.01
N GLU A 76 -0.70 -9.05 -4.05
CA GLU A 76 -2.03 -9.32 -4.60
C GLU A 76 -2.46 -10.70 -4.10
N ASP A 77 -3.44 -10.72 -3.19
CA ASP A 77 -3.94 -11.96 -2.57
C ASP A 77 -4.89 -12.72 -3.52
N GLN A 78 -5.48 -11.98 -4.50
CA GLN A 78 -6.41 -12.53 -5.53
C GLN A 78 -7.70 -13.11 -4.89
N THR A 79 -8.08 -12.56 -3.72
CA THR A 79 -9.29 -12.98 -2.97
C THR A 79 -10.59 -12.44 -3.61
N ARG A 80 -10.44 -11.57 -4.63
CA ARG A 80 -11.56 -10.94 -5.34
C ARG A 80 -11.07 -10.39 -6.70
N PRO A 81 -11.99 -10.13 -7.69
CA PRO A 81 -11.66 -9.35 -8.90
C PRO A 81 -11.41 -7.87 -8.54
N LYS A 82 -10.69 -7.15 -9.41
CA LYS A 82 -10.29 -5.75 -9.15
C LYS A 82 -10.39 -4.94 -10.45
N ALA A 83 -10.82 -3.67 -10.33
CA ALA A 83 -10.87 -2.72 -11.46
C ALA A 83 -9.65 -1.80 -11.39
N SER A 84 -8.76 -1.90 -12.40
CA SER A 84 -7.58 -1.03 -12.52
C SER A 84 -7.83 0.05 -13.60
N PRO A 85 -8.11 1.33 -13.19
CA PRO A 85 -8.29 2.44 -14.14
C PRO A 85 -6.95 2.99 -14.67
N SER A 86 -7.01 3.74 -15.78
CA SER A 86 -5.84 4.37 -16.40
C SER A 86 -5.43 5.62 -15.57
N TRP A 1 6.15 12.30 -0.51
CA TRP A 1 6.82 10.99 -0.47
C TRP A 1 6.55 10.23 -1.77
N ARG A 2 7.56 10.15 -2.65
CA ARG A 2 7.48 9.44 -3.93
C ARG A 2 7.75 7.93 -3.70
N VAL A 3 6.78 7.26 -3.09
CA VAL A 3 6.93 5.86 -2.64
C VAL A 3 6.73 4.88 -3.81
N ARG A 4 7.65 3.90 -3.93
CA ARG A 4 7.62 2.89 -4.99
C ARG A 4 6.93 1.61 -4.47
N CYS A 5 5.92 1.11 -5.20
CA CYS A 5 5.18 -0.10 -4.82
C CYS A 5 5.44 -1.22 -5.83
N LYS A 6 6.09 -2.30 -5.37
CA LYS A 6 6.36 -3.50 -6.16
C LYS A 6 5.09 -4.37 -6.20
N ALA A 7 4.39 -4.37 -7.33
CA ALA A 7 3.08 -5.05 -7.45
C ALA A 7 3.05 -5.98 -8.67
N LYS A 8 1.90 -6.66 -8.83
CA LYS A 8 1.65 -7.65 -9.90
C LYS A 8 1.51 -6.97 -11.27
N GLY A 9 1.10 -5.70 -11.27
CA GLY A 9 1.08 -4.87 -12.48
C GLY A 9 2.36 -4.07 -12.64
N GLY A 10 3.47 -4.59 -12.06
CA GLY A 10 4.79 -3.95 -12.12
C GLY A 10 5.04 -2.97 -10.98
N THR A 11 6.19 -2.29 -11.04
CA THR A 11 6.57 -1.29 -10.03
C THR A 11 5.98 0.08 -10.42
N HIS A 12 5.21 0.67 -9.49
CA HIS A 12 4.56 1.98 -9.69
C HIS A 12 5.11 3.00 -8.71
N LEU A 13 4.80 4.28 -8.98
CA LEU A 13 5.17 5.42 -8.14
C LEU A 13 3.87 6.08 -7.65
N LEU A 14 3.69 6.12 -6.33
CA LEU A 14 2.50 6.71 -5.69
C LEU A 14 2.86 8.10 -5.11
N GLN A 15 2.28 9.15 -5.73
CA GLN A 15 2.28 10.51 -5.19
C GLN A 15 1.04 10.70 -4.30
N GLY A 16 1.00 11.84 -3.60
CA GLY A 16 -0.08 12.15 -2.65
C GLY A 16 0.17 11.58 -1.26
N LEU A 17 1.34 10.95 -1.07
CA LEU A 17 1.76 10.35 0.20
C LEU A 17 2.62 11.35 0.98
N SER A 18 2.25 11.59 2.23
CA SER A 18 2.95 12.47 3.16
C SER A 18 3.47 11.64 4.34
N SER A 19 3.90 12.33 5.41
CA SER A 19 4.38 11.69 6.64
C SER A 19 3.23 11.02 7.41
N ARG A 20 2.08 11.72 7.57
CA ARG A 20 0.91 11.20 8.32
C ARG A 20 -0.25 10.81 7.38
N THR A 21 0.08 10.20 6.24
CA THR A 21 -0.92 9.53 5.40
C THR A 21 -1.41 8.23 6.10
N ARG A 22 -2.73 8.15 6.33
CA ARG A 22 -3.38 7.03 7.04
C ARG A 22 -3.47 5.78 6.14
N LEU A 23 -3.85 4.64 6.76
CA LEU A 23 -4.06 3.36 6.04
C LEU A 23 -5.14 3.52 4.94
N ARG A 24 -6.29 4.11 5.32
CA ARG A 24 -7.43 4.34 4.40
C ARG A 24 -7.01 5.18 3.16
N GLU A 25 -6.05 6.09 3.35
CA GLU A 25 -5.52 6.95 2.29
C GLU A 25 -4.53 6.15 1.41
N LEU A 26 -3.62 5.42 2.08
CA LEU A 26 -2.49 4.71 1.47
C LEU A 26 -2.99 3.55 0.57
N GLN A 27 -3.69 2.56 1.18
CA GLN A 27 -4.31 1.45 0.45
C GLN A 27 -5.43 1.93 -0.50
N GLY A 28 -5.98 3.13 -0.19
CA GLY A 28 -6.94 3.80 -1.06
C GLY A 28 -6.32 4.21 -2.39
N GLN A 29 -5.04 4.65 -2.34
CA GLN A 29 -4.30 5.04 -3.55
C GLN A 29 -3.78 3.79 -4.29
N ILE A 30 -3.36 2.75 -3.53
CA ILE A 30 -2.85 1.48 -4.12
C ILE A 30 -3.91 0.85 -5.07
N ALA A 31 -5.16 0.82 -4.58
CA ALA A 31 -6.32 0.29 -5.32
C ALA A 31 -6.62 1.11 -6.60
N ALA A 32 -6.18 2.38 -6.60
CA ALA A 32 -6.35 3.31 -7.73
C ALA A 32 -5.15 3.23 -8.71
N ILE A 33 -3.95 2.97 -8.15
CA ILE A 33 -2.66 3.03 -8.89
C ILE A 33 -2.37 1.69 -9.63
N THR A 34 -2.22 0.61 -8.85
CA THR A 34 -1.92 -0.73 -9.40
C THR A 34 -3.20 -1.56 -9.57
N GLY A 35 -4.32 -1.08 -8.98
CA GLY A 35 -5.63 -1.70 -9.15
C GLY A 35 -5.96 -2.73 -8.09
N ILE A 36 -4.95 -3.15 -7.27
CA ILE A 36 -5.16 -4.17 -6.24
C ILE A 36 -5.93 -3.55 -5.06
N ALA A 37 -7.16 -4.03 -4.84
CA ALA A 37 -8.07 -3.52 -3.80
C ALA A 37 -7.47 -3.74 -2.38
N PRO A 38 -7.82 -2.88 -1.36
CA PRO A 38 -7.31 -3.01 0.04
C PRO A 38 -7.73 -4.34 0.70
N GLY A 39 -8.76 -5.00 0.12
CA GLY A 39 -9.18 -6.33 0.54
C GLY A 39 -8.50 -7.45 -0.25
N SER A 40 -7.34 -7.17 -0.87
CA SER A 40 -6.53 -8.17 -1.63
C SER A 40 -5.03 -7.87 -1.56
N GLN A 41 -4.62 -6.84 -0.79
CA GLN A 41 -3.19 -6.53 -0.61
C GLN A 41 -2.88 -6.05 0.79
N ARG A 42 -1.57 -6.00 1.04
CA ARG A 42 -0.97 -5.67 2.33
C ARG A 42 0.43 -5.09 2.06
N ILE A 43 1.03 -4.46 3.08
CA ILE A 43 2.27 -3.68 2.94
C ILE A 43 3.45 -4.47 3.52
N LEU A 44 4.34 -4.88 2.62
CA LEU A 44 5.60 -5.55 2.95
C LEU A 44 6.74 -4.63 2.45
N VAL A 45 7.99 -4.91 2.83
CA VAL A 45 9.15 -4.06 2.46
C VAL A 45 10.20 -4.84 1.66
N GLY A 46 11.10 -4.09 0.97
CA GLY A 46 12.16 -4.67 0.13
C GLY A 46 13.17 -5.51 0.89
N TYR A 47 13.36 -5.16 2.17
CA TYR A 47 14.17 -5.93 3.14
C TYR A 47 13.24 -6.88 3.95
N PRO A 48 13.78 -7.83 4.83
CA PRO A 48 12.95 -8.67 5.74
C PRO A 48 11.75 -7.92 6.40
N PRO A 49 10.47 -8.25 6.01
CA PRO A 49 9.28 -7.57 6.54
C PRO A 49 8.84 -8.12 7.90
N GLU A 50 8.05 -7.30 8.62
CA GLU A 50 7.43 -7.70 9.90
C GLU A 50 6.21 -8.59 9.65
N CYS A 51 5.75 -8.62 8.37
CA CYS A 51 4.53 -9.34 7.93
C CYS A 51 3.28 -8.67 8.54
N LEU A 52 3.47 -7.38 8.90
CA LEU A 52 2.52 -6.55 9.63
C LEU A 52 1.16 -6.47 8.93
N ASP A 53 0.08 -6.74 9.70
CA ASP A 53 -1.30 -6.69 9.20
C ASP A 53 -1.87 -5.31 9.54
N LEU A 54 -2.00 -4.47 8.50
CA LEU A 54 -2.54 -3.11 8.62
C LEU A 54 -4.06 -3.19 8.81
N SER A 55 -4.51 -3.15 10.07
CA SER A 55 -5.92 -3.33 10.46
C SER A 55 -6.47 -2.09 11.20
N ASP A 56 -5.66 -1.01 11.27
CA ASP A 56 -6.06 0.26 11.88
C ASP A 56 -6.17 1.31 10.76
N ARG A 57 -7.38 1.83 10.50
CA ARG A 57 -7.65 2.77 9.37
C ARG A 57 -6.84 4.08 9.49
N ASP A 58 -6.54 4.48 10.74
CA ASP A 58 -5.96 5.79 11.08
C ASP A 58 -4.41 5.73 11.18
N ILE A 59 -3.83 4.50 11.22
CA ILE A 59 -2.36 4.32 11.37
C ILE A 59 -1.62 4.97 10.18
N THR A 60 -0.56 5.73 10.48
CA THR A 60 0.11 6.56 9.49
C THR A 60 1.45 5.95 9.05
N LEU A 61 2.01 6.53 7.98
CA LEU A 61 3.28 6.08 7.37
C LEU A 61 4.50 6.35 8.28
N GLY A 62 4.28 7.12 9.38
CA GLY A 62 5.29 7.31 10.42
C GLY A 62 5.45 6.08 11.31
N ASP A 63 4.31 5.42 11.64
CA ASP A 63 4.28 4.19 12.45
C ASP A 63 4.65 2.99 11.56
N LEU A 64 4.20 3.09 10.31
CA LEU A 64 4.43 2.10 9.25
C LEU A 64 5.85 2.27 8.63
N PRO A 65 6.42 1.19 7.99
CA PRO A 65 7.75 1.25 7.34
C PRO A 65 7.68 1.74 5.86
N ILE A 66 6.75 2.66 5.57
CA ILE A 66 6.69 3.37 4.28
C ILE A 66 7.64 4.57 4.38
N GLN A 67 8.65 4.61 3.50
CA GLN A 67 9.53 5.79 3.34
C GLN A 67 9.45 6.30 1.90
N SER A 68 9.88 7.56 1.69
CA SER A 68 9.90 8.18 0.35
C SER A 68 10.92 7.48 -0.55
N GLY A 69 10.42 6.81 -1.60
CA GLY A 69 11.27 6.08 -2.55
C GLY A 69 11.63 4.68 -2.10
N ASP A 70 11.00 4.21 -1.01
CA ASP A 70 11.21 2.84 -0.49
C ASP A 70 10.38 1.84 -1.30
N MET A 71 10.79 0.56 -1.22
CA MET A 71 10.16 -0.55 -1.94
C MET A 71 9.12 -1.23 -1.03
N LEU A 72 7.84 -0.92 -1.28
CA LEU A 72 6.71 -1.50 -0.55
C LEU A 72 6.01 -2.53 -1.46
N ILE A 73 6.16 -3.83 -1.13
CA ILE A 73 5.61 -4.93 -1.93
C ILE A 73 4.09 -5.01 -1.70
N VAL A 74 3.36 -4.57 -2.73
CA VAL A 74 1.92 -4.79 -2.85
C VAL A 74 1.68 -6.18 -3.48
N GLU A 75 1.12 -7.08 -2.67
CA GLU A 75 0.70 -8.41 -3.14
C GLU A 75 -0.66 -8.32 -3.86
N GLU A 76 -1.11 -9.45 -4.39
CA GLU A 76 -2.47 -9.64 -4.90
C GLU A 76 -2.96 -11.02 -4.48
N ASP A 77 -4.01 -11.05 -3.65
CA ASP A 77 -4.61 -12.28 -3.13
C ASP A 77 -5.92 -12.60 -3.89
N GLN A 78 -6.50 -11.54 -4.55
CA GLN A 78 -7.76 -11.62 -5.34
C GLN A 78 -8.99 -12.07 -4.52
N THR A 79 -8.87 -12.08 -3.17
CA THR A 79 -9.95 -12.56 -2.27
C THR A 79 -11.13 -11.57 -2.25
N ARG A 80 -10.83 -10.26 -2.41
CA ARG A 80 -11.84 -9.18 -2.57
C ARG A 80 -11.31 -8.14 -3.59
N PRO A 81 -11.40 -8.44 -4.93
CA PRO A 81 -10.90 -7.54 -5.99
C PRO A 81 -11.89 -6.40 -6.31
N LYS A 82 -11.47 -5.47 -7.18
CA LYS A 82 -12.26 -4.29 -7.55
C LYS A 82 -12.10 -3.97 -9.04
N ALA A 83 -13.14 -4.27 -9.83
CA ALA A 83 -13.21 -3.93 -11.27
C ALA A 83 -14.65 -3.56 -11.62
N SER A 84 -14.90 -2.26 -11.84
CA SER A 84 -16.21 -1.72 -12.23
C SER A 84 -16.00 -0.52 -13.18
N PRO A 85 -16.15 -0.73 -14.53
CA PRO A 85 -16.17 0.37 -15.54
C PRO A 85 -17.30 1.40 -15.27
N SER A 86 -18.39 0.96 -14.59
CA SER A 86 -19.47 1.85 -14.12
C SER A 86 -18.95 2.73 -12.94
N TRP A 1 6.10 12.19 -0.74
CA TRP A 1 6.84 10.91 -0.69
C TRP A 1 6.58 10.13 -1.98
N ARG A 2 7.60 10.06 -2.86
CA ARG A 2 7.56 9.33 -4.12
C ARG A 2 7.95 7.87 -3.88
N VAL A 3 6.96 7.05 -3.51
CA VAL A 3 7.15 5.67 -3.02
C VAL A 3 6.89 4.64 -4.14
N ARG A 4 7.71 3.56 -4.17
CA ARG A 4 7.66 2.53 -5.22
C ARG A 4 6.87 1.29 -4.76
N CYS A 5 5.59 1.22 -5.14
CA CYS A 5 4.72 0.06 -4.88
C CYS A 5 5.00 -1.06 -5.91
N LYS A 6 5.77 -2.06 -5.48
CA LYS A 6 6.07 -3.26 -6.27
C LYS A 6 4.85 -4.21 -6.26
N ALA A 7 4.10 -4.24 -7.35
CA ALA A 7 2.87 -5.07 -7.45
C ALA A 7 2.83 -5.82 -8.78
N LYS A 8 1.85 -6.72 -8.90
CA LYS A 8 1.58 -7.44 -10.16
C LYS A 8 1.25 -6.43 -11.30
N GLY A 9 2.16 -6.36 -12.28
CA GLY A 9 2.11 -5.35 -13.34
C GLY A 9 3.30 -4.38 -13.28
N GLY A 10 4.30 -4.70 -12.43
CA GLY A 10 5.54 -3.92 -12.32
C GLY A 10 5.57 -3.01 -11.10
N THR A 11 6.52 -2.06 -11.09
CA THR A 11 6.64 -1.06 -10.01
C THR A 11 5.66 0.10 -10.26
N HIS A 12 5.29 0.83 -9.20
CA HIS A 12 4.34 1.96 -9.30
C HIS A 12 4.83 3.13 -8.43
N LEU A 13 5.07 4.29 -9.04
CA LEU A 13 5.63 5.47 -8.33
C LEU A 13 4.45 6.40 -7.91
N LEU A 14 4.04 6.28 -6.64
CA LEU A 14 2.89 7.05 -6.08
C LEU A 14 3.34 8.45 -5.61
N GLN A 15 2.46 9.44 -5.85
CA GLN A 15 2.63 10.82 -5.38
C GLN A 15 1.55 11.15 -4.33
N GLY A 16 1.58 12.38 -3.79
CA GLY A 16 0.58 12.87 -2.84
C GLY A 16 0.61 12.16 -1.49
N LEU A 17 1.80 11.67 -1.11
CA LEU A 17 1.99 10.94 0.15
C LEU A 17 2.73 11.81 1.18
N SER A 18 2.01 12.14 2.25
CA SER A 18 2.55 12.82 3.43
C SER A 18 2.91 11.77 4.51
N SER A 19 3.55 12.20 5.59
CA SER A 19 3.91 11.31 6.69
C SER A 19 2.67 10.79 7.44
N ARG A 20 1.55 11.56 7.38
CA ARG A 20 0.27 11.19 8.02
C ARG A 20 -0.73 10.61 7.00
N THR A 21 -0.24 10.11 5.86
CA THR A 21 -1.07 9.36 4.92
C THR A 21 -1.52 8.03 5.56
N ARG A 22 -2.83 7.94 5.84
CA ARG A 22 -3.46 6.83 6.56
C ARG A 22 -3.57 5.56 5.71
N LEU A 23 -4.16 4.49 6.28
CA LEU A 23 -4.46 3.22 5.55
C LEU A 23 -5.33 3.52 4.33
N ARG A 24 -6.46 4.21 4.59
CA ARG A 24 -7.47 4.55 3.56
C ARG A 24 -6.91 5.48 2.47
N GLU A 25 -5.82 6.20 2.80
CA GLU A 25 -5.18 7.15 1.89
C GLU A 25 -4.14 6.41 1.03
N LEU A 26 -3.21 5.67 1.68
CA LEU A 26 -2.09 4.98 1.02
C LEU A 26 -2.61 3.78 0.22
N GLN A 27 -3.16 2.79 0.95
CA GLN A 27 -3.71 1.57 0.33
C GLN A 27 -4.98 1.90 -0.50
N GLY A 28 -5.57 3.08 -0.24
CA GLY A 28 -6.66 3.62 -1.04
C GLY A 28 -6.21 4.11 -2.41
N GLN A 29 -5.00 4.73 -2.46
CA GLN A 29 -4.38 5.15 -3.74
C GLN A 29 -3.97 3.90 -4.52
N ILE A 30 -3.44 2.89 -3.81
CA ILE A 30 -3.04 1.59 -4.40
C ILE A 30 -4.23 0.88 -5.07
N ALA A 31 -5.42 1.02 -4.44
CA ALA A 31 -6.72 0.53 -4.98
C ALA A 31 -7.06 1.19 -6.33
N ALA A 32 -6.50 2.38 -6.56
CA ALA A 32 -6.66 3.12 -7.84
C ALA A 32 -5.50 2.81 -8.82
N ILE A 33 -4.26 2.78 -8.29
CA ILE A 33 -3.01 2.68 -9.08
C ILE A 33 -2.91 1.28 -9.73
N THR A 34 -2.83 0.24 -8.88
CA THR A 34 -2.66 -1.15 -9.31
C THR A 34 -3.93 -1.97 -9.06
N GLY A 35 -4.98 -1.30 -8.54
CA GLY A 35 -6.32 -1.89 -8.45
C GLY A 35 -6.51 -2.82 -7.25
N ILE A 36 -5.48 -2.98 -6.41
CA ILE A 36 -5.55 -3.87 -5.25
C ILE A 36 -6.17 -3.10 -4.07
N ALA A 37 -7.42 -3.43 -3.73
CA ALA A 37 -8.14 -2.82 -2.59
C ALA A 37 -7.44 -3.17 -1.27
N PRO A 38 -7.45 -2.25 -0.23
CA PRO A 38 -6.70 -2.40 1.05
C PRO A 38 -6.89 -3.77 1.74
N GLY A 39 -8.10 -4.34 1.61
CA GLY A 39 -8.43 -5.64 2.21
C GLY A 39 -7.90 -6.86 1.45
N SER A 40 -6.97 -6.65 0.51
CA SER A 40 -6.34 -7.72 -0.27
C SER A 40 -4.83 -7.46 -0.45
N GLN A 41 -4.28 -6.54 0.37
CA GLN A 41 -2.85 -6.15 0.32
C GLN A 41 -2.34 -5.79 1.71
N ARG A 42 -1.01 -5.92 1.88
CA ARG A 42 -0.30 -5.56 3.11
C ARG A 42 0.83 -4.57 2.78
N ILE A 43 1.64 -4.26 3.80
CA ILE A 43 2.82 -3.39 3.67
C ILE A 43 4.06 -4.26 3.84
N LEU A 44 4.63 -4.66 2.70
CA LEU A 44 5.88 -5.42 2.65
C LEU A 44 6.95 -4.45 2.16
N VAL A 45 8.14 -4.51 2.72
CA VAL A 45 9.17 -3.44 2.57
C VAL A 45 10.45 -3.96 1.93
N GLY A 46 11.42 -3.03 1.74
CA GLY A 46 12.72 -3.34 1.13
C GLY A 46 13.46 -4.48 1.82
N TYR A 47 13.58 -4.40 3.15
CA TYR A 47 14.15 -5.48 3.98
C TYR A 47 13.12 -6.60 4.21
N PRO A 48 13.54 -7.85 4.65
CA PRO A 48 12.63 -8.95 5.05
C PRO A 48 11.42 -8.48 5.92
N PRO A 49 10.18 -8.42 5.32
CA PRO A 49 8.99 -7.88 6.02
C PRO A 49 8.41 -8.86 7.06
N GLU A 50 7.65 -8.30 8.01
CA GLU A 50 7.10 -9.03 9.15
C GLU A 50 5.71 -9.63 8.84
N CYS A 51 5.29 -9.57 7.54
CA CYS A 51 3.91 -9.88 7.09
C CYS A 51 2.90 -8.91 7.74
N LEU A 52 3.41 -7.69 8.07
CA LEU A 52 2.66 -6.67 8.83
C LEU A 52 1.41 -6.23 8.07
N ASP A 53 0.25 -6.65 8.60
CA ASP A 53 -1.07 -6.37 8.03
C ASP A 53 -1.69 -5.19 8.79
N LEU A 54 -2.22 -4.25 8.02
CA LEU A 54 -2.82 -3.01 8.54
C LEU A 54 -4.30 -3.28 8.84
N SER A 55 -4.56 -3.74 10.08
CA SER A 55 -5.93 -4.07 10.54
C SER A 55 -6.56 -2.87 11.27
N ASP A 56 -5.96 -1.68 11.13
CA ASP A 56 -6.45 -0.44 11.75
C ASP A 56 -6.56 0.66 10.69
N ARG A 57 -7.78 1.16 10.43
CA ARG A 57 -8.08 2.15 9.38
C ARG A 57 -7.32 3.49 9.58
N ASP A 58 -7.05 3.83 10.84
CA ASP A 58 -6.51 5.14 11.26
C ASP A 58 -4.97 5.21 11.09
N ILE A 59 -4.33 4.02 11.07
CA ILE A 59 -2.85 3.89 11.04
C ILE A 59 -2.21 4.64 9.84
N THR A 60 -1.13 5.38 10.09
CA THR A 60 -0.49 6.28 9.09
C THR A 60 0.92 5.77 8.71
N LEU A 61 1.56 6.44 7.73
CA LEU A 61 2.94 6.10 7.30
C LEU A 61 3.97 6.33 8.42
N GLY A 62 3.62 7.19 9.40
CA GLY A 62 4.44 7.40 10.59
C GLY A 62 4.58 6.15 11.47
N ASP A 63 3.68 5.16 11.26
CA ASP A 63 3.68 3.88 11.99
C ASP A 63 4.37 2.77 11.16
N LEU A 64 4.02 2.68 9.86
CA LEU A 64 4.55 1.64 8.94
C LEU A 64 5.91 2.08 8.32
N PRO A 65 6.81 1.12 7.90
CA PRO A 65 8.16 1.44 7.36
C PRO A 65 8.13 1.84 5.86
N ILE A 66 7.13 2.67 5.48
CA ILE A 66 7.14 3.38 4.19
C ILE A 66 8.20 4.47 4.31
N GLN A 67 9.30 4.28 3.60
CA GLN A 67 10.44 5.20 3.61
C GLN A 67 10.45 5.98 2.29
N SER A 68 11.24 7.05 2.24
CA SER A 68 11.32 7.94 1.08
C SER A 68 11.90 7.19 -0.15
N GLY A 69 10.98 6.77 -1.05
CA GLY A 69 11.34 6.05 -2.27
C GLY A 69 11.73 4.59 -2.02
N ASP A 70 11.05 3.95 -1.05
CA ASP A 70 11.32 2.54 -0.66
C ASP A 70 10.49 1.56 -1.51
N MET A 71 10.87 0.27 -1.46
CA MET A 71 10.19 -0.81 -2.18
C MET A 71 9.06 -1.37 -1.32
N LEU A 72 7.84 -0.92 -1.58
CA LEU A 72 6.63 -1.41 -0.90
C LEU A 72 5.92 -2.47 -1.77
N ILE A 73 6.16 -3.75 -1.45
CA ILE A 73 5.61 -4.87 -2.20
C ILE A 73 4.13 -5.03 -1.87
N VAL A 74 3.29 -4.54 -2.79
CA VAL A 74 1.84 -4.73 -2.74
C VAL A 74 1.48 -6.13 -3.25
N GLU A 75 1.10 -7.00 -2.32
CA GLU A 75 0.57 -8.33 -2.62
C GLU A 75 -0.92 -8.24 -3.06
N GLU A 76 -1.46 -9.34 -3.58
CA GLU A 76 -2.90 -9.47 -3.85
C GLU A 76 -3.39 -10.79 -3.25
N ASP A 77 -4.56 -10.75 -2.60
CA ASP A 77 -5.18 -11.94 -1.96
C ASP A 77 -5.71 -12.95 -3.01
N GLN A 78 -5.89 -12.47 -4.27
CA GLN A 78 -6.31 -13.30 -5.43
C GLN A 78 -7.79 -13.75 -5.36
N THR A 79 -8.52 -13.32 -4.30
CA THR A 79 -9.97 -13.55 -4.17
C THR A 79 -10.75 -12.54 -5.04
N ARG A 80 -10.01 -11.52 -5.55
CA ARG A 80 -10.53 -10.42 -6.38
C ARG A 80 -11.49 -9.54 -5.52
N PRO A 81 -10.96 -8.46 -4.86
CA PRO A 81 -11.75 -7.64 -3.89
C PRO A 81 -12.90 -6.85 -4.56
N LYS A 82 -14.13 -7.06 -4.06
CA LYS A 82 -15.34 -6.33 -4.51
C LYS A 82 -15.47 -5.05 -3.69
N ALA A 83 -15.50 -3.90 -4.38
CA ALA A 83 -15.58 -2.58 -3.75
C ALA A 83 -16.43 -1.61 -4.60
N SER A 84 -16.60 -0.38 -4.09
CA SER A 84 -17.30 0.71 -4.79
C SER A 84 -16.37 1.93 -4.88
N PRO A 85 -15.55 2.05 -5.99
CA PRO A 85 -14.60 3.18 -6.19
C PRO A 85 -15.29 4.56 -6.22
N SER A 86 -15.49 5.13 -5.02
CA SER A 86 -16.18 6.40 -4.80
C SER A 86 -15.94 6.84 -3.33
N TRP A 1 7.01 12.53 -0.73
CA TRP A 1 7.26 11.08 -0.61
C TRP A 1 6.96 10.41 -1.96
N ARG A 2 8.01 10.23 -2.77
CA ARG A 2 7.92 9.59 -4.10
C ARG A 2 8.10 8.06 -3.95
N VAL A 3 7.12 7.44 -3.27
CA VAL A 3 7.22 6.05 -2.81
C VAL A 3 6.91 5.06 -3.96
N ARG A 4 7.63 3.93 -3.96
CA ARG A 4 7.48 2.85 -4.94
C ARG A 4 6.61 1.72 -4.36
N CYS A 5 5.78 1.12 -5.22
CA CYS A 5 4.84 0.04 -4.85
C CYS A 5 4.88 -1.08 -5.91
N LYS A 6 5.62 -2.16 -5.60
CA LYS A 6 5.76 -3.35 -6.45
C LYS A 6 4.46 -4.18 -6.38
N ALA A 7 3.71 -4.27 -7.49
CA ALA A 7 2.45 -5.04 -7.54
C ALA A 7 2.46 -5.98 -8.74
N LYS A 8 2.76 -7.28 -8.46
CA LYS A 8 2.82 -8.37 -9.46
C LYS A 8 3.89 -8.10 -10.56
N GLY A 9 4.89 -7.26 -10.23
CA GLY A 9 5.92 -6.83 -11.18
C GLY A 9 5.75 -5.38 -11.59
N GLY A 10 4.47 -4.92 -11.62
CA GLY A 10 4.13 -3.53 -11.94
C GLY A 10 4.51 -2.57 -10.82
N THR A 11 5.76 -2.10 -10.86
CA THR A 11 6.31 -1.16 -9.88
C THR A 11 5.78 0.26 -10.19
N HIS A 12 4.92 0.78 -9.31
CA HIS A 12 4.21 2.06 -9.50
C HIS A 12 4.69 3.11 -8.50
N LEU A 13 4.60 4.38 -8.89
CA LEU A 13 5.15 5.51 -8.13
C LEU A 13 3.99 6.37 -7.60
N LEU A 14 3.80 6.40 -6.27
CA LEU A 14 2.79 7.22 -5.60
C LEU A 14 3.48 8.45 -4.97
N GLN A 15 3.44 9.60 -5.68
CA GLN A 15 3.85 10.91 -5.14
C GLN A 15 2.75 11.52 -4.25
N GLY A 16 1.54 10.92 -4.29
CA GLY A 16 0.40 11.39 -3.49
C GLY A 16 0.51 11.08 -2.00
N LEU A 17 1.51 10.27 -1.62
CA LEU A 17 1.75 9.90 -0.22
C LEU A 17 2.46 11.05 0.53
N SER A 18 1.84 11.47 1.63
CA SER A 18 2.40 12.42 2.61
C SER A 18 2.87 11.65 3.86
N SER A 19 3.37 12.38 4.87
CA SER A 19 3.90 11.77 6.12
C SER A 19 2.79 11.08 6.94
N ARG A 20 1.60 11.70 7.00
CA ARG A 20 0.47 11.21 7.83
C ARG A 20 -0.62 10.52 6.99
N THR A 21 -0.23 9.93 5.87
CA THR A 21 -1.13 9.14 5.02
C THR A 21 -1.65 7.88 5.76
N ARG A 22 -2.93 7.96 6.19
CA ARG A 22 -3.64 6.89 6.93
C ARG A 22 -3.87 5.66 6.02
N LEU A 23 -4.40 4.53 6.59
CA LEU A 23 -4.71 3.29 5.81
C LEU A 23 -5.65 3.63 4.64
N ARG A 24 -6.75 4.35 4.95
CA ARG A 24 -7.78 4.77 3.97
C ARG A 24 -7.19 5.61 2.81
N GLU A 25 -6.06 6.27 3.08
CA GLU A 25 -5.38 7.14 2.12
C GLU A 25 -4.28 6.33 1.37
N LEU A 26 -3.64 5.40 2.08
CA LEU A 26 -2.47 4.64 1.60
C LEU A 26 -2.96 3.50 0.69
N GLN A 27 -3.63 2.51 1.30
CA GLN A 27 -4.22 1.37 0.57
C GLN A 27 -5.38 1.84 -0.32
N GLY A 28 -5.92 3.03 0.00
CA GLY A 28 -6.95 3.68 -0.80
C GLY A 28 -6.41 4.14 -2.15
N GLN A 29 -5.20 4.76 -2.15
CA GLN A 29 -4.56 5.21 -3.40
C GLN A 29 -4.04 4.01 -4.18
N ILE A 30 -3.48 3.01 -3.47
CA ILE A 30 -3.01 1.75 -4.08
C ILE A 30 -4.17 1.03 -4.85
N ALA A 31 -5.38 1.07 -4.28
CA ALA A 31 -6.61 0.55 -4.93
C ALA A 31 -6.96 1.34 -6.22
N ALA A 32 -6.51 2.60 -6.27
CA ALA A 32 -6.73 3.51 -7.42
C ALA A 32 -5.56 3.45 -8.42
N ILE A 33 -4.37 3.03 -7.93
CA ILE A 33 -3.13 3.00 -8.72
C ILE A 33 -3.04 1.65 -9.48
N THR A 34 -2.83 0.57 -8.73
CA THR A 34 -2.60 -0.78 -9.31
C THR A 34 -3.91 -1.60 -9.34
N GLY A 35 -4.95 -1.11 -8.66
CA GLY A 35 -6.27 -1.73 -8.70
C GLY A 35 -6.43 -2.90 -7.73
N ILE A 36 -5.48 -3.05 -6.80
CA ILE A 36 -5.58 -4.07 -5.75
C ILE A 36 -6.39 -3.49 -4.58
N ALA A 37 -7.60 -4.06 -4.34
CA ALA A 37 -8.50 -3.65 -3.25
C ALA A 37 -7.77 -3.66 -1.88
N PRO A 38 -8.04 -2.69 -0.94
CA PRO A 38 -7.31 -2.58 0.37
C PRO A 38 -7.41 -3.86 1.23
N GLY A 39 -8.48 -4.65 1.00
CA GLY A 39 -8.68 -5.94 1.68
C GLY A 39 -8.12 -7.12 0.90
N SER A 40 -7.21 -6.85 -0.05
CA SER A 40 -6.56 -7.86 -0.90
C SER A 40 -5.04 -7.60 -0.98
N GLN A 41 -4.59 -6.51 -0.36
CA GLN A 41 -3.17 -6.12 -0.34
C GLN A 41 -2.72 -5.98 1.11
N ARG A 42 -1.45 -6.33 1.33
CA ARG A 42 -0.70 -6.04 2.56
C ARG A 42 0.53 -5.24 2.15
N ILE A 43 1.21 -4.66 3.14
CA ILE A 43 2.40 -3.85 2.91
C ILE A 43 3.61 -4.68 3.28
N LEU A 44 4.40 -5.04 2.28
CA LEU A 44 5.65 -5.80 2.46
C LEU A 44 6.82 -4.88 2.07
N VAL A 45 8.05 -5.38 2.19
CA VAL A 45 9.27 -4.54 2.03
C VAL A 45 10.33 -5.27 1.20
N GLY A 46 11.34 -4.49 0.73
CA GLY A 46 12.43 -5.00 -0.11
C GLY A 46 13.48 -5.82 0.66
N TYR A 47 13.27 -6.00 1.97
CA TYR A 47 14.06 -6.92 2.81
C TYR A 47 13.09 -7.99 3.40
N PRO A 48 13.57 -9.08 4.12
CA PRO A 48 12.70 -10.06 4.85
C PRO A 48 11.47 -9.40 5.54
N PRO A 49 10.23 -9.54 4.94
CA PRO A 49 9.04 -8.81 5.39
C PRO A 49 8.52 -9.29 6.76
N GLU A 50 7.98 -8.35 7.55
CA GLU A 50 7.43 -8.61 8.89
C GLU A 50 5.93 -8.96 8.81
N CYS A 51 5.39 -9.02 7.55
CA CYS A 51 3.97 -9.25 7.25
C CYS A 51 3.09 -8.20 7.96
N LEU A 52 3.12 -6.98 7.42
CA LEU A 52 2.47 -5.80 8.03
C LEU A 52 0.95 -5.85 7.78
N ASP A 53 0.22 -6.28 8.82
CA ASP A 53 -1.24 -6.30 8.83
C ASP A 53 -1.75 -4.96 9.36
N LEU A 54 -2.25 -4.11 8.45
CA LEU A 54 -2.81 -2.80 8.78
C LEU A 54 -4.19 -3.03 9.44
N SER A 55 -4.16 -3.28 10.77
CA SER A 55 -5.33 -3.64 11.58
C SER A 55 -6.13 -2.38 11.98
N ASP A 56 -5.46 -1.22 11.96
CA ASP A 56 -6.05 0.08 12.30
C ASP A 56 -6.23 0.91 11.03
N ARG A 57 -7.38 1.57 10.90
CA ARG A 57 -7.72 2.40 9.72
C ARG A 57 -7.04 3.77 9.76
N ASP A 58 -6.65 4.21 10.97
CA ASP A 58 -6.02 5.53 11.20
C ASP A 58 -4.48 5.43 11.15
N ILE A 59 -3.94 4.21 10.98
CA ILE A 59 -2.48 3.96 10.97
C ILE A 59 -1.81 4.70 9.80
N THR A 60 -0.82 5.55 10.11
CA THR A 60 -0.16 6.40 9.12
C THR A 60 1.23 5.86 8.77
N LEU A 61 1.90 6.55 7.83
CA LEU A 61 3.26 6.19 7.38
C LEU A 61 4.32 6.59 8.42
N GLY A 62 3.87 7.27 9.50
CA GLY A 62 4.70 7.54 10.68
C GLY A 62 4.84 6.30 11.56
N ASP A 63 3.83 5.41 11.51
CA ASP A 63 3.84 4.12 12.22
C ASP A 63 4.43 3.03 11.32
N LEU A 64 4.03 3.10 10.05
CA LEU A 64 4.43 2.13 9.01
C LEU A 64 5.86 2.44 8.47
N PRO A 65 6.62 1.41 7.96
CA PRO A 65 8.01 1.57 7.43
C PRO A 65 8.07 2.15 6.00
N ILE A 66 7.04 2.91 5.60
CA ILE A 66 7.06 3.66 4.33
C ILE A 66 7.92 4.91 4.55
N GLN A 67 8.90 5.12 3.66
CA GLN A 67 9.83 6.26 3.71
C GLN A 67 9.64 7.12 2.45
N SER A 68 10.42 8.22 2.31
CA SER A 68 10.21 9.27 1.28
C SER A 68 10.47 8.82 -0.19
N GLY A 69 10.88 7.56 -0.38
CA GLY A 69 11.09 6.97 -1.70
C GLY A 69 11.42 5.49 -1.58
N ASP A 70 10.73 4.81 -0.65
CA ASP A 70 11.04 3.42 -0.26
C ASP A 70 10.37 2.40 -1.20
N MET A 71 10.86 1.14 -1.14
CA MET A 71 10.34 0.04 -1.94
C MET A 71 9.40 -0.83 -1.08
N LEU A 72 8.09 -0.65 -1.29
CA LEU A 72 7.04 -1.44 -0.62
C LEU A 72 6.41 -2.38 -1.64
N ILE A 73 6.27 -3.66 -1.27
CA ILE A 73 5.65 -4.68 -2.13
C ILE A 73 4.16 -4.77 -1.77
N VAL A 74 3.31 -4.39 -2.73
CA VAL A 74 1.86 -4.65 -2.71
C VAL A 74 1.60 -6.04 -3.32
N GLU A 75 1.08 -6.94 -2.50
CA GLU A 75 0.63 -8.26 -2.97
C GLU A 75 -0.82 -8.18 -3.45
N GLU A 76 -1.22 -9.14 -4.28
CA GLU A 76 -2.61 -9.31 -4.71
C GLU A 76 -3.12 -10.66 -4.21
N ASP A 77 -4.09 -10.61 -3.28
CA ASP A 77 -4.71 -11.81 -2.68
C ASP A 77 -5.58 -12.52 -3.74
N GLN A 78 -6.05 -11.72 -4.74
CA GLN A 78 -6.80 -12.19 -5.94
C GLN A 78 -7.92 -13.20 -5.61
N THR A 79 -8.63 -12.91 -4.51
CA THR A 79 -9.74 -13.73 -4.00
C THR A 79 -10.86 -13.91 -5.07
N ARG A 80 -11.19 -12.81 -5.77
CA ARG A 80 -12.23 -12.78 -6.81
C ARG A 80 -12.25 -11.39 -7.50
N PRO A 81 -12.65 -11.32 -8.82
CA PRO A 81 -12.89 -10.04 -9.52
C PRO A 81 -14.11 -9.31 -8.92
N LYS A 82 -13.89 -8.11 -8.35
CA LYS A 82 -14.95 -7.34 -7.70
C LYS A 82 -15.94 -6.76 -8.72
N ALA A 83 -17.22 -7.14 -8.57
CA ALA A 83 -18.34 -6.62 -9.40
C ALA A 83 -18.88 -5.29 -8.83
N SER A 84 -18.31 -4.84 -7.69
CA SER A 84 -18.72 -3.61 -6.99
C SER A 84 -18.12 -2.35 -7.66
N PRO A 85 -18.81 -1.15 -7.55
CA PRO A 85 -18.35 0.11 -8.19
C PRO A 85 -16.93 0.54 -7.72
N SER A 86 -16.08 0.89 -8.70
CA SER A 86 -14.68 1.27 -8.45
C SER A 86 -14.60 2.79 -8.20
N TRP A 1 6.32 12.16 -0.14
CA TRP A 1 6.81 10.77 -0.02
C TRP A 1 6.57 10.05 -1.35
N ARG A 2 7.63 10.01 -2.19
CA ARG A 2 7.60 9.40 -3.53
C ARG A 2 8.04 7.93 -3.42
N VAL A 3 7.08 7.06 -3.06
CA VAL A 3 7.34 5.65 -2.69
C VAL A 3 6.91 4.69 -3.82
N ARG A 4 7.73 3.64 -4.03
CA ARG A 4 7.51 2.63 -5.10
C ARG A 4 6.61 1.49 -4.60
N CYS A 5 5.79 0.90 -5.51
CA CYS A 5 4.94 -0.27 -5.21
C CYS A 5 5.11 -1.36 -6.30
N LYS A 6 5.65 -2.52 -5.90
CA LYS A 6 5.86 -3.69 -6.77
C LYS A 6 4.53 -4.45 -6.93
N ALA A 7 4.08 -4.64 -8.17
CA ALA A 7 2.84 -5.40 -8.48
C ALA A 7 2.98 -6.10 -9.85
N LYS A 8 1.99 -6.96 -10.20
CA LYS A 8 2.01 -7.72 -11.47
C LYS A 8 1.80 -6.80 -12.69
N GLY A 9 1.16 -5.64 -12.45
CA GLY A 9 1.00 -4.60 -13.48
C GLY A 9 2.18 -3.63 -13.53
N GLY A 10 3.33 -4.08 -12.99
CA GLY A 10 4.58 -3.31 -13.00
C GLY A 10 4.87 -2.64 -11.67
N THR A 11 6.04 -2.02 -11.58
CA THR A 11 6.42 -1.18 -10.46
C THR A 11 5.88 0.24 -10.71
N HIS A 12 4.99 0.70 -9.85
CA HIS A 12 4.44 2.08 -9.90
C HIS A 12 5.12 2.92 -8.82
N LEU A 13 4.78 4.21 -8.74
CA LEU A 13 5.45 5.14 -7.84
C LEU A 13 4.42 6.19 -7.35
N LEU A 14 3.93 6.00 -6.11
CA LEU A 14 2.97 6.91 -5.46
C LEU A 14 3.70 8.14 -4.90
N GLN A 15 3.43 9.32 -5.47
CA GLN A 15 3.98 10.61 -5.00
C GLN A 15 2.94 11.39 -4.18
N GLY A 16 1.68 10.91 -4.18
CA GLY A 16 0.59 11.53 -3.41
C GLY A 16 0.51 11.04 -1.97
N LEU A 17 1.69 10.90 -1.33
CA LEU A 17 1.81 10.44 0.05
C LEU A 17 2.45 11.54 0.93
N SER A 18 1.72 11.93 1.97
CA SER A 18 2.22 12.81 3.04
C SER A 18 2.67 11.95 4.23
N SER A 19 3.31 12.59 5.24
CA SER A 19 3.77 11.90 6.46
C SER A 19 2.60 11.30 7.27
N ARG A 20 1.42 11.94 7.15
CA ARG A 20 0.21 11.56 7.88
C ARG A 20 -0.87 10.97 6.96
N THR A 21 -0.43 10.32 5.85
CA THR A 21 -1.32 9.48 5.04
C THR A 21 -1.65 8.21 5.83
N ARG A 22 -2.94 7.99 6.07
CA ARG A 22 -3.45 6.91 6.92
C ARG A 22 -3.70 5.66 6.08
N LEU A 23 -3.99 4.51 6.74
CA LEU A 23 -4.22 3.20 6.08
C LEU A 23 -5.30 3.30 4.98
N ARG A 24 -6.45 3.88 5.37
CA ARG A 24 -7.61 4.07 4.46
C ARG A 24 -7.23 4.87 3.19
N GLU A 25 -6.28 5.81 3.35
CA GLU A 25 -5.82 6.71 2.27
C GLU A 25 -4.67 6.06 1.48
N LEU A 26 -3.86 5.24 2.17
CA LEU A 26 -2.64 4.63 1.62
C LEU A 26 -3.04 3.50 0.66
N GLN A 27 -3.66 2.43 1.22
CA GLN A 27 -4.16 1.29 0.45
C GLN A 27 -5.34 1.71 -0.45
N GLY A 28 -5.97 2.84 -0.09
CA GLY A 28 -7.01 3.45 -0.92
C GLY A 28 -6.45 4.00 -2.22
N GLN A 29 -5.28 4.65 -2.13
CA GLN A 29 -4.58 5.21 -3.32
C GLN A 29 -3.97 4.09 -4.15
N ILE A 30 -3.47 3.03 -3.48
CA ILE A 30 -2.89 1.85 -4.15
C ILE A 30 -3.98 1.13 -5.00
N ALA A 31 -5.22 1.09 -4.47
CA ALA A 31 -6.40 0.56 -5.18
C ALA A 31 -6.75 1.39 -6.45
N ALA A 32 -6.32 2.66 -6.45
CA ALA A 32 -6.53 3.60 -7.59
C ALA A 32 -5.29 3.64 -8.53
N ILE A 33 -4.10 3.33 -7.97
CA ILE A 33 -2.81 3.38 -8.71
C ILE A 33 -2.60 2.10 -9.53
N THR A 34 -2.48 0.97 -8.83
CA THR A 34 -2.17 -0.34 -9.42
C THR A 34 -3.40 -1.28 -9.38
N GLY A 35 -4.52 -0.77 -8.82
CA GLY A 35 -5.82 -1.45 -8.88
C GLY A 35 -5.96 -2.58 -7.87
N ILE A 36 -5.04 -2.68 -6.89
CA ILE A 36 -5.04 -3.81 -5.93
C ILE A 36 -5.96 -3.53 -4.74
N ALA A 37 -6.81 -4.53 -4.42
CA ALA A 37 -7.77 -4.48 -3.30
C ALA A 37 -7.01 -4.35 -1.96
N PRO A 38 -7.41 -3.38 -1.06
CA PRO A 38 -6.77 -3.18 0.27
C PRO A 38 -6.80 -4.43 1.17
N GLY A 39 -7.79 -5.31 0.92
CA GLY A 39 -7.95 -6.57 1.67
C GLY A 39 -7.03 -7.70 1.20
N SER A 40 -6.25 -7.44 0.13
CA SER A 40 -5.29 -8.42 -0.44
C SER A 40 -3.84 -8.01 -0.12
N GLN A 41 -3.56 -6.72 -0.37
CA GLN A 41 -2.22 -6.12 -0.15
C GLN A 41 -1.99 -5.84 1.35
N ARG A 42 -0.70 -5.83 1.73
CA ARG A 42 -0.22 -5.34 3.06
C ARG A 42 1.19 -4.77 2.89
N ILE A 43 1.67 -4.06 3.95
CA ILE A 43 2.96 -3.35 3.90
C ILE A 43 4.12 -4.32 4.10
N LEU A 44 4.75 -4.61 2.98
CA LEU A 44 5.93 -5.46 2.86
C LEU A 44 7.00 -4.60 2.21
N VAL A 45 8.24 -4.66 2.70
CA VAL A 45 9.31 -3.71 2.30
C VAL A 45 10.56 -4.45 1.79
N GLY A 46 11.58 -3.65 1.38
CA GLY A 46 12.84 -4.16 0.82
C GLY A 46 13.56 -5.16 1.74
N TYR A 47 13.72 -4.77 3.02
CA TYR A 47 14.27 -5.66 4.07
C TYR A 47 13.15 -6.61 4.59
N PRO A 48 13.51 -7.83 5.16
CA PRO A 48 12.53 -8.85 5.65
C PRO A 48 11.37 -8.25 6.49
N PRO A 49 10.11 -8.20 5.92
CA PRO A 49 8.92 -7.75 6.64
C PRO A 49 8.26 -8.90 7.44
N GLU A 50 7.32 -8.54 8.31
CA GLU A 50 6.67 -9.49 9.25
C GLU A 50 5.17 -9.67 8.92
N CYS A 51 4.79 -9.42 7.65
CA CYS A 51 3.39 -9.47 7.17
C CYS A 51 2.50 -8.57 8.06
N LEU A 52 2.78 -7.25 8.00
CA LEU A 52 2.20 -6.28 8.93
C LEU A 52 0.67 -6.20 8.81
N ASP A 53 0.01 -6.37 9.96
CA ASP A 53 -1.44 -6.32 10.08
C ASP A 53 -1.86 -4.88 10.41
N LEU A 54 -2.13 -4.09 9.35
CA LEU A 54 -2.63 -2.71 9.49
C LEU A 54 -4.12 -2.78 9.89
N SER A 55 -4.36 -2.89 11.20
CA SER A 55 -5.68 -3.09 11.79
C SER A 55 -6.45 -1.76 11.87
N ASP A 56 -5.74 -0.69 12.27
CA ASP A 56 -6.34 0.65 12.42
C ASP A 56 -6.43 1.36 11.05
N ARG A 57 -7.67 1.67 10.64
CA ARG A 57 -7.96 2.44 9.41
C ARG A 57 -7.27 3.84 9.40
N ASP A 58 -7.04 4.40 10.61
CA ASP A 58 -6.51 5.77 10.79
C ASP A 58 -4.96 5.76 10.95
N ILE A 59 -4.32 4.57 10.96
CA ILE A 59 -2.87 4.45 11.24
C ILE A 59 -2.03 5.04 10.09
N THR A 60 -1.11 5.96 10.43
CA THR A 60 -0.35 6.74 9.44
C THR A 60 0.96 6.07 9.05
N LEU A 61 1.60 6.66 8.02
CA LEU A 61 2.93 6.23 7.53
C LEU A 61 4.03 6.46 8.59
N GLY A 62 3.71 7.33 9.60
CA GLY A 62 4.60 7.56 10.75
C GLY A 62 4.86 6.30 11.57
N ASP A 63 3.90 5.35 11.57
CA ASP A 63 4.05 4.06 12.24
C ASP A 63 4.72 3.04 11.30
N LEU A 64 4.15 2.91 10.09
CA LEU A 64 4.51 1.87 9.11
C LEU A 64 5.84 2.21 8.38
N PRO A 65 6.60 1.17 7.84
CA PRO A 65 7.92 1.36 7.17
C PRO A 65 7.82 1.85 5.70
N ILE A 66 6.83 2.71 5.41
CA ILE A 66 6.77 3.46 4.14
C ILE A 66 7.90 4.49 4.20
N GLN A 67 8.89 4.36 3.31
CA GLN A 67 10.02 5.31 3.26
C GLN A 67 10.04 5.98 1.89
N SER A 68 10.51 7.24 1.85
CA SER A 68 10.55 8.05 0.62
C SER A 68 11.53 7.44 -0.41
N GLY A 69 10.96 6.78 -1.44
CA GLY A 69 11.73 6.14 -2.52
C GLY A 69 11.96 4.64 -2.32
N ASP A 70 11.24 4.05 -1.35
CA ASP A 70 11.44 2.65 -0.94
C ASP A 70 10.56 1.69 -1.76
N MET A 71 10.96 0.41 -1.73
CA MET A 71 10.33 -0.68 -2.48
C MET A 71 9.33 -1.42 -1.58
N LEU A 72 8.04 -1.22 -1.84
CA LEU A 72 6.95 -1.89 -1.10
C LEU A 72 6.27 -2.92 -1.98
N ILE A 73 6.18 -4.17 -1.50
CA ILE A 73 5.58 -5.29 -2.23
C ILE A 73 4.06 -5.28 -1.98
N VAL A 74 3.32 -4.81 -2.99
CA VAL A 74 1.87 -4.83 -3.01
C VAL A 74 1.39 -6.11 -3.72
N GLU A 75 0.78 -7.02 -2.96
CA GLU A 75 0.35 -8.34 -3.48
C GLU A 75 -1.18 -8.38 -3.64
N GLU A 76 -1.65 -9.25 -4.55
CA GLU A 76 -3.07 -9.39 -4.89
C GLU A 76 -3.43 -10.89 -4.96
N ASP A 77 -4.53 -11.26 -4.28
CA ASP A 77 -5.03 -12.64 -4.24
C ASP A 77 -6.02 -12.91 -5.40
N GLN A 78 -6.33 -11.83 -6.16
CA GLN A 78 -7.36 -11.80 -7.24
C GLN A 78 -8.77 -11.89 -6.63
N THR A 79 -8.88 -11.42 -5.36
CA THR A 79 -10.15 -11.37 -4.61
C THR A 79 -10.99 -10.18 -5.09
N ARG A 80 -10.30 -9.05 -5.39
CA ARG A 80 -10.92 -7.77 -5.81
C ARG A 80 -11.75 -7.13 -4.66
N PRO A 81 -12.14 -5.81 -4.77
CA PRO A 81 -13.20 -5.25 -3.90
C PRO A 81 -14.54 -5.98 -4.13
N LYS A 82 -15.09 -6.58 -3.05
CA LYS A 82 -16.34 -7.37 -3.09
C LYS A 82 -17.56 -6.45 -3.32
N ALA A 83 -17.77 -6.08 -4.59
CA ALA A 83 -18.84 -5.16 -5.02
C ALA A 83 -18.92 -5.10 -6.55
N SER A 84 -20.00 -4.48 -7.06
CA SER A 84 -20.18 -4.17 -8.49
C SER A 84 -20.59 -2.69 -8.65
N PRO A 85 -19.60 -1.74 -8.82
CA PRO A 85 -19.88 -0.29 -9.02
C PRO A 85 -20.83 -0.05 -10.22
N SER A 86 -20.47 -0.64 -11.37
CA SER A 86 -21.30 -0.65 -12.59
C SER A 86 -20.68 -1.66 -13.61
N TRP A 1 6.27 12.81 -0.41
CA TRP A 1 6.84 11.45 -0.47
C TRP A 1 6.51 10.83 -1.83
N ARG A 2 7.52 10.22 -2.47
CA ARG A 2 7.40 9.54 -3.78
C ARG A 2 7.70 8.04 -3.59
N VAL A 3 6.66 7.27 -3.25
CA VAL A 3 6.80 5.86 -2.83
C VAL A 3 6.73 4.91 -4.04
N ARG A 4 7.62 3.89 -4.04
CA ARG A 4 7.68 2.85 -5.08
C ARG A 4 6.72 1.71 -4.68
N CYS A 5 5.98 1.17 -5.67
CA CYS A 5 4.94 0.14 -5.43
C CYS A 5 5.10 -1.02 -6.42
N LYS A 6 5.69 -2.14 -5.95
CA LYS A 6 5.74 -3.38 -6.72
C LYS A 6 4.34 -4.00 -6.70
N ALA A 7 3.92 -4.65 -7.78
CA ALA A 7 2.58 -5.24 -7.88
C ALA A 7 2.63 -6.62 -8.56
N LYS A 8 1.43 -7.12 -8.90
CA LYS A 8 1.21 -8.39 -9.63
C LYS A 8 2.07 -8.51 -10.91
N GLY A 9 2.38 -7.35 -11.52
CA GLY A 9 3.19 -7.28 -12.72
C GLY A 9 3.71 -5.87 -12.97
N GLY A 10 4.87 -5.55 -12.37
CA GLY A 10 5.55 -4.27 -12.58
C GLY A 10 5.51 -3.36 -11.35
N THR A 11 6.33 -2.30 -11.38
CA THR A 11 6.43 -1.30 -10.31
C THR A 11 5.76 0.01 -10.74
N HIS A 12 5.22 0.74 -9.75
CA HIS A 12 4.50 2.01 -9.90
C HIS A 12 5.21 3.09 -9.05
N LEU A 13 4.90 4.37 -9.32
CA LEU A 13 5.46 5.49 -8.55
C LEU A 13 4.30 6.39 -8.08
N LEU A 14 3.96 6.26 -6.79
CA LEU A 14 2.85 6.98 -6.16
C LEU A 14 3.30 8.40 -5.77
N GLN A 15 2.58 9.40 -6.31
CA GLN A 15 2.77 10.82 -5.98
C GLN A 15 1.71 11.26 -4.95
N GLY A 16 1.99 12.36 -4.25
CA GLY A 16 1.03 12.97 -3.31
C GLY A 16 1.02 12.34 -1.93
N LEU A 17 2.01 11.46 -1.67
CA LEU A 17 2.16 10.81 -0.36
C LEU A 17 2.72 11.82 0.66
N SER A 18 2.15 11.76 1.86
CA SER A 18 2.51 12.63 2.99
C SER A 18 3.15 11.76 4.09
N SER A 19 3.60 12.39 5.19
CA SER A 19 4.04 11.67 6.40
C SER A 19 2.81 11.29 7.26
N ARG A 20 1.72 12.10 7.12
CA ARG A 20 0.45 11.93 7.86
C ARG A 20 -0.51 10.95 7.15
N THR A 21 -0.03 10.31 6.08
CA THR A 21 -0.81 9.34 5.30
C THR A 21 -1.19 8.12 6.18
N ARG A 22 -2.49 8.00 6.45
CA ARG A 22 -3.07 6.90 7.23
C ARG A 22 -3.26 5.65 6.34
N LEU A 23 -3.78 4.55 6.92
CA LEU A 23 -4.06 3.29 6.18
C LEU A 23 -5.03 3.56 5.02
N ARG A 24 -6.20 4.15 5.36
CA ARG A 24 -7.29 4.41 4.41
C ARG A 24 -6.87 5.40 3.29
N GLU A 25 -5.81 6.17 3.57
CA GLU A 25 -5.16 7.04 2.58
C GLU A 25 -4.24 6.20 1.67
N LEU A 26 -3.35 5.42 2.32
CA LEU A 26 -2.23 4.70 1.68
C LEU A 26 -2.74 3.54 0.81
N GLN A 27 -3.34 2.53 1.47
CA GLN A 27 -3.90 1.34 0.78
C GLN A 27 -5.11 1.72 -0.11
N GLY A 28 -5.68 2.91 0.14
CA GLY A 28 -6.75 3.47 -0.69
C GLY A 28 -6.22 3.98 -2.02
N GLN A 29 -5.04 4.65 -1.97
CA GLN A 29 -4.36 5.19 -3.18
C GLN A 29 -3.83 4.03 -4.04
N ILE A 30 -3.33 2.98 -3.36
CA ILE A 30 -2.85 1.75 -4.01
C ILE A 30 -3.97 1.09 -4.86
N ALA A 31 -5.19 1.04 -4.28
CA ALA A 31 -6.40 0.52 -4.95
C ALA A 31 -6.75 1.35 -6.22
N ALA A 32 -6.33 2.63 -6.22
CA ALA A 32 -6.55 3.54 -7.36
C ALA A 32 -5.39 3.47 -8.39
N ILE A 33 -4.16 3.12 -7.92
CA ILE A 33 -2.96 3.07 -8.77
C ILE A 33 -2.87 1.72 -9.52
N THR A 34 -2.59 0.64 -8.77
CA THR A 34 -2.37 -0.71 -9.34
C THR A 34 -3.70 -1.47 -9.47
N GLY A 35 -4.74 -1.00 -8.77
CA GLY A 35 -6.07 -1.58 -8.86
C GLY A 35 -6.30 -2.73 -7.87
N ILE A 36 -5.25 -3.09 -7.09
CA ILE A 36 -5.36 -4.15 -6.08
C ILE A 36 -6.10 -3.58 -4.86
N ALA A 37 -7.32 -4.11 -4.61
CA ALA A 37 -8.19 -3.70 -3.48
C ALA A 37 -7.44 -3.89 -2.13
N PRO A 38 -7.67 -2.99 -1.11
CA PRO A 38 -6.93 -3.02 0.18
C PRO A 38 -7.08 -4.36 0.94
N GLY A 39 -8.18 -5.09 0.66
CA GLY A 39 -8.42 -6.43 1.23
C GLY A 39 -7.81 -7.56 0.39
N SER A 40 -6.84 -7.23 -0.47
CA SER A 40 -6.09 -8.19 -1.31
C SER A 40 -4.60 -7.81 -1.38
N GLN A 41 -4.17 -6.89 -0.52
CA GLN A 41 -2.79 -6.40 -0.50
C GLN A 41 -2.39 -6.01 0.91
N ARG A 42 -1.12 -6.27 1.24
CA ARG A 42 -0.53 -5.96 2.55
C ARG A 42 0.72 -5.10 2.35
N ILE A 43 1.32 -4.68 3.47
CA ILE A 43 2.47 -3.77 3.45
C ILE A 43 3.74 -4.58 3.67
N LEU A 44 4.43 -4.83 2.57
CA LEU A 44 5.71 -5.53 2.55
C LEU A 44 6.76 -4.53 2.04
N VAL A 45 7.99 -4.62 2.55
CA VAL A 45 9.08 -3.68 2.19
C VAL A 45 10.20 -4.44 1.45
N GLY A 46 11.15 -3.68 0.86
CA GLY A 46 12.24 -4.25 0.02
C GLY A 46 13.05 -5.34 0.72
N TYR A 47 13.46 -5.04 1.96
CA TYR A 47 14.09 -6.02 2.87
C TYR A 47 12.99 -6.89 3.54
N PRO A 48 13.32 -8.11 4.12
CA PRO A 48 12.33 -9.00 4.80
C PRO A 48 11.41 -8.25 5.82
N PRO A 49 10.08 -8.09 5.50
CA PRO A 49 9.11 -7.41 6.40
C PRO A 49 8.60 -8.33 7.53
N GLU A 50 7.71 -7.78 8.38
CA GLU A 50 7.14 -8.49 9.53
C GLU A 50 5.75 -9.09 9.20
N CYS A 51 5.40 -9.13 7.87
CA CYS A 51 4.07 -9.55 7.39
C CYS A 51 3.00 -8.68 8.09
N LEU A 52 3.02 -7.37 7.76
CA LEU A 52 2.32 -6.32 8.53
C LEU A 52 0.78 -6.47 8.48
N ASP A 53 0.17 -6.44 9.68
CA ASP A 53 -1.28 -6.58 9.86
C ASP A 53 -1.88 -5.20 10.16
N LEU A 54 -2.27 -4.48 9.11
CA LEU A 54 -2.91 -3.16 9.22
C LEU A 54 -4.42 -3.33 9.40
N SER A 55 -4.89 -3.11 10.64
CA SER A 55 -6.32 -3.19 11.00
C SER A 55 -6.94 -1.77 11.09
N ASP A 56 -6.28 -0.89 11.88
CA ASP A 56 -6.77 0.49 12.12
C ASP A 56 -6.61 1.36 10.87
N ARG A 57 -7.73 1.75 10.27
CA ARG A 57 -7.80 2.68 9.10
C ARG A 57 -7.05 4.03 9.36
N ASP A 58 -6.92 4.43 10.63
CA ASP A 58 -6.37 5.76 11.01
C ASP A 58 -4.82 5.70 11.27
N ILE A 59 -4.23 4.49 11.17
CA ILE A 59 -2.79 4.28 11.49
C ILE A 59 -1.89 4.91 10.40
N THR A 60 -0.95 5.80 10.81
CA THR A 60 -0.09 6.57 9.89
C THR A 60 1.21 5.83 9.54
N LEU A 61 1.99 6.46 8.64
CA LEU A 61 3.33 5.98 8.23
C LEU A 61 4.36 6.23 9.35
N GLY A 62 3.95 6.95 10.40
CA GLY A 62 4.76 7.13 11.62
C GLY A 62 4.91 5.83 12.41
N ASP A 63 4.01 4.85 12.15
CA ASP A 63 4.07 3.52 12.75
C ASP A 63 4.68 2.50 11.75
N LEU A 64 4.14 2.45 10.52
CA LEU A 64 4.56 1.48 9.48
C LEU A 64 5.82 2.01 8.71
N PRO A 65 6.73 1.10 8.22
CA PRO A 65 8.02 1.49 7.58
C PRO A 65 7.90 1.97 6.10
N ILE A 66 6.77 2.61 5.73
CA ILE A 66 6.68 3.32 4.43
C ILE A 66 7.56 4.56 4.53
N GLN A 67 8.60 4.64 3.68
CA GLN A 67 9.48 5.81 3.61
C GLN A 67 9.44 6.40 2.19
N SER A 68 9.91 7.64 2.05
CA SER A 68 9.89 8.36 0.76
C SER A 68 10.93 7.75 -0.20
N GLY A 69 10.44 7.04 -1.24
CA GLY A 69 11.31 6.36 -2.22
C GLY A 69 11.55 4.89 -1.90
N ASP A 70 10.95 4.42 -0.79
CA ASP A 70 11.10 3.02 -0.33
C ASP A 70 10.30 2.06 -1.24
N MET A 71 10.73 0.79 -1.23
CA MET A 71 10.18 -0.27 -2.06
C MET A 71 9.07 -1.00 -1.28
N LEU A 72 7.82 -0.72 -1.64
CA LEU A 72 6.63 -1.35 -1.02
C LEU A 72 6.05 -2.39 -2.00
N ILE A 73 6.07 -3.67 -1.59
CA ILE A 73 5.54 -4.78 -2.39
C ILE A 73 4.05 -4.93 -2.07
N VAL A 74 3.23 -4.40 -2.99
CA VAL A 74 1.80 -4.66 -3.05
C VAL A 74 1.58 -6.04 -3.69
N GLU A 75 1.23 -7.00 -2.84
CA GLU A 75 0.87 -8.36 -3.26
C GLU A 75 -0.56 -8.37 -3.82
N GLU A 76 -0.89 -9.42 -4.58
CA GLU A 76 -2.27 -9.69 -5.00
C GLU A 76 -2.70 -11.04 -4.38
N ASP A 77 -3.61 -10.96 -3.41
CA ASP A 77 -4.15 -12.14 -2.69
C ASP A 77 -5.24 -12.85 -3.55
N GLN A 78 -5.76 -12.12 -4.58
CA GLN A 78 -6.68 -12.67 -5.61
C GLN A 78 -8.06 -13.09 -5.04
N THR A 79 -8.37 -12.67 -3.79
CA THR A 79 -9.65 -13.00 -3.14
C THR A 79 -10.83 -12.19 -3.75
N ARG A 80 -10.48 -11.08 -4.45
CA ARG A 80 -11.44 -10.10 -5.05
C ARG A 80 -12.61 -9.76 -4.08
N PRO A 81 -12.34 -8.91 -3.04
CA PRO A 81 -13.26 -8.68 -1.92
C PRO A 81 -14.30 -7.57 -2.21
N LYS A 82 -15.12 -7.30 -1.19
CA LYS A 82 -16.15 -6.25 -1.23
C LYS A 82 -15.62 -4.96 -0.55
N ALA A 83 -14.27 -4.84 -0.50
CA ALA A 83 -13.57 -3.70 0.11
C ALA A 83 -13.78 -2.41 -0.72
N SER A 84 -14.66 -1.52 -0.20
CA SER A 84 -15.01 -0.22 -0.81
C SER A 84 -15.73 -0.42 -2.18
N PRO A 85 -17.06 -0.78 -2.17
CA PRO A 85 -17.89 -0.86 -3.40
C PRO A 85 -18.16 0.55 -3.98
N SER A 86 -17.19 1.05 -4.76
CA SER A 86 -17.23 2.40 -5.36
C SER A 86 -16.43 2.38 -6.69
N TRP A 1 6.15 13.14 -0.17
CA TRP A 1 6.78 11.81 -0.28
C TRP A 1 6.45 11.20 -1.65
N ARG A 2 7.48 10.61 -2.26
CA ARG A 2 7.39 9.88 -3.53
C ARG A 2 7.97 8.47 -3.29
N VAL A 3 7.10 7.45 -3.23
CA VAL A 3 7.50 6.07 -2.85
C VAL A 3 6.94 5.06 -3.87
N ARG A 4 7.76 4.06 -4.25
CA ARG A 4 7.40 3.04 -5.25
C ARG A 4 6.60 1.88 -4.63
N CYS A 5 5.78 1.23 -5.47
CA CYS A 5 4.92 0.09 -5.08
C CYS A 5 5.09 -1.07 -6.08
N LYS A 6 5.70 -2.18 -5.59
CA LYS A 6 5.92 -3.41 -6.36
C LYS A 6 4.64 -4.26 -6.34
N ALA A 7 3.94 -4.33 -7.48
CA ALA A 7 2.65 -5.04 -7.57
C ALA A 7 2.47 -5.67 -8.95
N LYS A 8 1.34 -6.38 -9.10
CA LYS A 8 0.96 -7.09 -10.34
C LYS A 8 0.80 -6.14 -11.54
N GLY A 9 0.31 -4.92 -11.26
CA GLY A 9 0.13 -3.90 -12.30
C GLY A 9 1.40 -3.11 -12.62
N GLY A 10 2.57 -3.72 -12.38
CA GLY A 10 3.87 -3.08 -12.61
C GLY A 10 4.38 -2.39 -11.35
N THR A 11 5.63 -1.95 -11.40
CA THR A 11 6.25 -1.18 -10.32
C THR A 11 5.99 0.31 -10.59
N HIS A 12 5.03 0.88 -9.87
CA HIS A 12 4.59 2.28 -10.01
C HIS A 12 5.20 3.13 -8.91
N LEU A 13 4.89 4.44 -8.93
CA LEU A 13 5.44 5.38 -7.95
C LEU A 13 4.29 6.30 -7.47
N LEU A 14 3.83 6.07 -6.23
CA LEU A 14 2.81 6.90 -5.56
C LEU A 14 3.37 8.31 -5.31
N GLN A 15 2.86 9.28 -6.07
CA GLN A 15 3.27 10.70 -6.01
C GLN A 15 2.64 11.39 -4.78
N GLY A 16 1.33 11.13 -4.58
CA GLY A 16 0.55 11.80 -3.53
C GLY A 16 0.65 11.10 -2.18
N LEU A 17 1.84 11.08 -1.59
CA LEU A 17 2.07 10.58 -0.23
C LEU A 17 2.60 11.70 0.69
N SER A 18 2.07 11.73 1.91
CA SER A 18 2.54 12.58 3.01
C SER A 18 3.07 11.67 4.14
N SER A 19 3.48 12.26 5.27
CA SER A 19 3.93 11.50 6.45
C SER A 19 2.73 10.87 7.17
N ARG A 20 1.58 11.58 7.14
CA ARG A 20 0.36 11.17 7.86
C ARG A 20 -0.70 10.59 6.90
N THR A 21 -0.24 9.98 5.80
CA THR A 21 -1.10 9.24 4.90
C THR A 21 -1.60 7.95 5.61
N ARG A 22 -2.89 7.99 6.00
CA ARG A 22 -3.58 6.90 6.73
C ARG A 22 -3.73 5.63 5.86
N LEU A 23 -4.28 4.53 6.44
CA LEU A 23 -4.56 3.27 5.70
C LEU A 23 -5.46 3.57 4.51
N ARG A 24 -6.63 4.14 4.83
CA ARG A 24 -7.65 4.57 3.86
C ARG A 24 -7.07 5.44 2.72
N GLU A 25 -6.06 6.27 3.04
CA GLU A 25 -5.39 7.11 2.04
C GLU A 25 -4.43 6.25 1.19
N LEU A 26 -3.57 5.48 1.87
CA LEU A 26 -2.44 4.75 1.27
C LEU A 26 -2.95 3.57 0.42
N GLN A 27 -3.54 2.57 1.10
CA GLN A 27 -4.00 1.33 0.44
C GLN A 27 -5.18 1.61 -0.51
N GLY A 28 -5.86 2.76 -0.29
CA GLY A 28 -6.94 3.20 -1.17
C GLY A 28 -6.42 3.77 -2.49
N GLN A 29 -5.26 4.48 -2.42
CA GLN A 29 -4.59 5.03 -3.61
C GLN A 29 -3.98 3.90 -4.44
N ILE A 30 -3.41 2.90 -3.74
CA ILE A 30 -2.82 1.71 -4.37
C ILE A 30 -3.92 0.90 -5.12
N ALA A 31 -5.14 0.86 -4.54
CA ALA A 31 -6.33 0.25 -5.17
C ALA A 31 -6.71 0.96 -6.47
N ALA A 32 -6.34 2.26 -6.56
CA ALA A 32 -6.58 3.11 -7.74
C ALA A 32 -5.40 3.05 -8.73
N ILE A 33 -4.20 2.69 -8.23
CA ILE A 33 -2.97 2.60 -9.05
C ILE A 33 -2.90 1.25 -9.78
N THR A 34 -2.68 0.17 -9.00
CA THR A 34 -2.40 -1.18 -9.54
C THR A 34 -3.66 -2.06 -9.56
N GLY A 35 -4.75 -1.54 -8.97
CA GLY A 35 -6.03 -2.25 -8.92
C GLY A 35 -6.04 -3.37 -7.91
N ILE A 36 -5.11 -3.34 -6.92
CA ILE A 36 -5.12 -4.27 -5.79
C ILE A 36 -5.78 -3.55 -4.59
N ALA A 37 -7.02 -3.97 -4.26
CA ALA A 37 -7.83 -3.40 -3.17
C ALA A 37 -7.14 -3.53 -1.79
N PRO A 38 -7.46 -2.64 -0.79
CA PRO A 38 -6.78 -2.61 0.53
C PRO A 38 -6.82 -3.96 1.31
N GLY A 39 -7.89 -4.74 1.12
CA GLY A 39 -8.03 -6.06 1.76
C GLY A 39 -7.49 -7.20 0.89
N SER A 40 -6.92 -6.85 -0.25
CA SER A 40 -6.22 -7.79 -1.15
C SER A 40 -4.69 -7.57 -1.07
N GLN A 41 -4.25 -6.56 -0.28
CA GLN A 41 -2.82 -6.19 -0.18
C GLN A 41 -2.45 -5.74 1.23
N ARG A 42 -1.13 -5.74 1.49
CA ARG A 42 -0.52 -5.33 2.77
C ARG A 42 0.84 -4.65 2.48
N ILE A 43 1.57 -4.28 3.54
CA ILE A 43 2.82 -3.52 3.44
C ILE A 43 4.01 -4.43 3.71
N LEU A 44 4.80 -4.72 2.66
CA LEU A 44 6.02 -5.53 2.77
C LEU A 44 7.23 -4.72 2.29
N VAL A 45 8.43 -5.14 2.69
CA VAL A 45 9.69 -4.41 2.42
C VAL A 45 10.78 -5.35 1.87
N GLY A 46 11.92 -4.77 1.47
CA GLY A 46 13.02 -5.50 0.83
C GLY A 46 13.90 -6.27 1.81
N TYR A 47 13.63 -6.12 3.11
CA TYR A 47 14.24 -6.93 4.19
C TYR A 47 13.14 -7.79 4.84
N PRO A 48 13.46 -8.88 5.63
CA PRO A 48 12.44 -9.79 6.24
C PRO A 48 11.35 -9.00 7.03
N PRO A 49 10.07 -8.94 6.49
CA PRO A 49 8.96 -8.24 7.18
C PRO A 49 8.28 -9.12 8.24
N GLU A 50 7.41 -8.50 9.05
CA GLU A 50 6.61 -9.19 10.08
C GLU A 50 5.28 -9.72 9.50
N CYS A 51 5.10 -9.58 8.15
CA CYS A 51 3.78 -9.59 7.50
C CYS A 51 2.92 -8.49 8.12
N LEU A 52 3.10 -7.24 7.64
CA LEU A 52 2.47 -6.06 8.23
C LEU A 52 0.98 -6.00 7.86
N ASP A 53 0.16 -6.52 8.78
CA ASP A 53 -1.30 -6.39 8.73
C ASP A 53 -1.68 -5.03 9.31
N LEU A 54 -2.23 -4.17 8.47
CA LEU A 54 -2.67 -2.84 8.87
C LEU A 54 -4.05 -2.99 9.56
N SER A 55 -4.01 -3.29 10.86
CA SER A 55 -5.19 -3.61 11.67
C SER A 55 -6.11 -2.39 11.84
N ASP A 56 -5.50 -1.27 12.27
CA ASP A 56 -6.21 -0.01 12.54
C ASP A 56 -6.55 0.69 11.21
N ARG A 57 -7.57 1.57 11.23
CA ARG A 57 -8.12 2.23 10.03
C ARG A 57 -7.45 3.60 9.76
N ASP A 58 -7.10 4.28 10.85
CA ASP A 58 -6.56 5.65 10.85
C ASP A 58 -5.02 5.63 10.86
N ILE A 59 -4.44 4.41 10.92
CA ILE A 59 -3.00 4.16 11.03
C ILE A 59 -2.22 4.74 9.82
N THR A 60 -1.11 5.44 10.08
CA THR A 60 -0.39 6.25 9.06
C THR A 60 0.96 5.63 8.65
N LEU A 61 1.69 6.34 7.76
CA LEU A 61 3.03 5.94 7.30
C LEU A 61 4.11 6.23 8.35
N GLY A 62 3.74 6.95 9.42
CA GLY A 62 4.58 7.10 10.60
C GLY A 62 4.72 5.78 11.35
N ASP A 63 3.72 4.89 11.18
CA ASP A 63 3.65 3.57 11.80
C ASP A 63 4.30 2.53 10.88
N LEU A 64 3.74 2.40 9.66
CA LEU A 64 4.21 1.43 8.65
C LEU A 64 5.49 1.98 7.98
N PRO A 65 6.61 1.17 7.89
CA PRO A 65 7.88 1.58 7.23
C PRO A 65 7.76 1.88 5.71
N ILE A 66 7.22 3.07 5.41
CA ILE A 66 7.21 3.67 4.07
C ILE A 66 8.22 4.82 4.13
N GLN A 67 9.36 4.64 3.46
CA GLN A 67 10.47 5.62 3.48
C GLN A 67 10.49 6.43 2.17
N SER A 68 11.05 7.65 2.22
CA SER A 68 11.07 8.58 1.09
C SER A 68 11.88 8.02 -0.11
N GLY A 69 11.15 7.50 -1.12
CA GLY A 69 11.78 6.86 -2.29
C GLY A 69 12.23 5.44 -2.01
N ASP A 70 11.35 4.65 -1.38
CA ASP A 70 11.66 3.27 -0.96
C ASP A 70 10.85 2.26 -1.81
N MET A 71 11.20 0.96 -1.68
CA MET A 71 10.53 -0.12 -2.41
C MET A 71 9.56 -0.86 -1.48
N LEU A 72 8.27 -0.56 -1.65
CA LEU A 72 7.18 -1.17 -0.85
C LEU A 72 6.43 -2.20 -1.69
N ILE A 73 6.52 -3.48 -1.28
CA ILE A 73 5.93 -4.61 -2.01
C ILE A 73 4.43 -4.72 -1.64
N VAL A 74 3.58 -4.38 -2.61
CA VAL A 74 2.13 -4.60 -2.57
C VAL A 74 1.82 -6.04 -3.01
N GLU A 75 1.27 -6.86 -2.10
CA GLU A 75 0.88 -8.25 -2.43
C GLU A 75 -0.50 -8.30 -3.12
N GLU A 76 -0.86 -9.47 -3.64
CA GLU A 76 -2.18 -9.73 -4.23
C GLU A 76 -2.77 -11.01 -3.62
N ASP A 77 -3.87 -10.85 -2.86
CA ASP A 77 -4.57 -11.96 -2.18
C ASP A 77 -5.73 -12.50 -3.04
N GLN A 78 -6.23 -11.64 -3.98
CA GLN A 78 -7.31 -11.98 -4.94
C GLN A 78 -8.65 -12.28 -4.20
N THR A 79 -8.92 -11.55 -3.09
CA THR A 79 -10.14 -11.75 -2.28
C THR A 79 -11.42 -11.37 -3.05
N ARG A 80 -11.26 -10.49 -4.08
CA ARG A 80 -12.35 -9.98 -4.92
C ARG A 80 -13.46 -9.33 -4.05
N PRO A 81 -13.22 -8.09 -3.54
CA PRO A 81 -14.12 -7.42 -2.59
C PRO A 81 -15.33 -6.76 -3.25
N LYS A 82 -16.27 -6.30 -2.41
CA LYS A 82 -17.44 -5.53 -2.85
C LYS A 82 -16.96 -4.16 -3.38
N ALA A 83 -16.78 -4.07 -4.71
CA ALA A 83 -16.28 -2.87 -5.39
C ALA A 83 -17.41 -1.83 -5.62
N SER A 84 -18.66 -2.24 -5.36
CA SER A 84 -19.84 -1.37 -5.42
C SER A 84 -20.34 -1.06 -3.99
N PRO A 85 -20.03 0.14 -3.40
CA PRO A 85 -20.48 0.52 -2.03
C PRO A 85 -22.02 0.63 -1.89
N SER A 86 -22.72 0.68 -3.04
CA SER A 86 -24.19 0.67 -3.11
C SER A 86 -24.62 0.02 -4.45
N TRP A 1 5.77 12.47 -1.09
CA TRP A 1 6.60 11.24 -1.03
C TRP A 1 6.35 10.41 -2.29
N ARG A 2 7.31 10.41 -3.23
CA ARG A 2 7.29 9.54 -4.41
C ARG A 2 7.80 8.15 -4.01
N VAL A 3 6.86 7.25 -3.69
CA VAL A 3 7.15 5.91 -3.16
C VAL A 3 6.81 4.84 -4.21
N ARG A 4 7.60 3.76 -4.26
CA ARG A 4 7.45 2.69 -5.28
C ARG A 4 6.69 1.48 -4.68
N CYS A 5 5.81 0.84 -5.50
CA CYS A 5 5.06 -0.36 -5.08
C CYS A 5 5.32 -1.54 -6.06
N LYS A 6 5.99 -2.59 -5.55
CA LYS A 6 6.27 -3.83 -6.30
C LYS A 6 5.02 -4.73 -6.25
N ALA A 7 4.29 -4.81 -7.36
CA ALA A 7 2.96 -5.47 -7.42
C ALA A 7 2.81 -6.29 -8.71
N LYS A 8 1.55 -6.73 -8.98
CA LYS A 8 1.17 -7.54 -10.18
C LYS A 8 1.66 -6.91 -11.50
N GLY A 9 1.54 -5.56 -11.59
CA GLY A 9 1.98 -4.81 -12.76
C GLY A 9 3.39 -4.27 -12.61
N GLY A 10 4.23 -4.98 -11.83
CA GLY A 10 5.60 -4.57 -11.55
C GLY A 10 5.68 -3.37 -10.60
N THR A 11 6.76 -2.60 -10.70
CA THR A 11 7.03 -1.45 -9.82
C THR A 11 6.29 -0.19 -10.35
N HIS A 12 5.29 0.29 -9.58
CA HIS A 12 4.55 1.54 -9.87
C HIS A 12 5.02 2.65 -8.92
N LEU A 13 4.44 3.85 -9.07
CA LEU A 13 4.79 5.03 -8.26
C LEU A 13 3.49 5.66 -7.72
N LEU A 14 3.46 5.91 -6.40
CA LEU A 14 2.34 6.56 -5.70
C LEU A 14 2.65 8.04 -5.46
N GLN A 15 1.84 8.92 -6.05
CA GLN A 15 1.88 10.38 -5.80
C GLN A 15 0.86 10.72 -4.69
N GLY A 16 1.07 11.85 -4.01
CA GLY A 16 0.14 12.36 -2.99
C GLY A 16 0.40 11.86 -1.57
N LEU A 17 1.35 10.92 -1.42
CA LEU A 17 1.73 10.39 -0.10
C LEU A 17 2.48 11.45 0.71
N SER A 18 1.91 11.82 1.84
CA SER A 18 2.50 12.78 2.79
C SER A 18 2.85 12.07 4.10
N SER A 19 3.53 12.78 5.00
CA SER A 19 4.03 12.22 6.28
C SER A 19 2.90 11.66 7.17
N ARG A 20 1.71 12.31 7.12
CA ARG A 20 0.57 11.99 8.00
C ARG A 20 -0.44 11.04 7.31
N THR A 21 -0.14 10.58 6.07
CA THR A 21 -1.03 9.70 5.31
C THR A 21 -1.41 8.43 6.12
N ARG A 22 -2.71 8.35 6.47
CA ARG A 22 -3.30 7.21 7.21
C ARG A 22 -3.40 5.99 6.29
N LEU A 23 -3.76 4.84 6.88
CA LEU A 23 -3.96 3.57 6.16
C LEU A 23 -5.06 3.73 5.09
N ARG A 24 -6.20 4.32 5.49
CA ARG A 24 -7.36 4.50 4.59
C ARG A 24 -7.04 5.39 3.37
N GLU A 25 -6.03 6.27 3.52
CA GLU A 25 -5.51 7.12 2.44
C GLU A 25 -4.59 6.29 1.50
N LEU A 26 -3.59 5.64 2.14
CA LEU A 26 -2.50 4.90 1.48
C LEU A 26 -3.05 3.72 0.65
N GLN A 27 -3.82 2.84 1.31
CA GLN A 27 -4.49 1.68 0.67
C GLN A 27 -5.42 2.10 -0.48
N GLY A 28 -6.05 3.28 -0.31
CA GLY A 28 -6.94 3.86 -1.32
C GLY A 28 -6.18 4.29 -2.57
N GLN A 29 -4.93 4.77 -2.35
CA GLN A 29 -4.04 5.22 -3.44
C GLN A 29 -3.44 4.02 -4.16
N ILE A 30 -3.08 2.97 -3.41
CA ILE A 30 -2.58 1.69 -3.98
C ILE A 30 -3.62 1.09 -4.95
N ALA A 31 -4.89 1.11 -4.54
CA ALA A 31 -6.03 0.64 -5.35
C ALA A 31 -6.21 1.50 -6.62
N ALA A 32 -5.73 2.75 -6.58
CA ALA A 32 -5.77 3.70 -7.72
C ALA A 32 -4.51 3.58 -8.62
N ILE A 33 -3.37 3.17 -8.02
CA ILE A 33 -2.03 3.18 -8.68
C ILE A 33 -1.74 1.83 -9.37
N THR A 34 -1.90 0.75 -8.62
CA THR A 34 -1.63 -0.62 -9.10
C THR A 34 -2.92 -1.48 -9.13
N GLY A 35 -4.04 -0.93 -8.63
CA GLY A 35 -5.35 -1.54 -8.82
C GLY A 35 -5.81 -2.49 -7.72
N ILE A 36 -4.91 -2.86 -6.80
CA ILE A 36 -5.21 -3.88 -5.78
C ILE A 36 -5.99 -3.22 -4.61
N ALA A 37 -7.23 -3.69 -4.37
CA ALA A 37 -8.12 -3.17 -3.31
C ALA A 37 -7.55 -3.46 -1.90
N PRO A 38 -7.83 -2.57 -0.87
CA PRO A 38 -7.25 -2.67 0.50
C PRO A 38 -7.39 -4.06 1.15
N GLY A 39 -8.57 -4.69 0.95
CA GLY A 39 -8.86 -6.03 1.48
C GLY A 39 -8.40 -7.15 0.54
N SER A 40 -7.36 -6.88 -0.27
CA SER A 40 -6.77 -7.82 -1.23
C SER A 40 -5.26 -7.56 -1.33
N GLN A 41 -4.70 -6.76 -0.39
CA GLN A 41 -3.27 -6.41 -0.40
C GLN A 41 -2.81 -6.05 1.01
N ARG A 42 -1.52 -6.30 1.27
CA ARG A 42 -0.83 -5.95 2.52
C ARG A 42 0.41 -5.12 2.17
N ILE A 43 1.09 -4.62 3.21
CA ILE A 43 2.29 -3.78 3.07
C ILE A 43 3.51 -4.61 3.46
N LEU A 44 4.36 -4.87 2.47
CA LEU A 44 5.64 -5.57 2.65
C LEU A 44 6.77 -4.63 2.23
N VAL A 45 8.02 -4.97 2.57
CA VAL A 45 9.20 -4.13 2.27
C VAL A 45 10.30 -4.97 1.59
N GLY A 46 11.25 -4.28 0.91
CA GLY A 46 12.35 -4.93 0.17
C GLY A 46 13.30 -5.70 1.09
N TYR A 47 13.65 -5.07 2.22
CA TYR A 47 14.33 -5.73 3.36
C TYR A 47 13.33 -6.66 4.10
N PRO A 48 13.77 -7.65 4.96
CA PRO A 48 12.86 -8.65 5.58
C PRO A 48 11.63 -8.03 6.32
N PRO A 49 10.37 -8.29 5.81
CA PRO A 49 9.13 -7.93 6.51
C PRO A 49 8.68 -9.08 7.45
N GLU A 50 7.57 -8.85 8.15
CA GLU A 50 6.98 -9.83 9.10
C GLU A 50 5.50 -10.05 8.76
N CYS A 51 5.12 -9.69 7.50
CA CYS A 51 3.73 -9.49 7.06
C CYS A 51 3.06 -8.43 7.95
N LEU A 52 3.29 -7.13 7.61
CA LEU A 52 2.82 -5.98 8.41
C LEU A 52 1.31 -6.06 8.66
N ASP A 53 0.94 -5.87 9.94
CA ASP A 53 -0.43 -6.02 10.41
C ASP A 53 -1.22 -4.72 10.14
N LEU A 54 -2.11 -4.77 9.14
CA LEU A 54 -3.01 -3.66 8.79
C LEU A 54 -4.43 -4.01 9.27
N SER A 55 -4.69 -3.81 10.57
CA SER A 55 -6.01 -4.03 11.20
C SER A 55 -6.75 -2.68 11.43
N ASP A 56 -5.99 -1.62 11.75
CA ASP A 56 -6.53 -0.26 12.03
C ASP A 56 -6.80 0.49 10.69
N ARG A 57 -7.21 1.78 10.74
CA ARG A 57 -7.46 2.63 9.53
C ARG A 57 -6.78 4.01 9.67
N ASP A 58 -6.68 4.50 10.92
CA ASP A 58 -6.04 5.79 11.25
C ASP A 58 -4.51 5.65 11.31
N ILE A 59 -4.05 4.40 11.48
CA ILE A 59 -2.62 4.05 11.57
C ILE A 59 -1.83 4.61 10.35
N THR A 60 -0.80 5.42 10.62
CA THR A 60 -0.14 6.25 9.60
C THR A 60 1.14 5.59 9.03
N LEU A 61 1.80 6.32 8.09
CA LEU A 61 3.09 5.91 7.49
C LEU A 61 4.25 5.99 8.52
N GLY A 62 4.01 6.68 9.65
CA GLY A 62 4.93 6.68 10.79
C GLY A 62 4.99 5.33 11.50
N ASP A 63 3.97 4.49 11.27
CA ASP A 63 3.87 3.13 11.84
C ASP A 63 4.30 2.09 10.77
N LEU A 64 3.53 2.01 9.66
CA LEU A 64 3.88 1.14 8.50
C LEU A 64 5.13 1.76 7.80
N PRO A 65 6.32 1.04 7.77
CA PRO A 65 7.56 1.54 7.10
C PRO A 65 7.40 1.92 5.60
N ILE A 66 6.85 3.11 5.37
CA ILE A 66 6.85 3.80 4.07
C ILE A 66 7.78 5.00 4.25
N GLN A 67 8.84 5.08 3.43
CA GLN A 67 9.74 6.25 3.38
C GLN A 67 9.71 6.87 1.98
N SER A 68 10.26 8.09 1.88
CA SER A 68 10.34 8.84 0.62
C SER A 68 11.23 8.10 -0.42
N GLY A 69 10.59 7.32 -1.31
CA GLY A 69 11.30 6.52 -2.31
C GLY A 69 11.73 5.14 -1.81
N ASP A 70 10.95 4.58 -0.86
CA ASP A 70 11.19 3.23 -0.30
C ASP A 70 10.49 2.16 -1.17
N MET A 71 10.93 0.90 -1.04
CA MET A 71 10.42 -0.22 -1.84
C MET A 71 9.34 -0.99 -1.04
N LEU A 72 8.08 -0.72 -1.37
CA LEU A 72 6.93 -1.34 -0.70
C LEU A 72 6.31 -2.39 -1.62
N ILE A 73 6.40 -3.67 -1.25
CA ILE A 73 5.83 -4.78 -2.03
C ILE A 73 4.33 -4.88 -1.69
N VAL A 74 3.50 -4.61 -2.70
CA VAL A 74 2.05 -4.81 -2.65
C VAL A 74 1.71 -6.15 -3.29
N GLU A 75 1.17 -7.08 -2.50
CA GLU A 75 0.72 -8.39 -3.01
C GLU A 75 -0.72 -8.29 -3.54
N GLU A 76 -1.23 -9.42 -4.02
CA GLU A 76 -2.64 -9.58 -4.34
C GLU A 76 -3.14 -10.89 -3.74
N ASP A 77 -3.93 -10.76 -2.66
CA ASP A 77 -4.63 -11.86 -2.00
C ASP A 77 -5.75 -12.43 -2.91
N GLN A 78 -6.09 -11.68 -4.00
CA GLN A 78 -7.05 -12.11 -5.06
C GLN A 78 -8.49 -12.24 -4.51
N THR A 79 -8.86 -11.32 -3.59
CA THR A 79 -10.18 -11.32 -2.91
C THR A 79 -11.20 -10.48 -3.75
N ARG A 80 -11.13 -10.64 -5.10
CA ARG A 80 -11.82 -9.80 -6.09
C ARG A 80 -11.50 -8.30 -5.86
N PRO A 81 -10.27 -7.84 -6.29
CA PRO A 81 -9.82 -6.43 -6.11
C PRO A 81 -10.67 -5.39 -6.88
N LYS A 82 -10.25 -4.10 -6.80
CA LYS A 82 -10.93 -2.93 -7.41
C LYS A 82 -12.20 -2.49 -6.65
N ALA A 83 -12.84 -3.41 -5.90
CA ALA A 83 -13.87 -3.06 -4.91
C ALA A 83 -13.21 -2.39 -3.69
N SER A 84 -12.97 -1.07 -3.83
CA SER A 84 -12.14 -0.29 -2.91
C SER A 84 -12.92 0.90 -2.31
N PRO A 85 -13.30 0.85 -0.99
CA PRO A 85 -13.77 2.04 -0.25
C PRO A 85 -12.60 3.02 0.03
N SER A 86 -12.86 4.33 -0.06
CA SER A 86 -11.86 5.37 0.24
C SER A 86 -12.55 6.51 1.03
N TRP A 1 6.67 12.27 -0.68
CA TRP A 1 7.28 10.92 -0.75
C TRP A 1 6.88 10.27 -2.08
N ARG A 2 7.84 10.21 -3.04
CA ARG A 2 7.67 9.53 -4.34
C ARG A 2 7.90 8.01 -4.16
N VAL A 3 6.94 7.36 -3.48
CA VAL A 3 7.06 5.96 -3.04
C VAL A 3 6.77 4.99 -4.21
N ARG A 4 7.64 3.97 -4.38
CA ARG A 4 7.48 2.94 -5.41
C ARG A 4 6.55 1.83 -4.91
N CYS A 5 5.68 1.31 -5.80
CA CYS A 5 4.68 0.27 -5.48
C CYS A 5 4.83 -0.93 -6.43
N LYS A 6 5.55 -1.98 -5.97
CA LYS A 6 5.70 -3.22 -6.75
C LYS A 6 4.44 -4.07 -6.59
N ALA A 7 3.58 -4.07 -7.59
CA ALA A 7 2.34 -4.85 -7.61
C ALA A 7 2.29 -5.70 -8.88
N LYS A 8 2.17 -7.03 -8.69
CA LYS A 8 2.08 -8.03 -9.79
C LYS A 8 3.39 -8.13 -10.60
N GLY A 9 4.49 -7.62 -10.02
CA GLY A 9 5.78 -7.53 -10.71
C GLY A 9 5.98 -6.21 -11.46
N GLY A 10 4.90 -5.39 -11.53
CA GLY A 10 4.93 -4.07 -12.18
C GLY A 10 5.09 -2.96 -11.15
N THR A 11 6.18 -2.18 -11.27
CA THR A 11 6.47 -1.08 -10.34
C THR A 11 5.63 0.16 -10.70
N HIS A 12 5.06 0.80 -9.67
CA HIS A 12 4.26 2.03 -9.79
C HIS A 12 4.95 3.14 -8.98
N LEU A 13 4.39 4.35 -9.00
CA LEU A 13 4.98 5.51 -8.30
C LEU A 13 3.84 6.42 -7.79
N LEU A 14 3.73 6.50 -6.45
CA LEU A 14 2.76 7.36 -5.75
C LEU A 14 3.48 8.57 -5.17
N GLN A 15 3.28 9.75 -5.80
CA GLN A 15 3.78 11.05 -5.28
C GLN A 15 2.81 11.65 -4.24
N GLY A 16 1.56 11.14 -4.26
CA GLY A 16 0.51 11.63 -3.36
C GLY A 16 0.54 11.01 -1.95
N LEU A 17 1.72 10.56 -1.53
CA LEU A 17 1.94 10.01 -0.17
C LEU A 17 2.82 10.97 0.63
N SER A 18 2.32 11.40 1.78
CA SER A 18 3.05 12.22 2.77
C SER A 18 3.24 11.37 4.05
N SER A 19 4.04 11.86 5.02
CA SER A 19 4.38 11.10 6.24
C SER A 19 3.13 10.69 7.05
N ARG A 20 2.16 11.63 7.15
CA ARG A 20 0.96 11.47 8.01
C ARG A 20 -0.23 10.86 7.24
N THR A 21 0.05 10.24 6.08
CA THR A 21 -0.96 9.51 5.29
C THR A 21 -1.40 8.24 6.05
N ARG A 22 -2.72 8.13 6.32
CA ARG A 22 -3.29 6.97 7.04
C ARG A 22 -3.44 5.76 6.10
N LEU A 23 -3.90 4.62 6.66
CA LEU A 23 -4.23 3.38 5.90
C LEU A 23 -5.23 3.69 4.78
N ARG A 24 -6.32 4.36 5.19
CA ARG A 24 -7.47 4.63 4.32
C ARG A 24 -7.11 5.49 3.09
N GLU A 25 -6.09 6.36 3.23
CA GLU A 25 -5.50 7.08 2.10
C GLU A 25 -4.49 6.18 1.36
N LEU A 26 -3.61 5.50 2.11
CA LEU A 26 -2.47 4.73 1.55
C LEU A 26 -2.98 3.58 0.66
N GLN A 27 -3.62 2.58 1.28
CA GLN A 27 -4.17 1.41 0.56
C GLN A 27 -5.34 1.80 -0.35
N GLY A 28 -5.95 2.96 -0.06
CA GLY A 28 -7.01 3.54 -0.88
C GLY A 28 -6.50 4.08 -2.21
N GLN A 29 -5.30 4.70 -2.18
CA GLN A 29 -4.64 5.26 -3.38
C GLN A 29 -4.08 4.11 -4.22
N ILE A 30 -3.52 3.09 -3.54
CA ILE A 30 -3.03 1.86 -4.19
C ILE A 30 -4.18 1.17 -4.98
N ALA A 31 -5.38 1.16 -4.38
CA ALA A 31 -6.62 0.64 -5.00
C ALA A 31 -7.01 1.43 -6.27
N ALA A 32 -6.55 2.70 -6.35
CA ALA A 32 -6.77 3.58 -7.53
C ALA A 32 -5.61 3.48 -8.55
N ILE A 33 -4.38 3.23 -8.05
CA ILE A 33 -3.13 3.22 -8.84
C ILE A 33 -2.98 1.88 -9.59
N THR A 34 -2.82 0.79 -8.83
CA THR A 34 -2.59 -0.56 -9.37
C THR A 34 -3.90 -1.38 -9.38
N GLY A 35 -4.90 -0.91 -8.62
CA GLY A 35 -6.22 -1.52 -8.63
C GLY A 35 -6.40 -2.66 -7.64
N ILE A 36 -5.35 -2.99 -6.85
CA ILE A 36 -5.44 -4.07 -5.85
C ILE A 36 -6.19 -3.54 -4.62
N ALA A 37 -7.33 -4.19 -4.30
CA ALA A 37 -8.22 -3.80 -3.17
C ALA A 37 -7.46 -3.84 -1.83
N PRO A 38 -7.73 -2.87 -0.88
CA PRO A 38 -7.02 -2.79 0.44
C PRO A 38 -7.13 -4.10 1.27
N GLY A 39 -8.23 -4.86 1.06
CA GLY A 39 -8.44 -6.17 1.69
C GLY A 39 -7.97 -7.33 0.80
N SER A 40 -6.99 -7.05 -0.07
CA SER A 40 -6.37 -8.04 -0.98
C SER A 40 -4.85 -7.76 -1.11
N GLN A 41 -4.35 -6.82 -0.27
CA GLN A 41 -2.93 -6.39 -0.28
C GLN A 41 -2.51 -5.99 1.13
N ARG A 42 -1.21 -6.19 1.42
CA ARG A 42 -0.57 -5.84 2.70
C ARG A 42 0.69 -5.01 2.43
N ILE A 43 1.44 -4.70 3.50
CA ILE A 43 2.62 -3.82 3.43
C ILE A 43 3.90 -4.66 3.52
N LEU A 44 4.61 -4.74 2.40
CA LEU A 44 5.90 -5.42 2.28
C LEU A 44 6.93 -4.41 1.79
N VAL A 45 8.21 -4.60 2.15
CA VAL A 45 9.30 -3.63 1.86
C VAL A 45 10.52 -4.36 1.25
N GLY A 46 11.53 -3.55 0.83
CA GLY A 46 12.76 -4.08 0.20
C GLY A 46 13.50 -5.12 1.05
N TYR A 47 13.71 -4.78 2.35
CA TYR A 47 14.28 -5.71 3.35
C TYR A 47 13.17 -6.68 3.86
N PRO A 48 13.51 -7.89 4.43
CA PRO A 48 12.52 -8.86 4.97
C PRO A 48 11.41 -8.23 5.86
N PRO A 49 10.15 -8.08 5.34
CA PRO A 49 9.03 -7.46 6.09
C PRO A 49 8.32 -8.46 7.03
N GLU A 50 7.66 -7.91 8.07
CA GLU A 50 6.93 -8.70 9.08
C GLU A 50 5.58 -9.24 8.55
N CYS A 51 5.05 -8.58 7.48
CA CYS A 51 3.69 -8.83 6.94
C CYS A 51 2.64 -8.43 7.99
N LEU A 52 3.00 -7.35 8.70
CA LEU A 52 2.21 -6.69 9.76
C LEU A 52 0.70 -6.59 9.44
N ASP A 53 -0.12 -6.78 10.48
CA ASP A 53 -1.58 -6.84 10.35
C ASP A 53 -2.18 -5.41 10.40
N LEU A 54 -2.63 -4.91 9.25
CA LEU A 54 -3.31 -3.62 9.12
C LEU A 54 -4.81 -3.81 9.40
N SER A 55 -5.21 -3.53 10.65
CA SER A 55 -6.63 -3.57 11.09
C SER A 55 -7.15 -2.14 11.34
N ASP A 56 -6.29 -1.31 11.94
CA ASP A 56 -6.60 0.10 12.25
C ASP A 56 -6.55 0.96 10.98
N ARG A 57 -7.44 1.96 10.90
CA ARG A 57 -7.58 2.86 9.73
C ARG A 57 -6.86 4.20 9.99
N ASP A 58 -6.65 4.51 11.29
CA ASP A 58 -5.97 5.74 11.75
C ASP A 58 -4.43 5.62 11.62
N ILE A 59 -3.95 4.36 11.53
CA ILE A 59 -2.51 4.05 11.43
C ILE A 59 -1.86 4.75 10.21
N THR A 60 -0.78 5.50 10.47
CA THR A 60 -0.09 6.33 9.48
C THR A 60 1.25 5.69 9.06
N LEU A 61 1.93 6.33 8.09
CA LEU A 61 3.24 5.88 7.56
C LEU A 61 4.39 6.17 8.56
N GLY A 62 4.03 6.79 9.71
CA GLY A 62 4.94 6.92 10.85
C GLY A 62 5.18 5.59 11.54
N ASP A 63 4.12 4.77 11.66
CA ASP A 63 4.21 3.41 12.22
C ASP A 63 4.47 2.40 11.10
N LEU A 64 3.67 2.51 10.02
CA LEU A 64 3.82 1.69 8.81
C LEU A 64 5.21 1.92 8.18
N PRO A 65 5.91 0.84 7.67
CA PRO A 65 7.28 0.94 7.10
C PRO A 65 7.30 1.48 5.64
N ILE A 66 6.53 2.55 5.38
CA ILE A 66 6.58 3.28 4.10
C ILE A 66 7.57 4.42 4.31
N GLN A 67 8.64 4.44 3.52
CA GLN A 67 9.68 5.48 3.59
C GLN A 67 9.71 6.28 2.26
N SER A 68 10.40 7.43 2.28
CA SER A 68 10.49 8.33 1.13
C SER A 68 11.21 7.65 -0.05
N GLY A 69 10.46 7.34 -1.11
CA GLY A 69 11.01 6.74 -2.32
C GLY A 69 11.28 5.24 -2.21
N ASP A 70 10.82 4.63 -1.12
CA ASP A 70 11.12 3.22 -0.79
C ASP A 70 10.29 2.26 -1.66
N MET A 71 10.78 1.02 -1.75
CA MET A 71 10.16 -0.07 -2.50
C MET A 71 9.14 -0.78 -1.59
N LEU A 72 7.86 -0.45 -1.83
CA LEU A 72 6.71 -1.06 -1.13
C LEU A 72 6.06 -2.09 -2.07
N ILE A 73 6.14 -3.38 -1.69
CA ILE A 73 5.62 -4.49 -2.50
C ILE A 73 4.15 -4.72 -2.10
N VAL A 74 3.26 -4.18 -2.94
CA VAL A 74 1.82 -4.46 -2.88
C VAL A 74 1.56 -5.85 -3.46
N GLU A 75 1.27 -6.81 -2.58
CA GLU A 75 0.96 -8.18 -2.99
C GLU A 75 -0.48 -8.24 -3.53
N GLU A 76 -0.72 -9.16 -4.46
CA GLU A 76 -2.07 -9.42 -4.98
C GLU A 76 -2.52 -10.80 -4.49
N ASP A 77 -3.42 -10.79 -3.50
CA ASP A 77 -4.10 -12.01 -3.01
C ASP A 77 -5.22 -12.46 -4.01
N GLN A 78 -5.43 -11.61 -5.06
CA GLN A 78 -6.44 -11.79 -6.12
C GLN A 78 -7.84 -11.63 -5.50
N THR A 79 -8.39 -12.75 -4.96
CA THR A 79 -9.72 -12.88 -4.29
C THR A 79 -10.88 -12.07 -4.94
N ARG A 80 -10.81 -10.72 -4.85
CA ARG A 80 -11.78 -9.77 -5.41
C ARG A 80 -13.10 -9.83 -4.63
N PRO A 81 -13.12 -9.21 -3.39
CA PRO A 81 -14.34 -9.10 -2.57
C PRO A 81 -15.21 -7.89 -3.02
N LYS A 82 -15.99 -7.33 -2.09
CA LYS A 82 -16.78 -6.09 -2.35
C LYS A 82 -15.85 -4.90 -2.68
N ALA A 83 -14.65 -4.90 -2.05
CA ALA A 83 -13.58 -3.89 -2.21
C ALA A 83 -13.99 -2.54 -1.61
N SER A 84 -14.92 -1.85 -2.28
CA SER A 84 -15.52 -0.60 -1.82
C SER A 84 -16.82 -0.95 -1.03
N PRO A 85 -16.86 -0.69 0.31
CA PRO A 85 -18.10 -0.84 1.12
C PRO A 85 -19.04 0.38 0.97
N SER A 86 -18.53 1.43 0.29
CA SER A 86 -19.27 2.68 0.03
C SER A 86 -20.34 2.45 -1.07
N TRP A 1 7.17 12.33 -0.82
CA TRP A 1 7.29 10.87 -0.71
C TRP A 1 6.86 10.24 -2.04
N ARG A 2 7.80 10.12 -2.98
CA ARG A 2 7.60 9.40 -4.24
C ARG A 2 7.97 7.91 -4.01
N VAL A 3 7.06 7.21 -3.30
CA VAL A 3 7.27 5.81 -2.87
C VAL A 3 6.82 4.82 -3.96
N ARG A 4 7.62 3.78 -4.17
CA ARG A 4 7.39 2.77 -5.22
C ARG A 4 6.51 1.63 -4.69
N CYS A 5 5.86 0.90 -5.61
CA CYS A 5 5.03 -0.26 -5.28
C CYS A 5 5.19 -1.34 -6.37
N LYS A 6 5.76 -2.48 -5.99
CA LYS A 6 5.85 -3.66 -6.85
C LYS A 6 4.49 -4.38 -6.82
N ALA A 7 3.75 -4.33 -7.94
CA ALA A 7 2.39 -4.87 -8.02
C ALA A 7 2.17 -5.59 -9.36
N LYS A 8 2.20 -6.94 -9.29
CA LYS A 8 2.09 -7.85 -10.47
C LYS A 8 3.25 -7.63 -11.47
N GLY A 9 4.41 -7.21 -10.93
CA GLY A 9 5.58 -6.85 -11.72
C GLY A 9 5.57 -5.36 -12.08
N GLY A 10 4.37 -4.77 -12.16
CA GLY A 10 4.20 -3.35 -12.44
C GLY A 10 4.71 -2.51 -11.28
N THR A 11 5.92 -1.97 -11.44
CA THR A 11 6.55 -1.11 -10.46
C THR A 11 6.02 0.34 -10.65
N HIS A 12 4.95 0.66 -9.92
CA HIS A 12 4.23 1.93 -10.04
C HIS A 12 4.77 2.92 -9.01
N LEU A 13 4.52 4.21 -9.24
CA LEU A 13 5.06 5.29 -8.39
C LEU A 13 3.89 6.06 -7.78
N LEU A 14 3.76 6.00 -6.44
CA LEU A 14 2.80 6.79 -5.66
C LEU A 14 3.49 8.01 -5.08
N GLN A 15 2.86 9.18 -5.24
CA GLN A 15 3.31 10.43 -4.63
C GLN A 15 2.08 11.21 -4.11
N GLY A 16 2.34 12.31 -3.39
CA GLY A 16 1.29 13.00 -2.63
C GLY A 16 1.09 12.38 -1.26
N LEU A 17 2.02 11.50 -0.86
CA LEU A 17 2.01 10.84 0.44
C LEU A 17 2.64 11.76 1.49
N SER A 18 1.83 12.19 2.45
CA SER A 18 2.28 12.96 3.62
C SER A 18 2.91 12.01 4.65
N SER A 19 3.49 12.58 5.71
CA SER A 19 4.01 11.80 6.85
C SER A 19 2.86 11.06 7.56
N ARG A 20 1.68 11.71 7.62
CA ARG A 20 0.49 11.19 8.34
C ARG A 20 -0.57 10.64 7.36
N THR A 21 -0.13 10.06 6.23
CA THR A 21 -1.03 9.34 5.30
C THR A 21 -1.51 8.03 5.98
N ARG A 22 -2.82 7.98 6.27
CA ARG A 22 -3.46 6.87 7.02
C ARG A 22 -3.68 5.64 6.11
N LEU A 23 -4.24 4.54 6.68
CA LEU A 23 -4.51 3.27 5.92
C LEU A 23 -5.43 3.56 4.73
N ARG A 24 -6.58 4.18 5.03
CA ARG A 24 -7.65 4.45 4.05
C ARG A 24 -7.23 5.51 3.01
N GLU A 25 -6.13 6.23 3.31
CA GLU A 25 -5.51 7.18 2.38
C GLU A 25 -4.52 6.41 1.46
N LEU A 26 -3.66 5.59 2.10
CA LEU A 26 -2.49 4.92 1.46
C LEU A 26 -2.97 3.74 0.60
N GLN A 27 -3.55 2.72 1.26
CA GLN A 27 -4.15 1.55 0.58
C GLN A 27 -5.34 1.99 -0.30
N GLY A 28 -5.89 3.17 0.00
CA GLY A 28 -6.91 3.81 -0.84
C GLY A 28 -6.34 4.24 -2.19
N GLN A 29 -5.14 4.84 -2.19
CA GLN A 29 -4.46 5.29 -3.43
C GLN A 29 -3.94 4.08 -4.20
N ILE A 30 -3.45 3.04 -3.49
CA ILE A 30 -2.98 1.78 -4.10
C ILE A 30 -4.11 1.12 -4.93
N ALA A 31 -5.31 1.09 -4.33
CA ALA A 31 -6.53 0.54 -4.95
C ALA A 31 -6.93 1.31 -6.24
N ALA A 32 -6.48 2.57 -6.35
CA ALA A 32 -6.69 3.40 -7.56
C ALA A 32 -5.54 3.23 -8.57
N ILE A 33 -4.28 3.14 -8.06
CA ILE A 33 -3.05 3.10 -8.88
C ILE A 33 -2.95 1.78 -9.66
N THR A 34 -2.79 0.68 -8.91
CA THR A 34 -2.58 -0.67 -9.47
C THR A 34 -3.88 -1.48 -9.46
N GLY A 35 -4.91 -0.97 -8.76
CA GLY A 35 -6.23 -1.59 -8.76
C GLY A 35 -6.36 -2.76 -7.79
N ILE A 36 -5.35 -2.99 -6.94
CA ILE A 36 -5.40 -4.05 -5.92
C ILE A 36 -6.17 -3.53 -4.69
N ALA A 37 -7.30 -4.18 -4.38
CA ALA A 37 -8.14 -3.82 -3.22
C ALA A 37 -7.36 -3.89 -1.89
N PRO A 38 -7.67 -3.01 -0.88
CA PRO A 38 -6.95 -2.97 0.43
C PRO A 38 -7.01 -4.32 1.18
N GLY A 39 -8.13 -5.07 0.98
CA GLY A 39 -8.29 -6.44 1.50
C GLY A 39 -7.82 -7.49 0.50
N SER A 40 -6.80 -7.16 -0.30
CA SER A 40 -6.14 -8.08 -1.24
C SER A 40 -4.61 -7.81 -1.28
N GLN A 41 -4.15 -6.87 -0.44
CA GLN A 41 -2.74 -6.45 -0.38
C GLN A 41 -2.39 -6.00 1.05
N ARG A 42 -1.09 -5.93 1.35
CA ARG A 42 -0.57 -5.37 2.62
C ARG A 42 0.79 -4.71 2.39
N ILE A 43 1.32 -4.10 3.45
CA ILE A 43 2.63 -3.44 3.44
C ILE A 43 3.71 -4.50 3.69
N LEU A 44 4.49 -4.70 2.65
CA LEU A 44 5.68 -5.54 2.66
C LEU A 44 6.77 -4.70 2.01
N VAL A 45 7.89 -4.50 2.70
CA VAL A 45 8.92 -3.53 2.30
C VAL A 45 10.14 -4.21 1.64
N GLY A 46 11.06 -3.37 1.13
CA GLY A 46 12.24 -3.83 0.38
C GLY A 46 13.15 -4.76 1.17
N TYR A 47 13.46 -4.38 2.41
CA TYR A 47 14.15 -5.26 3.38
C TYR A 47 13.12 -6.26 3.98
N PRO A 48 13.55 -7.44 4.55
CA PRO A 48 12.63 -8.48 5.11
C PRO A 48 11.53 -7.88 6.04
N PRO A 49 10.24 -7.82 5.57
CA PRO A 49 9.12 -7.26 6.38
C PRO A 49 8.64 -8.25 7.46
N GLU A 50 8.04 -7.69 8.50
CA GLU A 50 7.59 -8.43 9.68
C GLU A 50 6.08 -8.81 9.54
N CYS A 51 5.64 -9.11 8.28
CA CYS A 51 4.23 -9.39 7.90
C CYS A 51 3.40 -8.08 7.85
N LEU A 52 3.44 -7.33 8.97
CA LEU A 52 2.91 -5.96 9.09
C LEU A 52 1.38 -5.96 8.97
N ASP A 53 0.71 -6.07 10.13
CA ASP A 53 -0.76 -6.17 10.23
C ASP A 53 -1.38 -4.78 10.37
N LEU A 54 -1.91 -4.27 9.26
CA LEU A 54 -2.65 -2.99 9.23
C LEU A 54 -4.08 -3.24 9.77
N SER A 55 -4.31 -2.90 11.05
CA SER A 55 -5.56 -3.22 11.76
C SER A 55 -6.20 -1.95 12.36
N ASP A 56 -6.14 -0.84 11.59
CA ASP A 56 -6.75 0.46 11.98
C ASP A 56 -6.86 1.38 10.76
N ARG A 57 -7.91 2.21 10.69
CA ARG A 57 -8.17 3.09 9.53
C ARG A 57 -7.23 4.33 9.55
N ASP A 58 -6.86 4.79 10.76
CA ASP A 58 -6.07 6.01 10.97
C ASP A 58 -4.56 5.73 11.04
N ILE A 59 -4.16 4.44 11.00
CA ILE A 59 -2.74 4.04 11.13
C ILE A 59 -1.90 4.60 9.96
N THR A 60 -0.85 5.37 10.30
CA THR A 60 -0.12 6.21 9.33
C THR A 60 1.21 5.58 8.88
N LEU A 61 1.88 6.28 7.94
CA LEU A 61 3.21 5.89 7.40
C LEU A 61 4.32 6.06 8.47
N GLY A 62 3.98 6.75 9.57
CA GLY A 62 4.86 6.88 10.73
C GLY A 62 4.86 5.63 11.60
N ASP A 63 3.80 4.81 11.49
CA ASP A 63 3.70 3.54 12.24
C ASP A 63 4.17 2.38 11.34
N LEU A 64 3.58 2.27 10.12
CA LEU A 64 4.06 1.31 9.10
C LEU A 64 5.42 1.78 8.52
N PRO A 65 6.31 0.85 8.06
CA PRO A 65 7.65 1.21 7.51
C PRO A 65 7.63 1.64 6.01
N ILE A 66 6.63 2.48 5.61
CA ILE A 66 6.65 3.15 4.29
C ILE A 66 7.71 4.24 4.34
N GLN A 67 8.71 4.13 3.47
CA GLN A 67 9.83 5.08 3.40
C GLN A 67 9.84 5.75 2.02
N SER A 68 10.45 6.94 1.93
CA SER A 68 10.46 7.76 0.71
C SER A 68 11.21 7.05 -0.45
N GLY A 69 10.43 6.50 -1.40
CA GLY A 69 10.99 5.78 -2.55
C GLY A 69 11.31 4.32 -2.25
N ASP A 70 10.67 3.76 -1.20
CA ASP A 70 10.89 2.36 -0.79
C ASP A 70 10.10 1.40 -1.69
N MET A 71 10.51 0.12 -1.68
CA MET A 71 9.92 -0.92 -2.50
C MET A 71 8.77 -1.60 -1.72
N LEU A 72 7.54 -1.19 -2.00
CA LEU A 72 6.34 -1.73 -1.36
C LEU A 72 5.75 -2.86 -2.21
N ILE A 73 5.95 -4.11 -1.76
CA ILE A 73 5.41 -5.29 -2.41
C ILE A 73 3.89 -5.34 -2.16
N VAL A 74 3.15 -4.72 -3.10
CA VAL A 74 1.70 -4.79 -3.17
C VAL A 74 1.33 -6.08 -3.92
N GLU A 75 1.05 -7.13 -3.15
CA GLU A 75 0.67 -8.43 -3.72
C GLU A 75 -0.79 -8.41 -4.16
N GLU A 76 -1.14 -9.24 -5.15
CA GLU A 76 -2.54 -9.44 -5.54
C GLU A 76 -3.01 -10.81 -5.01
N ASP A 77 -3.72 -10.78 -3.89
CA ASP A 77 -4.42 -11.95 -3.31
C ASP A 77 -5.66 -12.31 -4.18
N GLN A 78 -6.03 -11.36 -5.08
CA GLN A 78 -7.17 -11.43 -6.01
C GLN A 78 -8.48 -11.31 -5.23
N THR A 79 -8.90 -12.45 -4.61
CA THR A 79 -10.13 -12.66 -3.79
C THR A 79 -11.43 -11.93 -4.26
N ARG A 80 -11.41 -10.59 -4.28
CA ARG A 80 -12.54 -9.69 -4.55
C ARG A 80 -13.35 -9.50 -3.26
N PRO A 81 -12.87 -8.58 -2.35
CA PRO A 81 -13.57 -8.24 -1.11
C PRO A 81 -14.57 -7.08 -1.30
N LYS A 82 -15.52 -6.99 -0.38
CA LYS A 82 -16.50 -5.89 -0.31
C LYS A 82 -16.00 -4.87 0.73
N ALA A 83 -15.40 -3.77 0.23
CA ALA A 83 -14.72 -2.77 1.07
C ALA A 83 -15.71 -1.93 1.89
N SER A 84 -15.39 -1.73 3.18
CA SER A 84 -16.15 -0.86 4.08
C SER A 84 -15.80 0.62 3.77
N PRO A 85 -16.83 1.54 3.69
CA PRO A 85 -16.61 2.99 3.43
C PRO A 85 -15.65 3.65 4.45
N SER A 86 -15.80 3.29 5.74
CA SER A 86 -14.97 3.84 6.83
C SER A 86 -14.70 2.73 7.89
N TRP A 1 6.49 13.03 -1.12
CA TRP A 1 6.92 11.60 -1.20
C TRP A 1 6.56 11.01 -2.58
N ARG A 2 7.57 10.47 -3.27
CA ARG A 2 7.41 9.74 -4.53
C ARG A 2 7.66 8.25 -4.27
N VAL A 3 6.71 7.62 -3.58
CA VAL A 3 6.87 6.24 -3.06
C VAL A 3 6.66 5.21 -4.17
N ARG A 4 7.66 4.36 -4.39
CA ARG A 4 7.60 3.30 -5.40
C ARG A 4 6.82 2.09 -4.81
N CYS A 5 5.99 1.43 -5.64
CA CYS A 5 5.17 0.28 -5.20
C CYS A 5 5.23 -0.87 -6.23
N LYS A 6 5.98 -1.93 -5.89
CA LYS A 6 6.15 -3.11 -6.74
C LYS A 6 4.91 -4.01 -6.60
N ALA A 7 4.00 -3.90 -7.54
CA ALA A 7 2.72 -4.61 -7.53
C ALA A 7 2.75 -5.79 -8.49
N LYS A 8 3.05 -7.00 -7.93
CA LYS A 8 3.07 -8.29 -8.65
C LYS A 8 4.27 -8.38 -9.63
N GLY A 9 4.16 -7.67 -10.77
CA GLY A 9 5.23 -7.55 -11.78
C GLY A 9 5.15 -6.20 -12.49
N GLY A 10 4.57 -5.21 -11.78
CA GLY A 10 4.34 -3.86 -12.30
C GLY A 10 4.77 -2.81 -11.29
N THR A 11 5.91 -2.16 -11.55
CA THR A 11 6.46 -1.12 -10.66
C THR A 11 5.68 0.19 -10.88
N HIS A 12 5.03 0.68 -9.82
CA HIS A 12 4.31 1.96 -9.81
C HIS A 12 5.05 2.97 -8.95
N LEU A 13 4.54 4.20 -8.93
CA LEU A 13 5.06 5.27 -8.10
C LEU A 13 3.91 6.22 -7.76
N LEU A 14 3.59 6.30 -6.46
CA LEU A 14 2.52 7.13 -5.91
C LEU A 14 3.08 8.52 -5.54
N GLN A 15 2.40 9.58 -5.99
CA GLN A 15 2.78 10.98 -5.71
C GLN A 15 2.07 11.48 -4.44
N GLY A 16 2.57 12.60 -3.90
CA GLY A 16 2.04 13.21 -2.68
C GLY A 16 2.54 12.49 -1.45
N LEU A 17 1.71 11.56 -0.93
CA LEU A 17 1.95 10.81 0.33
C LEU A 17 2.51 11.68 1.47
N SER A 18 1.64 12.00 2.42
CA SER A 18 2.04 12.65 3.68
C SER A 18 2.76 11.61 4.56
N SER A 19 3.64 12.07 5.44
CA SER A 19 4.27 11.21 6.46
C SER A 19 3.20 10.63 7.43
N ARG A 20 2.03 11.31 7.49
CA ARG A 20 0.88 10.91 8.31
C ARG A 20 -0.30 10.42 7.44
N THR A 21 0.00 9.83 6.25
CA THR A 21 -1.03 9.19 5.42
C THR A 21 -1.57 7.94 6.14
N ARG A 22 -2.84 8.02 6.56
CA ARG A 22 -3.57 6.93 7.26
C ARG A 22 -3.75 5.71 6.34
N LEU A 23 -4.07 4.54 6.93
CA LEU A 23 -4.33 3.27 6.21
C LEU A 23 -5.41 3.45 5.11
N ARG A 24 -6.55 4.01 5.51
CA ARG A 24 -7.72 4.22 4.63
C ARG A 24 -7.38 5.13 3.42
N GLU A 25 -6.35 5.97 3.60
CA GLU A 25 -5.86 6.87 2.56
C GLU A 25 -4.78 6.17 1.70
N LEU A 26 -3.93 5.36 2.37
CA LEU A 26 -2.76 4.70 1.77
C LEU A 26 -3.21 3.60 0.79
N GLN A 27 -3.85 2.55 1.34
CA GLN A 27 -4.41 1.43 0.55
C GLN A 27 -5.59 1.89 -0.31
N GLY A 28 -6.17 3.06 0.02
CA GLY A 28 -7.22 3.70 -0.78
C GLY A 28 -6.67 4.22 -2.11
N GLN A 29 -5.42 4.74 -2.09
CA GLN A 29 -4.73 5.23 -3.30
C GLN A 29 -4.22 4.05 -4.13
N ILE A 30 -3.70 3.01 -3.45
CA ILE A 30 -3.16 1.79 -4.11
C ILE A 30 -4.27 1.05 -4.89
N ALA A 31 -5.50 1.08 -4.33
CA ALA A 31 -6.72 0.53 -4.97
C ALA A 31 -7.03 1.24 -6.32
N ALA A 32 -6.56 2.49 -6.46
CA ALA A 32 -6.71 3.29 -7.70
C ALA A 32 -5.50 3.12 -8.63
N ILE A 33 -4.29 3.14 -8.04
CA ILE A 33 -2.99 3.16 -8.75
C ILE A 33 -2.75 1.84 -9.53
N THR A 34 -2.91 0.72 -8.84
CA THR A 34 -2.62 -0.61 -9.40
C THR A 34 -3.86 -1.54 -9.30
N GLY A 35 -4.95 -1.04 -8.73
CA GLY A 35 -6.23 -1.76 -8.71
C GLY A 35 -6.36 -2.79 -7.60
N ILE A 36 -5.29 -2.92 -6.78
CA ILE A 36 -5.29 -3.90 -5.67
C ILE A 36 -6.02 -3.28 -4.48
N ALA A 37 -7.27 -3.73 -4.26
CA ALA A 37 -8.15 -3.24 -3.18
C ALA A 37 -7.52 -3.50 -1.79
N PRO A 38 -7.85 -2.66 -0.74
CA PRO A 38 -7.20 -2.72 0.61
C PRO A 38 -7.15 -4.13 1.25
N GLY A 39 -8.25 -4.91 1.07
CA GLY A 39 -8.32 -6.28 1.59
C GLY A 39 -7.81 -7.33 0.60
N SER A 40 -6.84 -6.95 -0.25
CA SER A 40 -6.18 -7.85 -1.21
C SER A 40 -4.65 -7.68 -1.14
N GLN A 41 -4.19 -6.74 -0.29
CA GLN A 41 -2.78 -6.32 -0.23
C GLN A 41 -2.34 -6.08 1.22
N ARG A 42 -1.01 -6.03 1.38
CA ARG A 42 -0.32 -5.77 2.65
C ARG A 42 1.00 -5.03 2.35
N ILE A 43 1.66 -4.54 3.42
CA ILE A 43 2.88 -3.73 3.30
C ILE A 43 4.11 -4.63 3.48
N LEU A 44 4.83 -4.81 2.38
CA LEU A 44 6.04 -5.63 2.31
C LEU A 44 7.19 -4.77 1.77
N VAL A 45 8.43 -5.18 2.05
CA VAL A 45 9.65 -4.40 1.78
C VAL A 45 10.78 -5.32 1.28
N GLY A 46 11.96 -4.72 1.01
CA GLY A 46 13.12 -5.43 0.48
C GLY A 46 13.72 -6.42 1.46
N TYR A 47 13.91 -5.96 2.73
CA TYR A 47 14.32 -6.85 3.84
C TYR A 47 13.11 -7.72 4.29
N PRO A 48 13.32 -8.86 5.04
CA PRO A 48 12.21 -9.69 5.58
C PRO A 48 11.18 -8.84 6.39
N PRO A 49 9.93 -8.60 5.84
CA PRO A 49 8.93 -7.72 6.47
C PRO A 49 8.28 -8.37 7.70
N GLU A 50 7.47 -7.59 8.42
CA GLU A 50 6.76 -8.05 9.63
C GLU A 50 5.42 -8.75 9.27
N CYS A 51 5.08 -8.80 7.95
CA CYS A 51 3.77 -9.27 7.45
C CYS A 51 2.65 -8.55 8.20
N LEU A 52 2.59 -7.22 7.99
CA LEU A 52 1.80 -6.31 8.83
C LEU A 52 0.29 -6.55 8.69
N ASP A 53 -0.39 -6.61 9.84
CA ASP A 53 -1.85 -6.75 9.90
C ASP A 53 -2.44 -5.33 10.04
N LEU A 54 -2.69 -4.69 8.89
CA LEU A 54 -3.22 -3.31 8.85
C LEU A 54 -4.73 -3.34 9.17
N SER A 55 -5.06 -3.25 10.46
CA SER A 55 -6.44 -3.30 10.96
C SER A 55 -6.98 -1.87 11.21
N ASP A 56 -6.18 -1.07 11.92
CA ASP A 56 -6.53 0.31 12.31
C ASP A 56 -6.47 1.25 11.10
N ARG A 57 -7.58 1.95 10.79
CA ARG A 57 -7.68 2.79 9.56
C ARG A 57 -6.89 4.11 9.69
N ASP A 58 -6.60 4.51 10.94
CA ASP A 58 -5.93 5.78 11.26
C ASP A 58 -4.39 5.60 11.28
N ILE A 59 -3.91 4.33 11.18
CA ILE A 59 -2.47 4.00 11.27
C ILE A 59 -1.72 4.63 10.08
N THR A 60 -0.71 5.44 10.41
CA THR A 60 -0.01 6.28 9.43
C THR A 60 1.28 5.61 8.95
N LEU A 61 1.94 6.27 7.97
CA LEU A 61 3.26 5.87 7.47
C LEU A 61 4.34 6.13 8.54
N GLY A 62 3.97 6.92 9.57
CA GLY A 62 4.81 7.13 10.76
C GLY A 62 5.07 5.85 11.54
N ASP A 63 4.11 4.89 11.48
CA ASP A 63 4.30 3.53 12.02
C ASP A 63 4.79 2.60 10.89
N LEU A 64 3.95 2.48 9.86
CA LEU A 64 4.14 1.57 8.70
C LEU A 64 5.48 1.88 7.96
N PRO A 65 6.24 0.85 7.44
CA PRO A 65 7.60 1.04 6.84
C PRO A 65 7.58 1.60 5.39
N ILE A 66 6.68 2.55 5.11
CA ILE A 66 6.63 3.29 3.83
C ILE A 66 7.56 4.50 3.98
N GLN A 67 8.57 4.57 3.10
CA GLN A 67 9.52 5.69 3.03
C GLN A 67 9.46 6.36 1.65
N SER A 68 9.93 7.62 1.58
CA SER A 68 9.91 8.43 0.35
C SER A 68 10.89 7.85 -0.70
N GLY A 69 10.32 7.33 -1.80
CA GLY A 69 11.11 6.74 -2.89
C GLY A 69 11.55 5.30 -2.61
N ASP A 70 10.97 4.69 -1.58
CA ASP A 70 11.28 3.30 -1.16
C ASP A 70 10.42 2.32 -1.97
N MET A 71 10.86 1.05 -2.01
CA MET A 71 10.20 -0.02 -2.78
C MET A 71 9.25 -0.82 -1.88
N LEU A 72 7.97 -0.48 -1.93
CA LEU A 72 6.91 -1.15 -1.16
C LEU A 72 6.23 -2.22 -2.04
N ILE A 73 6.40 -3.50 -1.67
CA ILE A 73 5.85 -4.63 -2.43
C ILE A 73 4.36 -4.77 -2.10
N VAL A 74 3.53 -4.30 -3.04
CA VAL A 74 2.07 -4.49 -3.01
C VAL A 74 1.75 -5.89 -3.57
N GLU A 75 1.42 -6.81 -2.65
CA GLU A 75 0.97 -8.15 -3.03
C GLU A 75 -0.50 -8.12 -3.49
N GLU A 76 -0.91 -9.15 -4.23
CA GLU A 76 -2.31 -9.38 -4.58
C GLU A 76 -2.70 -10.79 -4.12
N ASP A 77 -3.76 -10.87 -3.31
CA ASP A 77 -4.28 -12.14 -2.81
C ASP A 77 -5.06 -12.90 -3.91
N GLN A 78 -5.56 -12.15 -4.91
CA GLN A 78 -6.43 -12.65 -6.00
C GLN A 78 -7.81 -13.06 -5.46
N THR A 79 -8.25 -12.36 -4.38
CA THR A 79 -9.54 -12.62 -3.71
C THR A 79 -10.75 -12.25 -4.60
N ARG A 80 -10.48 -11.55 -5.74
CA ARG A 80 -11.52 -11.03 -6.66
C ARG A 80 -12.40 -10.02 -5.88
N PRO A 81 -11.83 -8.79 -5.57
CA PRO A 81 -12.43 -7.84 -4.60
C PRO A 81 -13.82 -7.30 -4.99
N LYS A 82 -14.71 -7.30 -3.98
CA LYS A 82 -16.03 -6.64 -4.03
C LYS A 82 -15.83 -5.11 -4.15
N ALA A 83 -14.74 -4.63 -3.49
CA ALA A 83 -14.28 -3.23 -3.58
C ALA A 83 -13.68 -2.96 -4.97
N SER A 84 -14.59 -2.77 -5.93
CA SER A 84 -14.28 -2.48 -7.33
C SER A 84 -14.31 -0.93 -7.54
N PRO A 85 -14.15 -0.38 -8.82
CA PRO A 85 -14.44 1.05 -9.12
C PRO A 85 -15.72 1.57 -8.42
N SER A 86 -15.53 2.32 -7.32
CA SER A 86 -16.60 2.78 -6.43
C SER A 86 -16.41 4.30 -6.16
N TRP A 1 6.87 12.45 -1.13
CA TRP A 1 7.24 11.02 -1.01
C TRP A 1 6.97 10.29 -2.34
N ARG A 2 8.04 10.04 -3.11
CA ARG A 2 7.99 9.21 -4.35
C ARG A 2 7.97 7.71 -3.98
N VAL A 3 6.88 7.26 -3.35
CA VAL A 3 6.77 5.89 -2.82
C VAL A 3 6.50 4.91 -3.96
N ARG A 4 7.42 3.96 -4.13
CA ARG A 4 7.37 2.97 -5.21
C ARG A 4 6.66 1.71 -4.71
N CYS A 5 5.65 1.24 -5.46
CA CYS A 5 4.89 0.04 -5.13
C CYS A 5 5.05 -1.03 -6.23
N LYS A 6 5.76 -2.12 -5.88
CA LYS A 6 6.00 -3.26 -6.77
C LYS A 6 4.73 -4.11 -6.89
N ALA A 7 4.29 -4.38 -8.13
CA ALA A 7 3.15 -5.25 -8.42
C ALA A 7 3.23 -5.77 -9.86
N LYS A 8 2.19 -6.48 -10.29
CA LYS A 8 2.04 -6.94 -11.67
C LYS A 8 1.85 -5.73 -12.59
N GLY A 9 2.67 -5.64 -13.64
CA GLY A 9 2.74 -4.44 -14.49
C GLY A 9 3.98 -3.61 -14.21
N GLY A 10 4.76 -4.02 -13.18
CA GLY A 10 6.03 -3.38 -12.82
C GLY A 10 5.92 -2.56 -11.54
N THR A 11 6.88 -1.64 -11.36
CA THR A 11 6.95 -0.76 -10.20
C THR A 11 6.25 0.58 -10.50
N HIS A 12 5.21 0.88 -9.74
CA HIS A 12 4.40 2.10 -9.92
C HIS A 12 4.97 3.20 -9.01
N LEU A 13 4.96 4.44 -9.49
CA LEU A 13 5.47 5.60 -8.73
C LEU A 13 4.27 6.38 -8.19
N LEU A 14 4.01 6.24 -6.88
CA LEU A 14 2.85 6.86 -6.22
C LEU A 14 3.18 8.30 -5.76
N GLN A 15 2.19 9.18 -5.95
CA GLN A 15 2.24 10.59 -5.53
C GLN A 15 1.10 10.87 -4.54
N GLY A 16 1.20 12.01 -3.82
CA GLY A 16 0.19 12.40 -2.81
C GLY A 16 0.43 11.77 -1.44
N LEU A 17 1.59 11.12 -1.26
CA LEU A 17 1.97 10.51 0.02
C LEU A 17 2.58 11.57 0.95
N SER A 18 1.81 11.91 1.96
CA SER A 18 2.25 12.71 3.12
C SER A 18 2.90 11.78 4.15
N SER A 19 3.54 12.35 5.17
CA SER A 19 4.12 11.58 6.29
C SER A 19 3.01 10.96 7.17
N ARG A 20 1.81 11.56 7.09
CA ARG A 20 0.64 11.18 7.91
C ARG A 20 -0.49 10.55 7.04
N THR A 21 -0.11 10.00 5.87
CA THR A 21 -1.07 9.26 5.01
C THR A 21 -1.58 8.01 5.76
N ARG A 22 -2.86 8.07 6.17
CA ARG A 22 -3.53 7.00 6.94
C ARG A 22 -3.78 5.75 6.09
N LEU A 23 -4.23 4.67 6.74
CA LEU A 23 -4.61 3.39 6.08
C LEU A 23 -5.57 3.63 4.91
N ARG A 24 -6.69 4.30 5.22
CA ARG A 24 -7.74 4.71 4.24
C ARG A 24 -7.16 5.43 3.00
N GLU A 25 -6.13 6.26 3.22
CA GLU A 25 -5.51 7.09 2.17
C GLU A 25 -4.42 6.29 1.41
N LEU A 26 -3.70 5.42 2.14
CA LEU A 26 -2.54 4.69 1.62
C LEU A 26 -3.02 3.56 0.72
N GLN A 27 -3.72 2.58 1.32
CA GLN A 27 -4.30 1.44 0.60
C GLN A 27 -5.43 1.90 -0.34
N GLY A 28 -5.99 3.09 -0.07
CA GLY A 28 -6.95 3.73 -0.94
C GLY A 28 -6.33 4.18 -2.27
N GLN A 29 -5.08 4.70 -2.20
CA GLN A 29 -4.33 5.12 -3.40
C GLN A 29 -3.85 3.89 -4.17
N ILE A 30 -3.31 2.90 -3.45
CA ILE A 30 -2.79 1.64 -4.04
C ILE A 30 -3.90 0.88 -4.80
N ALA A 31 -5.12 0.88 -4.22
CA ALA A 31 -6.33 0.27 -4.83
C ALA A 31 -6.70 0.95 -6.15
N ALA A 32 -6.30 2.23 -6.32
CA ALA A 32 -6.55 3.01 -7.55
C ALA A 32 -5.35 2.91 -8.53
N ILE A 33 -4.13 2.76 -7.98
CA ILE A 33 -2.87 2.78 -8.75
C ILE A 33 -2.65 1.44 -9.50
N THR A 34 -2.52 0.35 -8.74
CA THR A 34 -2.25 -1.00 -9.28
C THR A 34 -3.55 -1.85 -9.30
N GLY A 35 -4.61 -1.34 -8.64
CA GLY A 35 -5.94 -1.95 -8.70
C GLY A 35 -6.10 -3.16 -7.81
N ILE A 36 -5.24 -3.29 -6.78
CA ILE A 36 -5.35 -4.38 -5.79
C ILE A 36 -6.23 -3.92 -4.62
N ALA A 37 -7.26 -4.73 -4.29
CA ALA A 37 -8.17 -4.47 -3.15
C ALA A 37 -7.37 -4.30 -1.85
N PRO A 38 -7.76 -3.31 -0.95
CA PRO A 38 -6.99 -2.98 0.29
C PRO A 38 -6.74 -4.21 1.20
N GLY A 39 -7.74 -5.08 1.31
CA GLY A 39 -7.63 -6.30 2.12
C GLY A 39 -7.10 -7.51 1.34
N SER A 40 -6.39 -7.25 0.23
CA SER A 40 -5.69 -8.27 -0.58
C SER A 40 -4.21 -7.90 -0.72
N GLN A 41 -3.84 -6.71 -0.21
CA GLN A 41 -2.48 -6.18 -0.25
C GLN A 41 -2.07 -5.72 1.15
N ARG A 42 -0.79 -5.91 1.51
CA ARG A 42 -0.25 -5.56 2.82
C ARG A 42 1.11 -4.85 2.63
N ILE A 43 1.71 -4.45 3.76
CA ILE A 43 2.95 -3.67 3.77
C ILE A 43 4.15 -4.62 3.89
N LEU A 44 4.67 -5.00 2.73
CA LEU A 44 5.88 -5.81 2.59
C LEU A 44 6.96 -4.91 2.01
N VAL A 45 8.21 -5.16 2.35
CA VAL A 45 9.33 -4.23 2.11
C VAL A 45 10.55 -4.95 1.52
N GLY A 46 11.62 -4.17 1.26
CA GLY A 46 12.85 -4.65 0.61
C GLY A 46 13.76 -5.49 1.51
N TYR A 47 13.24 -5.88 2.69
CA TYR A 47 13.89 -6.79 3.64
C TYR A 47 12.79 -7.66 4.31
N PRO A 48 13.14 -8.85 4.93
CA PRO A 48 12.17 -9.72 5.65
C PRO A 48 11.11 -8.93 6.49
N PRO A 49 9.81 -8.93 6.05
CA PRO A 49 8.70 -8.27 6.79
C PRO A 49 8.17 -9.14 7.96
N GLU A 50 7.06 -8.69 8.58
CA GLU A 50 6.41 -9.40 9.72
C GLU A 50 4.94 -9.73 9.38
N CYS A 51 4.57 -9.63 8.07
CA CYS A 51 3.17 -9.68 7.60
C CYS A 51 2.35 -8.59 8.31
N LEU A 52 2.59 -7.34 7.91
CA LEU A 52 2.04 -6.16 8.59
C LEU A 52 0.55 -5.97 8.25
N ASP A 53 -0.30 -6.24 9.26
CA ASP A 53 -1.75 -6.07 9.17
C ASP A 53 -2.11 -4.70 9.79
N LEU A 54 -2.85 -3.88 9.04
CA LEU A 54 -3.28 -2.55 9.47
C LEU A 54 -4.75 -2.64 9.93
N SER A 55 -4.95 -3.13 11.18
CA SER A 55 -6.29 -3.25 11.80
C SER A 55 -6.79 -1.87 12.27
N ASP A 56 -5.86 -0.97 12.60
CA ASP A 56 -6.18 0.40 13.02
C ASP A 56 -6.51 1.27 11.79
N ARG A 57 -7.34 2.30 11.99
CA ARG A 57 -7.91 3.12 10.88
C ARG A 57 -7.20 4.48 10.74
N ASP A 58 -6.68 4.98 11.87
CA ASP A 58 -6.00 6.30 11.94
C ASP A 58 -4.49 6.15 11.67
N ILE A 59 -4.02 4.88 11.67
CA ILE A 59 -2.60 4.50 11.52
C ILE A 59 -1.99 5.06 10.21
N THR A 60 -0.79 5.65 10.33
CA THR A 60 -0.16 6.44 9.26
C THR A 60 1.16 5.80 8.79
N LEU A 61 1.80 6.44 7.79
CA LEU A 61 3.13 6.04 7.28
C LEU A 61 4.25 6.28 8.33
N GLY A 62 3.92 7.04 9.39
CA GLY A 62 4.81 7.23 10.54
C GLY A 62 5.05 5.93 11.31
N ASP A 63 4.03 5.05 11.32
CA ASP A 63 4.11 3.73 11.98
C ASP A 63 4.76 2.72 11.02
N LEU A 64 4.15 2.59 9.82
CA LEU A 64 4.56 1.60 8.82
C LEU A 64 5.92 1.99 8.16
N PRO A 65 6.72 0.98 7.68
CA PRO A 65 8.05 1.21 7.02
C PRO A 65 8.00 1.90 5.63
N ILE A 66 6.90 2.61 5.30
CA ILE A 66 6.82 3.43 4.08
C ILE A 66 7.69 4.67 4.31
N GLN A 67 8.74 4.81 3.52
CA GLN A 67 9.66 5.96 3.54
C GLN A 67 9.62 6.67 2.17
N SER A 68 10.30 7.82 2.07
CA SER A 68 10.36 8.62 0.85
C SER A 68 11.22 7.91 -0.21
N GLY A 69 10.55 7.26 -1.18
CA GLY A 69 11.24 6.50 -2.23
C GLY A 69 11.49 5.04 -1.84
N ASP A 70 10.73 4.54 -0.86
CA ASP A 70 10.86 3.15 -0.36
C ASP A 70 10.19 2.15 -1.31
N MET A 71 10.57 0.87 -1.16
CA MET A 71 10.06 -0.24 -1.98
C MET A 71 9.02 -1.04 -1.20
N LEU A 72 7.74 -0.83 -1.56
CA LEU A 72 6.59 -1.54 -0.96
C LEU A 72 6.08 -2.58 -1.95
N ILE A 73 6.24 -3.87 -1.59
CA ILE A 73 5.80 -4.99 -2.42
C ILE A 73 4.31 -5.22 -2.14
N VAL A 74 3.49 -4.66 -3.04
CA VAL A 74 2.05 -4.83 -3.02
C VAL A 74 1.70 -6.24 -3.53
N GLU A 75 1.32 -7.10 -2.57
CA GLU A 75 0.87 -8.47 -2.86
C GLU A 75 -0.57 -8.44 -3.39
N GLU A 76 -1.02 -9.57 -3.92
CA GLU A 76 -2.41 -9.80 -4.29
C GLU A 76 -2.80 -11.21 -3.84
N ASP A 77 -3.57 -11.29 -2.75
CA ASP A 77 -4.15 -12.54 -2.25
C ASP A 77 -5.43 -12.90 -3.06
N GLN A 78 -5.97 -11.89 -3.79
CA GLN A 78 -7.25 -11.95 -4.52
C GLN A 78 -8.44 -12.14 -3.56
N THR A 79 -8.27 -11.66 -2.30
CA THR A 79 -9.29 -11.77 -1.24
C THR A 79 -10.56 -11.00 -1.63
N ARG A 80 -10.33 -9.82 -2.27
CA ARG A 80 -11.36 -8.81 -2.61
C ARG A 80 -12.45 -8.61 -1.53
N PRO A 81 -12.10 -8.04 -0.32
CA PRO A 81 -13.08 -7.67 0.71
C PRO A 81 -13.67 -6.27 0.41
N LYS A 82 -15.00 -6.17 0.44
CA LYS A 82 -15.74 -4.93 0.15
C LYS A 82 -16.05 -4.15 1.45
N ALA A 83 -15.07 -4.12 2.35
CA ALA A 83 -15.13 -3.32 3.58
C ALA A 83 -15.20 -1.82 3.24
N SER A 84 -14.39 -1.42 2.24
CA SER A 84 -14.37 -0.08 1.67
C SER A 84 -14.10 -0.19 0.15
N PRO A 85 -15.17 -0.38 -0.70
CA PRO A 85 -15.02 -0.49 -2.17
C PRO A 85 -14.72 0.89 -2.83
N SER A 86 -15.66 1.84 -2.65
CA SER A 86 -15.56 3.22 -3.14
C SER A 86 -16.31 4.16 -2.16
N TRP A 1 5.94 12.39 -0.95
CA TRP A 1 6.66 11.11 -0.82
C TRP A 1 6.44 10.28 -2.09
N ARG A 2 7.48 10.22 -2.95
CA ARG A 2 7.47 9.38 -4.16
C ARG A 2 7.80 7.92 -3.77
N VAL A 3 6.84 7.28 -3.07
CA VAL A 3 7.01 5.90 -2.56
C VAL A 3 6.68 4.89 -3.66
N ARG A 4 7.59 3.93 -3.86
CA ARG A 4 7.45 2.89 -4.90
C ARG A 4 6.69 1.69 -4.30
N CYS A 5 5.80 1.07 -5.09
CA CYS A 5 4.97 -0.06 -4.66
C CYS A 5 4.89 -1.13 -5.75
N LYS A 6 5.68 -2.21 -5.57
CA LYS A 6 5.80 -3.31 -6.53
C LYS A 6 4.52 -4.18 -6.48
N ALA A 7 3.73 -4.16 -7.57
CA ALA A 7 2.47 -4.92 -7.68
C ALA A 7 2.29 -5.43 -9.11
N LYS A 8 2.12 -6.76 -9.24
CA LYS A 8 1.79 -7.45 -10.50
C LYS A 8 2.81 -7.16 -11.62
N GLY A 9 4.09 -7.44 -11.35
CA GLY A 9 5.16 -7.35 -12.34
C GLY A 9 5.49 -5.93 -12.79
N GLY A 10 5.22 -4.94 -11.91
CA GLY A 10 5.45 -3.52 -12.23
C GLY A 10 5.61 -2.71 -10.96
N THR A 11 6.50 -1.69 -11.00
CA THR A 11 6.77 -0.80 -9.86
C THR A 11 5.86 0.44 -9.96
N HIS A 12 4.79 0.47 -9.16
CA HIS A 12 3.76 1.52 -9.21
C HIS A 12 4.15 2.66 -8.25
N LEU A 13 4.42 3.84 -8.80
CA LEU A 13 4.89 4.99 -8.03
C LEU A 13 3.71 5.75 -7.41
N LEU A 14 3.51 5.56 -6.11
CA LEU A 14 2.47 6.24 -5.31
C LEU A 14 2.83 7.73 -5.11
N GLN A 15 1.85 8.59 -5.46
CA GLN A 15 1.94 10.06 -5.31
C GLN A 15 0.93 10.54 -4.26
N GLY A 16 0.96 11.86 -3.97
CA GLY A 16 0.03 12.50 -3.01
C GLY A 16 0.31 12.18 -1.55
N LEU A 17 1.39 11.43 -1.30
CA LEU A 17 1.75 10.94 0.04
C LEU A 17 2.55 11.99 0.82
N SER A 18 2.09 12.25 2.03
CA SER A 18 2.82 13.05 3.04
C SER A 18 3.31 12.08 4.14
N SER A 19 3.93 12.63 5.20
CA SER A 19 4.28 11.84 6.39
C SER A 19 3.01 11.38 7.14
N ARG A 20 1.94 12.18 7.01
CA ARG A 20 0.69 12.02 7.76
C ARG A 20 -0.40 11.31 6.94
N THR A 21 -0.02 10.53 5.92
CA THR A 21 -0.95 9.72 5.14
C THR A 21 -1.28 8.43 5.91
N ARG A 22 -2.58 8.14 6.02
CA ARG A 22 -3.09 7.01 6.82
C ARG A 22 -3.40 5.82 5.92
N LEU A 23 -3.83 4.71 6.54
CA LEU A 23 -4.18 3.42 5.88
C LEU A 23 -5.11 3.67 4.67
N ARG A 24 -6.28 4.27 4.95
CA ARG A 24 -7.36 4.47 3.96
C ARG A 24 -6.93 5.36 2.77
N GLU A 25 -5.94 6.24 3.02
CA GLU A 25 -5.44 7.21 2.04
C GLU A 25 -4.25 6.61 1.25
N LEU A 26 -3.48 5.72 1.90
CA LEU A 26 -2.30 5.06 1.31
C LEU A 26 -2.76 3.91 0.40
N GLN A 27 -3.33 2.87 1.04
CA GLN A 27 -3.81 1.67 0.34
C GLN A 27 -5.04 1.96 -0.55
N GLY A 28 -5.68 3.13 -0.30
CA GLY A 28 -6.78 3.61 -1.14
C GLY A 28 -6.28 4.11 -2.49
N GLN A 29 -5.12 4.81 -2.49
CA GLN A 29 -4.48 5.30 -3.73
C GLN A 29 -3.83 4.15 -4.49
N ILE A 30 -3.28 3.16 -3.76
CA ILE A 30 -2.77 1.91 -4.34
C ILE A 30 -3.90 1.17 -5.10
N ALA A 31 -5.08 1.13 -4.45
CA ALA A 31 -6.31 0.54 -5.02
C ALA A 31 -6.78 1.32 -6.27
N ALA A 32 -6.41 2.61 -6.35
CA ALA A 32 -6.73 3.48 -7.49
C ALA A 32 -5.69 3.34 -8.64
N ILE A 33 -4.42 3.01 -8.30
CA ILE A 33 -3.33 2.88 -9.32
C ILE A 33 -3.26 1.43 -9.86
N THR A 34 -2.83 0.49 -9.01
CA THR A 34 -2.59 -0.91 -9.41
C THR A 34 -3.87 -1.77 -9.26
N GLY A 35 -4.94 -1.16 -8.70
CA GLY A 35 -6.25 -1.80 -8.63
C GLY A 35 -6.39 -2.84 -7.54
N ILE A 36 -5.35 -3.00 -6.67
CA ILE A 36 -5.42 -3.95 -5.55
C ILE A 36 -6.17 -3.28 -4.40
N ALA A 37 -7.42 -3.73 -4.14
CA ALA A 37 -8.26 -3.21 -3.03
C ALA A 37 -7.52 -3.34 -1.68
N PRO A 38 -7.71 -2.38 -0.71
CA PRO A 38 -6.90 -2.30 0.54
C PRO A 38 -6.89 -3.61 1.36
N GLY A 39 -8.00 -4.36 1.30
CA GLY A 39 -8.12 -5.65 2.00
C GLY A 39 -7.72 -6.86 1.14
N SER A 40 -6.84 -6.62 0.14
CA SER A 40 -6.24 -7.69 -0.70
C SER A 40 -4.72 -7.45 -0.80
N GLN A 41 -4.23 -6.44 -0.07
CA GLN A 41 -2.82 -6.05 -0.02
C GLN A 41 -2.41 -5.77 1.43
N ARG A 42 -1.13 -6.02 1.72
CA ARG A 42 -0.51 -5.70 3.01
C ARG A 42 0.67 -4.74 2.74
N ILE A 43 1.55 -4.55 3.73
CA ILE A 43 2.69 -3.64 3.63
C ILE A 43 3.98 -4.42 3.90
N LEU A 44 4.73 -4.69 2.82
CA LEU A 44 6.02 -5.38 2.87
C LEU A 44 7.10 -4.48 2.28
N VAL A 45 8.36 -4.90 2.38
CA VAL A 45 9.53 -4.10 1.97
C VAL A 45 10.57 -5.02 1.29
N GLY A 46 11.49 -4.39 0.54
CA GLY A 46 12.51 -5.10 -0.24
C GLY A 46 13.41 -6.01 0.61
N TYR A 47 13.91 -5.45 1.72
CA TYR A 47 14.63 -6.21 2.76
C TYR A 47 13.62 -7.10 3.55
N PRO A 48 14.08 -8.24 4.19
CA PRO A 48 13.22 -9.18 4.98
C PRO A 48 12.05 -8.50 5.75
N PRO A 49 10.79 -8.58 5.19
CA PRO A 49 9.62 -7.88 5.77
C PRO A 49 8.99 -8.64 6.94
N GLU A 50 8.25 -7.88 7.75
CA GLU A 50 7.38 -8.38 8.79
C GLU A 50 5.96 -8.33 8.23
N CYS A 51 5.57 -9.44 7.59
CA CYS A 51 4.19 -9.68 7.10
C CYS A 51 3.14 -9.35 8.18
N LEU A 52 2.75 -8.06 8.24
CA LEU A 52 1.75 -7.52 9.18
C LEU A 52 0.37 -7.37 8.52
N ASP A 53 -0.65 -7.14 9.37
CA ASP A 53 -1.99 -6.74 8.94
C ASP A 53 -2.20 -5.29 9.37
N LEU A 54 -2.92 -4.51 8.56
CA LEU A 54 -3.28 -3.13 8.88
C LEU A 54 -4.75 -3.09 9.30
N SER A 55 -5.00 -3.19 10.61
CA SER A 55 -6.36 -3.23 11.17
C SER A 55 -6.89 -1.81 11.38
N ASP A 56 -6.05 -0.96 12.00
CA ASP A 56 -6.44 0.41 12.39
C ASP A 56 -6.55 1.31 11.14
N ARG A 57 -7.77 1.65 10.75
CA ARG A 57 -8.06 2.51 9.57
C ARG A 57 -7.35 3.90 9.60
N ASP A 58 -7.01 4.38 10.80
CA ASP A 58 -6.37 5.72 11.01
C ASP A 58 -4.83 5.62 11.08
N ILE A 59 -4.27 4.38 11.10
CA ILE A 59 -2.81 4.16 11.28
C ILE A 59 -2.00 4.77 10.11
N THR A 60 -0.88 5.43 10.44
CA THR A 60 -0.19 6.34 9.54
C THR A 60 1.18 5.75 9.07
N LEU A 61 1.80 6.37 8.04
CA LEU A 61 3.09 5.95 7.45
C LEU A 61 4.24 5.94 8.47
N GLY A 62 4.12 6.76 9.53
CA GLY A 62 5.10 6.80 10.64
C GLY A 62 5.15 5.49 11.42
N ASP A 63 4.02 4.77 11.47
CA ASP A 63 3.90 3.47 12.15
C ASP A 63 4.38 2.35 11.21
N LEU A 64 3.92 2.42 9.95
CA LEU A 64 4.22 1.41 8.91
C LEU A 64 5.64 1.62 8.31
N PRO A 65 6.24 0.57 7.66
CA PRO A 65 7.53 0.70 6.93
C PRO A 65 7.42 1.42 5.54
N ILE A 66 6.57 2.47 5.43
CA ILE A 66 6.55 3.34 4.23
C ILE A 66 7.56 4.47 4.47
N GLN A 67 8.62 4.49 3.66
CA GLN A 67 9.65 5.55 3.68
C GLN A 67 9.67 6.24 2.31
N SER A 68 10.18 7.48 2.26
CA SER A 68 10.18 8.32 1.03
C SER A 68 11.12 7.72 -0.04
N GLY A 69 10.51 7.19 -1.14
CA GLY A 69 11.26 6.58 -2.25
C GLY A 69 11.53 5.10 -2.06
N ASP A 70 11.09 4.54 -0.91
CA ASP A 70 11.41 3.16 -0.49
C ASP A 70 10.60 2.14 -1.32
N MET A 71 11.11 0.90 -1.32
CA MET A 71 10.52 -0.21 -2.07
C MET A 71 9.54 -0.97 -1.16
N LEU A 72 8.24 -0.70 -1.38
CA LEU A 72 7.13 -1.37 -0.71
C LEU A 72 6.56 -2.45 -1.67
N ILE A 73 6.28 -3.65 -1.17
CA ILE A 73 5.68 -4.74 -1.97
C ILE A 73 4.18 -4.81 -1.67
N VAL A 74 3.39 -4.50 -2.71
CA VAL A 74 1.92 -4.65 -2.70
C VAL A 74 1.57 -6.02 -3.31
N GLU A 75 1.10 -6.92 -2.46
CA GLU A 75 0.63 -8.25 -2.88
C GLU A 75 -0.83 -8.16 -3.35
N GLU A 76 -1.26 -9.17 -4.13
CA GLU A 76 -2.65 -9.34 -4.56
C GLU A 76 -3.17 -10.66 -3.99
N ASP A 77 -4.22 -10.59 -3.15
CA ASP A 77 -4.83 -11.78 -2.54
C ASP A 77 -6.02 -12.29 -3.41
N GLN A 78 -6.63 -11.36 -4.18
CA GLN A 78 -7.79 -11.61 -5.08
C GLN A 78 -9.10 -11.92 -4.31
N THR A 79 -9.12 -11.67 -2.98
CA THR A 79 -10.32 -11.92 -2.15
C THR A 79 -11.47 -10.95 -2.52
N ARG A 80 -11.09 -9.74 -3.01
CA ARG A 80 -12.02 -8.71 -3.52
C ARG A 80 -13.05 -8.28 -2.44
N PRO A 81 -12.63 -7.45 -1.44
CA PRO A 81 -13.53 -6.96 -0.38
C PRO A 81 -14.23 -5.63 -0.76
N LYS A 82 -15.46 -5.45 -0.26
CA LYS A 82 -16.21 -4.21 -0.42
C LYS A 82 -15.58 -3.16 0.52
N ALA A 83 -14.90 -2.18 -0.09
CA ALA A 83 -14.28 -1.05 0.62
C ALA A 83 -14.60 0.25 -0.14
N SER A 84 -14.81 1.34 0.59
CA SER A 84 -15.03 2.68 0.00
C SER A 84 -13.67 3.40 -0.15
N PRO A 85 -13.11 3.54 -1.41
CA PRO A 85 -11.80 4.20 -1.62
C PRO A 85 -11.88 5.73 -1.39
N SER A 86 -12.95 6.35 -1.92
CA SER A 86 -13.25 7.78 -1.77
C SER A 86 -14.79 7.96 -1.91
N TRP A 1 6.34 12.22 -0.53
CA TRP A 1 6.96 10.87 -0.58
C TRP A 1 6.47 10.12 -1.83
N ARG A 2 7.23 10.23 -2.92
CA ARG A 2 6.98 9.42 -4.13
C ARG A 2 7.61 8.04 -3.95
N VAL A 3 6.84 7.14 -3.31
CA VAL A 3 7.30 5.79 -2.95
C VAL A 3 6.79 4.77 -3.99
N ARG A 4 7.59 3.74 -4.26
CA ARG A 4 7.29 2.70 -5.26
C ARG A 4 6.48 1.56 -4.63
N CYS A 5 5.65 0.91 -5.46
CA CYS A 5 4.82 -0.25 -5.06
C CYS A 5 5.12 -1.41 -6.04
N LYS A 6 5.43 -2.59 -5.48
CA LYS A 6 5.81 -3.79 -6.24
C LYS A 6 4.62 -4.75 -6.30
N ALA A 7 4.03 -4.90 -7.48
CA ALA A 7 2.92 -5.83 -7.74
C ALA A 7 3.18 -6.57 -9.06
N LYS A 8 2.36 -7.59 -9.34
CA LYS A 8 2.48 -8.40 -10.58
C LYS A 8 1.99 -7.59 -11.79
N GLY A 9 1.03 -6.67 -11.52
CA GLY A 9 0.57 -5.70 -12.52
C GLY A 9 1.65 -4.70 -12.93
N GLY A 10 2.74 -4.64 -12.12
CA GLY A 10 3.92 -3.84 -12.42
C GLY A 10 4.38 -3.03 -11.21
N THR A 11 5.62 -2.55 -11.28
CA THR A 11 6.16 -1.61 -10.29
C THR A 11 5.70 -0.19 -10.68
N HIS A 12 4.84 0.39 -9.86
CA HIS A 12 4.28 1.73 -10.08
C HIS A 12 4.86 2.72 -9.06
N LEU A 13 4.73 4.03 -9.36
CA LEU A 13 5.28 5.11 -8.54
C LEU A 13 4.12 6.02 -8.08
N LEU A 14 3.90 6.08 -6.75
CA LEU A 14 2.81 6.87 -6.14
C LEU A 14 3.25 8.31 -5.87
N GLN A 15 2.27 9.19 -5.72
CA GLN A 15 2.44 10.62 -5.37
C GLN A 15 1.43 10.98 -4.28
N GLY A 16 1.60 12.16 -3.66
CA GLY A 16 0.65 12.68 -2.68
C GLY A 16 0.74 12.00 -1.32
N LEU A 17 1.81 11.24 -1.08
CA LEU A 17 2.05 10.56 0.20
C LEU A 17 2.83 11.48 1.15
N SER A 18 2.21 11.80 2.27
CA SER A 18 2.85 12.46 3.41
C SER A 18 3.48 11.40 4.34
N SER A 19 4.21 11.85 5.38
CA SER A 19 4.74 10.98 6.44
C SER A 19 3.58 10.43 7.31
N ARG A 20 2.49 11.22 7.42
CA ARG A 20 1.31 10.87 8.24
C ARG A 20 0.07 10.56 7.37
N THR A 21 0.30 9.97 6.19
CA THR A 21 -0.77 9.43 5.35
C THR A 21 -1.41 8.21 6.06
N ARG A 22 -2.71 8.31 6.38
CA ARG A 22 -3.46 7.23 7.05
C ARG A 22 -3.60 6.01 6.10
N LEU A 23 -3.95 4.86 6.69
CA LEU A 23 -4.22 3.59 5.97
C LEU A 23 -5.20 3.82 4.81
N ARG A 24 -6.34 4.42 5.15
CA ARG A 24 -7.47 4.60 4.23
C ARG A 24 -7.15 5.62 3.11
N GLU A 25 -6.10 6.43 3.33
CA GLU A 25 -5.55 7.36 2.32
C GLU A 25 -4.57 6.60 1.40
N LEU A 26 -3.69 5.80 2.04
CA LEU A 26 -2.56 5.10 1.40
C LEU A 26 -3.06 3.97 0.49
N GLN A 27 -3.75 2.99 1.08
CA GLN A 27 -4.32 1.84 0.37
C GLN A 27 -5.40 2.29 -0.64
N GLY A 28 -5.98 3.48 -0.38
CA GLY A 28 -6.94 4.12 -1.29
C GLY A 28 -6.31 4.52 -2.61
N GLN A 29 -5.05 5.02 -2.54
CA GLN A 29 -4.29 5.37 -3.74
C GLN A 29 -3.82 4.10 -4.47
N ILE A 30 -3.35 3.12 -3.70
CA ILE A 30 -2.82 1.83 -4.25
C ILE A 30 -3.91 1.06 -5.04
N ALA A 31 -5.16 1.16 -4.55
CA ALA A 31 -6.35 0.58 -5.20
C ALA A 31 -6.60 1.23 -6.59
N ALA A 32 -6.10 2.46 -6.77
CA ALA A 32 -6.18 3.21 -8.05
C ALA A 32 -4.90 3.02 -8.91
N ILE A 33 -3.74 2.94 -8.21
CA ILE A 33 -2.40 2.97 -8.83
C ILE A 33 -2.04 1.63 -9.51
N THR A 34 -2.19 0.53 -8.76
CA THR A 34 -1.90 -0.83 -9.26
C THR A 34 -3.19 -1.68 -9.30
N GLY A 35 -4.28 -1.12 -8.73
CA GLY A 35 -5.61 -1.73 -8.81
C GLY A 35 -5.84 -2.85 -7.80
N ILE A 36 -5.05 -2.88 -6.70
CA ILE A 36 -5.20 -3.92 -5.66
C ILE A 36 -6.10 -3.41 -4.53
N ALA A 37 -7.17 -4.19 -4.24
CA ALA A 37 -8.16 -3.87 -3.18
C ALA A 37 -7.46 -3.76 -1.80
N PRO A 38 -7.83 -2.76 -0.93
CA PRO A 38 -7.18 -2.53 0.39
C PRO A 38 -7.20 -3.76 1.34
N GLY A 39 -8.17 -4.68 1.10
CA GLY A 39 -8.26 -5.95 1.83
C GLY A 39 -7.68 -7.13 1.06
N SER A 40 -6.68 -6.84 0.22
CA SER A 40 -5.92 -7.85 -0.57
C SER A 40 -4.41 -7.53 -0.48
N GLN A 41 -4.11 -6.22 -0.46
CA GLN A 41 -2.77 -5.68 -0.22
C GLN A 41 -2.48 -5.53 1.28
N ARG A 42 -1.24 -5.82 1.65
CA ARG A 42 -0.66 -5.58 2.98
C ARG A 42 0.68 -4.85 2.80
N ILE A 43 1.28 -4.36 3.90
CA ILE A 43 2.49 -3.54 3.84
C ILE A 43 3.72 -4.42 4.05
N LEU A 44 4.41 -4.65 2.94
CA LEU A 44 5.72 -5.30 2.88
C LEU A 44 6.71 -4.23 2.39
N VAL A 45 7.99 -4.39 2.71
CA VAL A 45 9.00 -3.31 2.57
C VAL A 45 10.29 -3.88 1.95
N GLY A 46 11.17 -2.97 1.46
CA GLY A 46 12.43 -3.33 0.79
C GLY A 46 13.32 -4.25 1.61
N TYR A 47 13.50 -3.92 2.91
CA TYR A 47 14.22 -4.81 3.86
C TYR A 47 13.29 -6.00 4.23
N PRO A 48 13.86 -7.22 4.59
CA PRO A 48 13.06 -8.40 5.04
C PRO A 48 11.86 -8.03 5.98
N PRO A 49 10.59 -7.99 5.42
CA PRO A 49 9.42 -7.47 6.15
C PRO A 49 8.90 -8.46 7.20
N GLU A 50 8.17 -7.91 8.19
CA GLU A 50 7.54 -8.69 9.26
C GLU A 50 6.11 -9.10 8.88
N CYS A 51 5.69 -8.74 7.64
CA CYS A 51 4.34 -8.98 7.10
C CYS A 51 3.28 -8.39 8.04
N LEU A 52 3.21 -7.05 8.07
CA LEU A 52 2.35 -6.32 9.00
C LEU A 52 0.89 -6.31 8.51
N ASP A 53 -0.02 -6.79 9.37
CA ASP A 53 -1.46 -6.88 9.10
C ASP A 53 -2.14 -5.58 9.55
N LEU A 54 -2.55 -4.77 8.58
CA LEU A 54 -3.23 -3.48 8.82
C LEU A 54 -4.71 -3.74 9.14
N SER A 55 -5.01 -3.82 10.44
CA SER A 55 -6.36 -4.13 10.96
C SER A 55 -7.03 -2.85 11.55
N ASP A 56 -6.61 -1.67 11.03
CA ASP A 56 -7.07 -0.33 11.51
C ASP A 56 -7.61 0.48 10.29
N ARG A 57 -7.65 1.82 10.37
CA ARG A 57 -8.00 2.70 9.23
C ARG A 57 -7.25 4.05 9.30
N ASP A 58 -6.96 4.52 10.52
CA ASP A 58 -6.27 5.81 10.77
C ASP A 58 -4.75 5.63 10.89
N ILE A 59 -4.29 4.35 10.95
CA ILE A 59 -2.87 4.02 11.16
C ILE A 59 -1.98 4.59 10.02
N THR A 60 -1.00 5.44 10.38
CA THR A 60 -0.24 6.25 9.41
C THR A 60 1.06 5.56 8.93
N LEU A 61 1.74 6.20 7.95
CA LEU A 61 3.02 5.70 7.39
C LEU A 61 4.18 5.84 8.38
N GLY A 62 3.95 6.58 9.48
CA GLY A 62 4.89 6.64 10.60
C GLY A 62 4.93 5.32 11.39
N ASP A 63 3.79 4.57 11.37
CA ASP A 63 3.64 3.29 12.08
C ASP A 63 4.15 2.14 11.22
N LEU A 64 3.70 2.13 9.95
CA LEU A 64 4.13 1.13 8.95
C LEU A 64 5.53 1.54 8.38
N PRO A 65 6.36 0.58 7.86
CA PRO A 65 7.73 0.86 7.35
C PRO A 65 7.79 1.49 5.94
N ILE A 66 6.88 2.44 5.63
CA ILE A 66 6.94 3.22 4.39
C ILE A 66 8.03 4.29 4.58
N GLN A 67 9.02 4.28 3.69
CA GLN A 67 10.14 5.24 3.69
C GLN A 67 10.10 6.04 2.38
N SER A 68 10.70 7.24 2.38
CA SER A 68 10.68 8.17 1.25
C SER A 68 11.40 7.57 0.01
N GLY A 69 10.61 7.24 -1.04
CA GLY A 69 11.13 6.66 -2.29
C GLY A 69 11.62 5.23 -2.13
N ASP A 70 10.98 4.49 -1.21
CA ASP A 70 11.37 3.09 -0.87
C ASP A 70 10.71 2.10 -1.84
N MET A 71 11.11 0.83 -1.74
CA MET A 71 10.49 -0.28 -2.46
C MET A 71 9.52 -0.99 -1.52
N LEU A 72 8.24 -0.69 -1.67
CA LEU A 72 7.16 -1.40 -0.96
C LEU A 72 6.69 -2.55 -1.83
N ILE A 73 6.35 -3.69 -1.23
CA ILE A 73 5.77 -4.82 -1.95
C ILE A 73 4.27 -4.88 -1.62
N VAL A 74 3.47 -4.40 -2.56
CA VAL A 74 2.01 -4.51 -2.51
C VAL A 74 1.63 -5.91 -2.99
N GLU A 75 1.22 -6.76 -2.04
CA GLU A 75 0.80 -8.13 -2.37
C GLU A 75 -0.62 -8.11 -2.97
N GLU A 76 -0.87 -9.10 -3.80
CA GLU A 76 -2.09 -9.21 -4.60
C GLU A 76 -2.79 -10.53 -4.25
N ASP A 77 -4.14 -10.53 -4.31
CA ASP A 77 -4.95 -11.73 -4.02
C ASP A 77 -5.77 -12.12 -5.26
N GLN A 78 -6.16 -11.10 -6.08
CA GLN A 78 -7.05 -11.26 -7.26
C GLN A 78 -8.46 -11.71 -6.84
N THR A 79 -8.89 -11.26 -5.64
CA THR A 79 -10.15 -11.67 -4.99
C THR A 79 -11.42 -11.27 -5.79
N ARG A 80 -11.25 -10.35 -6.78
CA ARG A 80 -12.35 -9.75 -7.55
C ARG A 80 -13.30 -8.96 -6.61
N PRO A 81 -12.88 -7.73 -6.17
CA PRO A 81 -13.69 -6.89 -5.26
C PRO A 81 -14.86 -6.19 -5.98
N LYS A 82 -15.63 -5.43 -5.20
CA LYS A 82 -16.74 -4.60 -5.70
C LYS A 82 -16.45 -3.12 -5.38
N ALA A 83 -16.73 -2.24 -6.34
CA ALA A 83 -16.42 -0.80 -6.25
C ALA A 83 -17.42 -0.08 -5.33
N SER A 84 -16.88 0.77 -4.45
CA SER A 84 -17.66 1.63 -3.54
C SER A 84 -17.15 3.08 -3.67
N PRO A 85 -17.88 3.96 -4.45
CA PRO A 85 -17.47 5.39 -4.70
C PRO A 85 -17.22 6.17 -3.40
N SER A 86 -18.16 6.05 -2.43
CA SER A 86 -18.03 6.63 -1.09
C SER A 86 -18.83 5.73 -0.12
#